data_4WOT
#
_entry.id   4WOT
#
_cell.length_a   148.192
_cell.length_b   148.226
_cell.length_c   117.382
_cell.angle_alpha   90.00
_cell.angle_beta   118.65
_cell.angle_gamma   90.00
#
_symmetry.space_group_name_H-M   'C 1 2 1'
#
loop_
_entity.id
_entity.type
_entity.pdbx_description
1 polymer 'Rho-associated protein kinase 2'
2 non-polymer "methyl 3-[({2'-(aminomethyl)-5'-[(3-fluoropyridin-4-yl)carbamoyl]biphenyl-3-yl}carbonyl)amino]-4-fluorobenzoate"
3 water water
#
_entity_poly.entity_id   1
_entity_poly.type   'polypeptide(L)'
_entity_poly.pdbx_seq_one_letter_code
;AGASRQRKLEALIRDPRSPINVESLLDGLNSLVLDLDFPALRKNKNIDNFLNRYEKIVKKIRGLQMKAEDYDVVKVIGRG
AFGEVQLVRHKASQKVYAMKLLSKFEMIKRSDSAFFWEERDIMAFANSPWVVQLFYAFQDDRYLYMVMEYMPGGDLVNLM
SNYDVPEKWAKFYTAEVVLALDAIHSMGLIHRDVKPDNMLLDKHGHLKLADFGTCMKMDETGMVHCDTAVGTPDYISPEV
LKSQGGDGFYGRECDWWSVGVFLYEMLVGDTPFYADSLVGTYSKIMDHKNSLCFPEDAEISKHAKNLICAFLTDREVRLG
RNGVEEIRQHPFFKNDQWHWDNIRETAAPVVPELSSDIDSSNFDDIEDDKGDVETFPIPKAFVGNQLPFIGFTYYR
;
_entity_poly.pdbx_strand_id   A,B,C,D
#
loop_
_chem_comp.id
_chem_comp.type
_chem_comp.name
_chem_comp.formula
3SG non-polymer 'methyl 3-[({2'-(aminomethyl)-5'-[(3-fluoropyridin-4-yl)carbamoyl]biphenyl-3-yl}carbonyl)amino]-4-fluorobenzoate' 'C28 H22 F2 N4 O4'
#
# COMPACT_ATOMS: atom_id res chain seq x y z
N ALA A 1 -12.63 -15.36 -6.81
CA ALA A 1 -11.88 -15.22 -8.09
C ALA A 1 -10.39 -14.97 -7.83
N GLY A 2 -9.62 -14.83 -8.91
CA GLY A 2 -8.21 -14.42 -8.85
C GLY A 2 -8.01 -13.04 -8.25
N ALA A 3 -8.97 -12.14 -8.53
CA ALA A 3 -9.04 -10.82 -7.88
C ALA A 3 -9.30 -10.91 -6.38
N SER A 4 -10.22 -11.79 -5.99
CA SER A 4 -10.51 -12.07 -4.58
C SER A 4 -9.33 -12.73 -3.84
N ARG A 5 -8.58 -13.58 -4.55
CA ARG A 5 -7.37 -14.20 -3.99
C ARG A 5 -6.27 -13.18 -3.69
N GLN A 6 -6.01 -12.29 -4.65
CA GLN A 6 -4.98 -11.25 -4.48
C GLN A 6 -5.35 -10.21 -3.41
N ARG A 7 -6.64 -9.96 -3.24
CA ARG A 7 -7.15 -9.15 -2.10
C ARG A 7 -6.87 -9.85 -0.77
N LYS A 8 -7.13 -11.16 -0.72
CA LYS A 8 -6.94 -11.96 0.51
C LYS A 8 -5.49 -12.06 0.97
N LEU A 9 -4.59 -12.35 0.02
CA LEU A 9 -3.15 -12.46 0.31
C LEU A 9 -2.52 -11.10 0.65
N GLU A 10 -2.95 -10.04 -0.03
CA GLU A 10 -2.49 -8.67 0.28
C GLU A 10 -2.88 -8.25 1.70
N ALA A 11 -4.02 -8.76 2.18
CA ALA A 11 -4.40 -8.64 3.59
C ALA A 11 -3.41 -9.37 4.52
N LEU A 12 -3.00 -10.59 4.13
CA LEU A 12 -2.00 -11.35 4.89
C LEU A 12 -0.61 -10.72 4.93
N ILE A 13 -0.28 -9.84 3.97
CA ILE A 13 1.04 -9.19 3.94
C ILE A 13 1.03 -7.85 4.68
N ARG A 14 -0.02 -7.04 4.48
CA ARG A 14 -0.16 -5.77 5.21
C ARG A 14 -0.35 -5.94 6.72
N ASP A 15 -0.96 -7.06 7.14
CA ASP A 15 -1.15 -7.38 8.55
C ASP A 15 0.22 -7.34 9.28
N PRO A 16 0.38 -6.42 10.24
CA PRO A 16 1.67 -6.37 10.97
C PRO A 16 1.91 -7.56 11.92
N ARG A 17 0.85 -8.24 12.35
CA ARG A 17 0.96 -9.46 13.16
C ARG A 17 1.28 -10.73 12.34
N SER A 18 1.13 -10.67 11.02
CA SER A 18 1.32 -11.83 10.15
C SER A 18 2.79 -12.29 10.07
N PRO A 19 3.02 -13.62 9.95
CA PRO A 19 4.38 -14.15 9.75
C PRO A 19 4.96 -13.91 8.35
N ILE A 20 4.10 -13.64 7.36
CA ILE A 20 4.54 -13.27 6.00
C ILE A 20 4.27 -11.78 5.69
N ASN A 21 4.42 -10.92 6.69
CA ASN A 21 4.43 -9.47 6.48
C ASN A 21 5.74 -9.02 5.84
N VAL A 22 5.79 -7.79 5.32
CA VAL A 22 6.93 -7.35 4.49
C VAL A 22 8.26 -7.30 5.26
N GLU A 23 8.23 -7.07 6.58
CA GLU A 23 9.44 -7.07 7.41
C GLU A 23 9.97 -8.50 7.61
N SER A 24 9.05 -9.47 7.74
CA SER A 24 9.40 -10.89 7.82
C SER A 24 10.01 -11.41 6.52
N LEU A 25 9.34 -11.11 5.42
CA LEU A 25 9.82 -11.51 4.11
C LEU A 25 11.16 -10.84 3.77
N LEU A 26 11.35 -9.59 4.17
CA LEU A 26 12.68 -8.94 4.07
C LEU A 26 13.69 -9.57 5.04
N ASP A 27 13.26 -9.94 6.24
CA ASP A 27 14.11 -10.73 7.17
C ASP A 27 14.51 -12.06 6.55
N GLY A 28 13.57 -12.69 5.82
CA GLY A 28 13.78 -14.01 5.21
C GLY A 28 14.87 -14.02 4.16
N LEU A 29 14.87 -13.00 3.32
CA LEU A 29 15.89 -12.86 2.28
C LEU A 29 17.23 -12.42 2.87
N ASN A 30 17.20 -11.57 3.90
CA ASN A 30 18.43 -11.12 4.55
C ASN A 30 19.07 -12.24 5.37
N SER A 31 18.24 -13.07 5.99
CA SER A 31 18.70 -14.28 6.69
C SER A 31 19.26 -15.33 5.73
N LEU A 32 18.65 -15.45 4.53
CA LEU A 32 19.16 -16.35 3.47
C LEU A 32 20.52 -15.92 2.94
N VAL A 33 20.72 -14.61 2.76
CA VAL A 33 21.99 -14.04 2.27
C VAL A 33 23.13 -14.24 3.26
N LEU A 34 22.90 -13.85 4.52
CA LEU A 34 23.89 -14.03 5.60
C LEU A 34 24.27 -15.50 5.78
N ASP A 35 23.27 -16.38 5.76
CA ASP A 35 23.51 -17.83 5.90
C ASP A 35 24.26 -18.47 4.73
N LEU A 36 24.24 -17.85 3.55
CA LEU A 36 24.87 -18.42 2.33
C LEU A 36 26.22 -17.80 1.93
N ASP A 37 26.49 -16.55 2.29
CA ASP A 37 27.72 -15.86 1.84
C ASP A 37 28.96 -16.36 2.60
N PHE A 38 29.41 -17.54 2.21
CA PHE A 38 30.65 -18.12 2.71
C PHE A 38 31.38 -18.72 1.51
N PRO A 39 32.73 -18.67 1.51
CA PRO A 39 33.48 -19.14 0.34
C PRO A 39 33.31 -20.64 0.06
N ALA A 40 33.20 -21.45 1.12
CA ALA A 40 33.03 -22.90 1.01
C ALA A 40 31.72 -23.28 0.31
N LEU A 41 30.62 -22.63 0.71
CA LEU A 41 29.32 -22.83 0.07
C LEU A 41 29.25 -22.17 -1.33
N ARG A 42 29.95 -21.05 -1.51
CA ARG A 42 30.05 -20.37 -2.83
C ARG A 42 30.70 -21.18 -3.96
N LYS A 43 31.35 -22.30 -3.65
CA LYS A 43 31.74 -23.29 -4.68
C LYS A 43 30.51 -23.83 -5.44
N ASN A 44 29.36 -23.86 -4.76
CA ASN A 44 28.08 -24.19 -5.38
C ASN A 44 27.64 -23.07 -6.33
N LYS A 45 27.35 -23.45 -7.58
CA LYS A 45 26.97 -22.50 -8.64
C LYS A 45 25.62 -21.81 -8.35
N ASN A 46 24.65 -22.58 -7.85
CA ASN A 46 23.33 -22.05 -7.49
C ASN A 46 23.40 -20.96 -6.42
N ILE A 47 24.27 -21.16 -5.42
CA ILE A 47 24.42 -20.23 -4.31
C ILE A 47 25.22 -18.97 -4.71
N ASP A 48 26.28 -19.15 -5.49
CA ASP A 48 27.11 -18.02 -5.93
C ASP A 48 26.37 -17.06 -6.87
N ASN A 49 25.65 -17.61 -7.84
CA ASN A 49 24.84 -16.81 -8.78
C ASN A 49 23.67 -16.12 -8.11
N PHE A 50 23.08 -16.76 -7.09
CA PHE A 50 22.01 -16.15 -6.30
C PHE A 50 22.51 -14.95 -5.51
N LEU A 51 23.68 -15.09 -4.89
CA LEU A 51 24.31 -13.97 -4.18
C LEU A 51 24.74 -12.85 -5.13
N ASN A 52 25.21 -13.19 -6.33
CA ASN A 52 25.62 -12.17 -7.33
C ASN A 52 24.51 -11.17 -7.66
N ARG A 53 23.28 -11.66 -7.81
CA ARG A 53 22.11 -10.79 -8.04
C ARG A 53 21.80 -9.90 -6.84
N TYR A 54 21.57 -10.54 -5.69
CA TYR A 54 21.00 -9.88 -4.52
C TYR A 54 22.00 -9.22 -3.57
N GLU A 55 23.29 -9.54 -3.67
CA GLU A 55 24.33 -8.90 -2.85
C GLU A 55 24.28 -7.37 -2.84
N LYS A 56 24.02 -6.78 -4.00
CA LYS A 56 23.94 -5.32 -4.13
C LYS A 56 22.74 -4.74 -3.37
N ILE A 57 21.54 -5.18 -3.76
CA ILE A 57 20.29 -4.71 -3.16
C ILE A 57 20.20 -5.05 -1.66
N VAL A 58 20.79 -6.16 -1.23
CA VAL A 58 20.82 -6.55 0.19
C VAL A 58 21.66 -5.59 1.04
N LYS A 59 22.80 -5.15 0.50
CA LYS A 59 23.61 -4.11 1.17
C LYS A 59 22.86 -2.76 1.23
N LYS A 60 22.14 -2.43 0.16
CA LYS A 60 21.30 -1.23 0.12
C LYS A 60 20.16 -1.33 1.14
N ILE A 61 19.39 -2.41 1.06
CA ILE A 61 18.27 -2.67 1.99
C ILE A 61 18.70 -2.55 3.44
N ARG A 62 19.81 -3.22 3.78
CA ARG A 62 20.31 -3.24 5.15
C ARG A 62 20.75 -1.85 5.61
N GLY A 63 21.15 -0.99 4.66
CA GLY A 63 21.42 0.42 4.93
C GLY A 63 20.21 1.26 5.27
N LEU A 64 19.11 1.06 4.52
CA LEU A 64 17.84 1.77 4.74
C LEU A 64 17.11 1.33 6.02
N GLN A 65 17.13 0.03 6.32
CA GLN A 65 16.48 -0.50 7.52
C GLN A 65 17.10 0.04 8.81
N MET A 66 16.34 -0.03 9.90
CA MET A 66 16.81 0.41 11.22
C MET A 66 17.92 -0.52 11.74
N LYS A 67 18.91 0.09 12.37
CA LYS A 67 20.15 -0.60 12.78
C LYS A 67 20.75 0.02 14.03
N ALA A 68 21.74 -0.67 14.61
CA ALA A 68 22.39 -0.25 15.85
C ALA A 68 23.16 1.07 15.73
N GLU A 69 23.61 1.41 14.52
CA GLU A 69 24.35 2.64 14.26
C GLU A 69 23.49 3.91 14.40
N ASP A 70 22.17 3.75 14.34
CA ASP A 70 21.22 4.87 14.53
C ASP A 70 21.18 5.40 15.97
N TYR A 71 21.61 4.58 16.93
CA TYR A 71 21.46 4.84 18.37
C TYR A 71 22.81 5.12 19.06
N ASP A 72 22.92 6.28 19.69
CA ASP A 72 24.07 6.63 20.54
C ASP A 72 23.89 5.92 21.87
N VAL A 73 24.89 5.12 22.26
CA VAL A 73 24.86 4.36 23.51
C VAL A 73 25.39 5.25 24.62
N VAL A 74 24.54 5.57 25.60
CA VAL A 74 24.92 6.44 26.74
C VAL A 74 25.56 5.64 27.88
N LYS A 75 24.99 4.48 28.20
CA LYS A 75 25.49 3.62 29.28
C LYS A 75 24.84 2.23 29.21
N VAL A 76 25.44 1.26 29.90
CA VAL A 76 24.88 -0.09 30.03
C VAL A 76 24.23 -0.22 31.41
N ILE A 77 22.89 -0.29 31.45
CA ILE A 77 22.13 -0.28 32.72
C ILE A 77 21.81 -1.66 33.30
N GLY A 78 22.01 -2.73 32.53
CA GLY A 78 21.80 -4.10 33.02
C GLY A 78 22.44 -5.20 32.18
N ARG A 79 22.67 -6.34 32.82
CA ARG A 79 23.20 -7.55 32.17
C ARG A 79 22.21 -8.68 32.43
N GLY A 80 22.22 -9.70 31.57
CA GLY A 80 21.28 -10.83 31.68
C GLY A 80 21.80 -12.11 31.06
N ALA A 81 21.03 -13.18 31.21
CA ALA A 81 21.45 -14.53 30.76
C ALA A 81 21.96 -14.52 29.33
N PHE A 82 21.13 -14.04 28.42
CA PHE A 82 21.44 -14.04 26.99
C PHE A 82 21.85 -12.67 26.41
N GLY A 83 22.15 -11.69 27.27
CA GLY A 83 22.69 -10.42 26.79
C GLY A 83 22.77 -9.30 27.81
N GLU A 84 22.46 -8.07 27.36
CA GLU A 84 22.59 -6.85 28.16
C GLU A 84 21.56 -5.81 27.77
N VAL A 85 21.42 -4.77 28.61
CA VAL A 85 20.50 -3.65 28.36
C VAL A 85 21.27 -2.32 28.38
N GLN A 86 21.04 -1.51 27.36
CA GLN A 86 21.73 -0.23 27.15
C GLN A 86 20.75 0.92 27.27
N LEU A 87 21.19 2.01 27.91
CA LEU A 87 20.51 3.30 27.79
C LEU A 87 21.01 3.95 26.50
N VAL A 88 20.09 4.22 25.57
CA VAL A 88 20.41 4.71 24.23
C VAL A 88 19.61 5.95 23.83
N ARG A 89 20.18 6.73 22.91
CA ARG A 89 19.52 7.89 22.31
C ARG A 89 19.53 7.75 20.79
N HIS A 90 18.36 7.59 20.19
CA HIS A 90 18.19 7.57 18.73
C HIS A 90 18.65 8.91 18.15
N LYS A 91 19.64 8.88 17.27
CA LYS A 91 20.36 10.08 16.82
C LYS A 91 19.53 11.08 16.00
N ALA A 92 18.67 10.57 15.12
CA ALA A 92 17.83 11.42 14.24
C ALA A 92 16.68 12.12 14.99
N SER A 93 16.11 11.42 15.98
CA SER A 93 14.98 11.93 16.77
C SER A 93 15.37 12.45 18.16
N GLN A 94 16.60 12.17 18.59
CA GLN A 94 17.12 12.55 19.93
C GLN A 94 16.29 12.01 21.13
N LYS A 95 15.55 10.92 20.91
CA LYS A 95 14.66 10.35 21.95
C LYS A 95 15.37 9.24 22.72
N VAL A 96 15.16 9.20 24.04
CA VAL A 96 15.86 8.25 24.91
C VAL A 96 15.07 6.95 25.05
N TYR A 97 15.74 5.83 24.79
CA TYR A 97 15.15 4.49 24.94
C TYR A 97 16.09 3.59 25.76
N ALA A 98 15.53 2.50 26.28
CA ALA A 98 16.30 1.37 26.81
C ALA A 98 16.31 0.24 25.75
N MET A 99 17.50 -0.12 25.24
CA MET A 99 17.64 -1.11 24.17
C MET A 99 18.24 -2.42 24.68
N LYS A 100 17.47 -3.50 24.56
CA LYS A 100 17.87 -4.83 25.04
C LYS A 100 18.52 -5.60 23.91
N LEU A 101 19.73 -6.09 24.13
CA LEU A 101 20.45 -6.91 23.15
C LEU A 101 20.43 -8.36 23.63
N LEU A 102 19.92 -9.27 22.79
CA LEU A 102 19.95 -10.71 23.06
C LEU A 102 20.86 -11.37 22.03
N SER A 103 21.89 -12.07 22.51
CA SER A 103 22.90 -12.71 21.66
C SER A 103 22.34 -13.90 20.88
N LYS A 104 22.40 -13.83 19.55
CA LYS A 104 21.96 -14.94 18.69
C LYS A 104 22.80 -16.19 18.91
N PHE A 105 24.10 -15.99 19.11
CA PHE A 105 25.04 -17.06 19.43
C PHE A 105 24.62 -17.82 20.69
N GLU A 106 24.44 -17.08 21.78
CA GLU A 106 24.14 -17.68 23.09
C GLU A 106 22.78 -18.38 23.12
N MET A 107 21.79 -17.78 22.45
CA MET A 107 20.45 -18.37 22.31
C MET A 107 20.48 -19.69 21.51
N ILE A 108 21.20 -19.67 20.38
CA ILE A 108 21.39 -20.88 19.56
C ILE A 108 22.21 -21.94 20.31
N LYS A 109 23.28 -21.52 20.98
CA LYS A 109 24.21 -22.44 21.66
C LYS A 109 23.57 -23.07 22.90
N ARG A 110 23.19 -22.23 23.87
CA ARG A 110 22.54 -22.70 25.10
C ARG A 110 21.09 -23.16 24.86
N SER A 111 20.55 -22.84 23.68
CA SER A 111 19.44 -23.58 23.03
C SER A 111 18.02 -23.28 23.54
N ASP A 112 17.74 -22.02 23.89
CA ASP A 112 16.39 -21.60 24.25
C ASP A 112 15.60 -21.16 22.99
N SER A 113 16.07 -20.10 22.33
CA SER A 113 15.69 -19.72 20.93
C SER A 113 14.20 -19.53 20.52
N ALA A 114 13.25 -19.71 21.45
CA ALA A 114 11.82 -19.46 21.19
C ALA A 114 11.13 -18.54 22.21
N PHE A 115 11.86 -18.11 23.25
CA PHE A 115 11.29 -17.28 24.31
C PHE A 115 10.95 -15.85 23.87
N PHE A 116 11.70 -15.35 22.90
CA PHE A 116 11.65 -13.94 22.50
C PHE A 116 10.43 -13.57 21.64
N TRP A 117 9.67 -14.56 21.18
CA TRP A 117 8.46 -14.27 20.38
C TRP A 117 7.37 -13.67 21.27
N GLU A 118 7.10 -14.34 22.38
CA GLU A 118 6.09 -13.89 23.34
C GLU A 118 6.49 -12.59 24.02
N GLU A 119 7.76 -12.46 24.36
CA GLU A 119 8.29 -11.22 24.90
C GLU A 119 8.05 -10.04 23.95
N ARG A 120 8.33 -10.28 22.66
CA ARG A 120 8.16 -9.24 21.63
C ARG A 120 6.70 -8.91 21.41
N ASP A 121 5.83 -9.94 21.39
CA ASP A 121 4.38 -9.72 21.24
C ASP A 121 3.82 -8.99 22.46
N ILE A 122 4.14 -9.46 23.66
CA ILE A 122 3.64 -8.85 24.88
C ILE A 122 4.06 -7.39 24.95
N MET A 123 5.33 -7.10 24.74
CA MET A 123 5.80 -5.71 24.84
C MET A 123 5.22 -4.81 23.73
N ALA A 124 4.95 -5.37 22.55
CA ALA A 124 4.43 -4.58 21.42
C ALA A 124 2.92 -4.35 21.56
N PHE A 125 2.18 -5.44 21.77
CA PHE A 125 0.71 -5.46 21.70
C PHE A 125 -0.02 -5.68 23.04
N ALA A 126 0.67 -5.50 24.17
CA ALA A 126 0.03 -5.62 25.50
C ALA A 126 -0.97 -4.50 25.69
N ASN A 127 -0.49 -3.29 25.45
CA ASN A 127 -1.28 -2.07 25.54
C ASN A 127 -1.80 -1.86 26.98
N SER A 128 -0.88 -2.10 27.92
CA SER A 128 -1.15 -1.98 29.35
C SER A 128 -0.04 -1.16 30.03
N PRO A 129 -0.42 -0.26 30.96
CA PRO A 129 0.60 0.51 31.67
C PRO A 129 1.40 -0.30 32.72
N TRP A 130 1.02 -1.57 32.92
CA TRP A 130 1.78 -2.51 33.75
C TRP A 130 2.92 -3.26 33.01
N VAL A 131 3.09 -3.00 31.72
CA VAL A 131 4.04 -3.73 30.88
C VAL A 131 4.86 -2.76 30.05
N VAL A 132 6.18 -2.94 30.03
CA VAL A 132 7.08 -2.01 29.35
C VAL A 132 6.79 -2.08 27.85
N GLN A 133 6.59 -0.92 27.22
CA GLN A 133 6.26 -0.89 25.81
C GLN A 133 7.48 -1.05 24.92
N LEU A 134 7.34 -1.88 23.89
CA LEU A 134 8.33 -2.03 22.82
C LEU A 134 7.92 -1.13 21.66
N PHE A 135 8.88 -0.35 21.15
CA PHE A 135 8.65 0.56 20.04
C PHE A 135 9.13 -0.06 18.73
N TYR A 136 10.37 -0.55 18.73
CA TYR A 136 10.97 -1.20 17.56
C TYR A 136 11.71 -2.47 17.95
N ALA A 137 11.56 -3.52 17.14
CA ALA A 137 12.39 -4.72 17.22
C ALA A 137 13.14 -4.89 15.89
N PHE A 138 14.44 -5.17 15.98
CA PHE A 138 15.28 -5.39 14.81
C PHE A 138 16.50 -6.25 15.15
N GLN A 139 17.32 -6.55 14.14
CA GLN A 139 18.46 -7.45 14.31
C GLN A 139 19.62 -7.12 13.39
N ASP A 140 20.80 -7.58 13.77
CA ASP A 140 21.96 -7.67 12.86
C ASP A 140 22.45 -9.14 12.84
N ASP A 141 23.61 -9.40 12.25
CA ASP A 141 24.15 -10.77 12.16
C ASP A 141 24.47 -11.45 13.51
N ARG A 142 24.67 -10.64 14.56
CA ARG A 142 25.04 -11.13 15.92
C ARG A 142 23.92 -11.06 16.96
N TYR A 143 23.11 -9.99 16.92
CA TYR A 143 22.15 -9.68 17.99
C TYR A 143 20.72 -9.49 17.50
N LEU A 144 19.78 -9.75 18.41
CA LEU A 144 18.43 -9.20 18.33
C LEU A 144 18.39 -7.95 19.21
N TYR A 145 17.69 -6.90 18.77
CA TYR A 145 17.52 -5.66 19.55
C TYR A 145 16.05 -5.41 19.84
N MET A 146 15.73 -5.02 21.07
CA MET A 146 14.36 -4.63 21.44
C MET A 146 14.43 -3.23 22.05
N VAL A 147 13.90 -2.25 21.31
CA VAL A 147 13.91 -0.86 21.76
C VAL A 147 12.65 -0.59 22.60
N MET A 148 12.83 -0.48 23.91
CA MET A 148 11.75 -0.33 24.89
C MET A 148 11.76 1.06 25.52
N GLU A 149 10.66 1.41 26.18
CA GLU A 149 10.60 2.66 26.96
C GLU A 149 11.52 2.52 28.16
N TYR A 150 12.22 3.60 28.51
CA TYR A 150 13.22 3.59 29.57
C TYR A 150 12.56 3.85 30.91
N MET A 151 12.60 2.86 31.80
CA MET A 151 12.13 2.97 33.18
C MET A 151 13.24 3.58 34.04
N PRO A 152 13.17 4.89 34.33
CA PRO A 152 14.31 5.55 34.95
C PRO A 152 14.38 5.38 36.46
N GLY A 153 13.38 4.75 37.07
CA GLY A 153 13.35 4.55 38.51
C GLY A 153 14.10 3.35 39.05
N GLY A 154 14.79 2.59 38.19
CA GLY A 154 15.49 1.37 38.62
C GLY A 154 14.54 0.23 38.93
N ASP A 155 15.08 -0.88 39.43
CA ASP A 155 14.26 -2.05 39.80
C ASP A 155 14.07 -2.15 41.30
N LEU A 156 13.24 -3.10 41.75
CA LEU A 156 13.01 -3.28 43.19
C LEU A 156 14.17 -3.97 43.93
N VAL A 157 15.06 -4.64 43.21
CA VAL A 157 16.28 -5.15 43.82
C VAL A 157 17.10 -3.97 44.37
N ASN A 158 17.18 -2.90 43.58
CA ASN A 158 17.82 -1.66 44.01
C ASN A 158 17.05 -0.93 45.11
N LEU A 159 15.72 -0.90 45.03
CA LEU A 159 14.89 -0.22 46.02
C LEU A 159 15.02 -0.87 47.39
N MET A 160 14.96 -2.19 47.44
CA MET A 160 15.09 -2.93 48.71
C MET A 160 16.47 -2.79 49.34
N SER A 161 17.53 -2.74 48.53
CA SER A 161 18.90 -2.58 49.03
C SER A 161 19.22 -1.15 49.50
N ASN A 162 18.44 -0.17 49.05
CA ASN A 162 18.59 1.23 49.46
C ASN A 162 17.55 1.75 50.45
N TYR A 163 16.48 0.99 50.68
CA TYR A 163 15.43 1.37 51.64
C TYR A 163 14.96 0.17 52.47
N ASP A 164 14.71 0.41 53.76
CA ASP A 164 14.11 -0.59 54.64
C ASP A 164 12.58 -0.43 54.52
N VAL A 165 11.94 -1.35 53.78
CA VAL A 165 10.55 -1.16 53.33
C VAL A 165 9.50 -1.37 54.44
N PRO A 166 8.78 -0.30 54.82
CA PRO A 166 7.68 -0.46 55.78
C PRO A 166 6.45 -1.10 55.16
N GLU A 167 5.47 -1.40 56.00
CA GLU A 167 4.31 -2.19 55.58
C GLU A 167 3.39 -1.45 54.60
N LYS A 168 3.18 -0.15 54.83
CA LYS A 168 2.41 0.72 53.91
C LYS A 168 3.00 0.75 52.51
N TRP A 169 4.33 0.72 52.41
CA TRP A 169 5.02 0.61 51.11
C TRP A 169 4.81 -0.78 50.51
N ALA A 170 4.91 -1.82 51.34
CA ALA A 170 4.72 -3.21 50.91
C ALA A 170 3.32 -3.50 50.33
N LYS A 171 2.29 -2.89 50.93
CA LYS A 171 0.90 -2.94 50.40
C LYS A 171 0.85 -2.41 48.98
N PHE A 172 1.53 -1.29 48.75
CA PHE A 172 1.53 -0.64 47.46
C PHE A 172 2.18 -1.53 46.39
N TYR A 173 3.47 -1.84 46.59
CA TYR A 173 4.24 -2.59 45.59
C TYR A 173 3.69 -3.99 45.35
N THR A 174 3.07 -4.60 46.36
CA THR A 174 2.41 -5.91 46.18
C THR A 174 1.15 -5.76 45.34
N ALA A 175 0.34 -4.74 45.66
CA ALA A 175 -0.90 -4.47 44.93
C ALA A 175 -0.63 -4.22 43.46
N GLU A 176 0.38 -3.41 43.15
CA GLU A 176 0.75 -3.16 41.76
C GLU A 176 1.23 -4.43 41.06
N VAL A 177 2.01 -5.27 41.74
CA VAL A 177 2.42 -6.56 41.17
C VAL A 177 1.21 -7.45 40.90
N VAL A 178 0.23 -7.46 41.81
CA VAL A 178 -0.99 -8.25 41.63
C VAL A 178 -1.73 -7.79 40.38
N LEU A 179 -1.90 -6.48 40.23
CA LEU A 179 -2.56 -5.94 39.05
C LEU A 179 -1.79 -6.25 37.76
N ALA A 180 -0.46 -6.12 37.80
CA ALA A 180 0.39 -6.40 36.64
C ALA A 180 0.30 -7.84 36.19
N LEU A 181 0.28 -8.77 37.14
CA LEU A 181 0.16 -10.20 36.83
C LEU A 181 -1.23 -10.55 36.33
N ASP A 182 -2.25 -9.92 36.89
CA ASP A 182 -3.62 -10.06 36.41
C ASP A 182 -3.75 -9.62 34.93
N ALA A 183 -2.99 -8.59 34.55
CA ALA A 183 -2.91 -8.10 33.18
C ALA A 183 -2.35 -9.18 32.26
N ILE A 184 -1.24 -9.79 32.69
CA ILE A 184 -0.58 -10.85 31.94
C ILE A 184 -1.46 -12.11 31.88
N HIS A 185 -2.03 -12.49 33.03
CA HIS A 185 -2.91 -13.66 33.09
C HIS A 185 -4.07 -13.50 32.12
N SER A 186 -4.61 -12.27 32.06
CA SER A 186 -5.74 -11.95 31.16
C SER A 186 -5.41 -12.00 29.66
N MET A 187 -4.13 -11.82 29.33
CA MET A 187 -3.62 -12.09 27.97
C MET A 187 -3.39 -13.58 27.68
N GLY A 188 -3.83 -14.46 28.59
CA GLY A 188 -3.65 -15.90 28.44
C GLY A 188 -2.21 -16.33 28.58
N LEU A 189 -1.51 -15.75 29.57
CA LEU A 189 -0.08 -15.98 29.78
C LEU A 189 0.27 -16.18 31.26
N ILE A 190 1.06 -17.20 31.56
CA ILE A 190 1.65 -17.39 32.89
C ILE A 190 3.06 -16.83 32.86
N HIS A 191 3.40 -15.97 33.84
CA HIS A 191 4.73 -15.35 33.88
C HIS A 191 5.83 -16.36 34.18
N ARG A 192 5.60 -17.17 35.21
CA ARG A 192 6.48 -18.23 35.72
C ARG A 192 7.95 -17.89 36.02
N ASP A 193 8.24 -16.60 36.24
CA ASP A 193 9.50 -16.14 36.84
C ASP A 193 9.36 -14.67 37.28
N VAL A 194 8.47 -14.46 38.26
CA VAL A 194 8.25 -13.14 38.84
C VAL A 194 9.28 -12.92 39.94
N LYS A 195 9.91 -11.75 39.98
CA LYS A 195 10.92 -11.40 40.99
C LYS A 195 11.35 -9.94 40.85
N PRO A 196 11.88 -9.32 41.92
CA PRO A 196 12.16 -7.88 41.89
C PRO A 196 13.07 -7.36 40.79
N ASP A 197 13.90 -8.24 40.22
CA ASP A 197 14.79 -7.91 39.07
C ASP A 197 13.98 -7.56 37.82
N ASN A 198 12.84 -8.22 37.66
CA ASN A 198 11.91 -7.98 36.56
C ASN A 198 10.84 -6.93 36.85
N MET A 199 10.90 -6.28 38.02
CA MET A 199 9.91 -5.26 38.42
C MET A 199 10.56 -3.88 38.35
N LEU A 200 10.36 -3.18 37.25
CA LEU A 200 10.94 -1.84 37.07
C LEU A 200 9.98 -0.78 37.61
N LEU A 201 10.50 0.44 37.80
CA LEU A 201 9.70 1.58 38.28
C LEU A 201 9.80 2.74 37.31
N ASP A 202 8.65 3.31 36.93
CA ASP A 202 8.60 4.37 35.93
C ASP A 202 9.06 5.73 36.49
N LYS A 203 8.83 6.81 35.73
CA LYS A 203 9.22 8.18 36.10
C LYS A 203 8.64 8.64 37.45
N HIS A 204 7.42 8.19 37.74
CA HIS A 204 6.70 8.53 38.98
C HIS A 204 6.75 7.43 40.04
N GLY A 205 7.66 6.47 39.89
CA GLY A 205 7.81 5.37 40.85
C GLY A 205 6.70 4.33 40.86
N HIS A 206 6.02 4.16 39.72
CA HIS A 206 4.99 3.13 39.58
C HIS A 206 5.50 1.96 38.77
N LEU A 207 5.07 0.76 39.14
CA LEU A 207 5.63 -0.48 38.63
C LEU A 207 5.21 -0.79 37.19
N LYS A 208 6.16 -1.31 36.42
CA LYS A 208 5.88 -2.01 35.16
C LYS A 208 6.76 -3.25 35.11
N LEU A 209 6.18 -4.39 34.75
CA LEU A 209 6.95 -5.63 34.57
C LEU A 209 7.81 -5.50 33.31
N ALA A 210 8.99 -6.14 33.30
CA ALA A 210 9.98 -5.86 32.25
C ALA A 210 10.71 -7.03 31.58
N ASP A 211 10.60 -8.26 32.09
CA ASP A 211 11.25 -9.40 31.37
C ASP A 211 10.33 -10.62 31.24
N PHE A 212 10.21 -11.12 30.01
CA PHE A 212 9.20 -12.13 29.66
C PHE A 212 9.78 -13.32 28.87
N GLY A 213 11.06 -13.63 29.10
CA GLY A 213 11.67 -14.86 28.56
C GLY A 213 11.03 -16.14 29.09
N THR A 214 10.59 -16.10 30.35
CA THR A 214 9.98 -17.27 31.00
C THR A 214 8.47 -17.45 30.68
N CYS A 215 7.79 -16.37 30.28
CA CYS A 215 6.35 -16.40 29.90
C CYS A 215 5.94 -17.50 28.90
N MET A 216 4.77 -18.08 29.14
CA MET A 216 4.23 -19.16 28.31
C MET A 216 2.70 -19.05 28.19
N LYS A 217 2.18 -19.36 27.00
CA LYS A 217 0.76 -19.23 26.68
C LYS A 217 -0.03 -20.41 27.28
N MET A 218 -1.16 -20.11 27.93
CA MET A 218 -1.99 -21.13 28.59
C MET A 218 -2.80 -21.97 27.60
N ASP A 219 -3.41 -23.04 28.12
CA ASP A 219 -4.35 -23.89 27.38
C ASP A 219 -5.82 -23.49 27.66
N GLU A 220 -6.77 -24.25 27.10
CA GLU A 220 -8.20 -24.10 27.43
C GLU A 220 -8.49 -24.40 28.91
N THR A 221 -7.86 -25.46 29.44
CA THR A 221 -7.91 -25.77 30.88
C THR A 221 -7.18 -24.74 31.76
N GLY A 222 -6.18 -24.06 31.19
CA GLY A 222 -5.39 -23.05 31.89
C GLY A 222 -3.99 -23.51 32.29
N MET A 223 -3.73 -24.80 32.12
CA MET A 223 -2.46 -25.42 32.50
C MET A 223 -1.40 -25.22 31.42
N VAL A 224 -0.13 -25.50 31.76
CA VAL A 224 0.99 -25.32 30.83
C VAL A 224 2.09 -26.38 31.00
N HIS A 225 1.97 -27.47 30.23
CA HIS A 225 3.00 -28.51 30.14
C HIS A 225 4.19 -27.99 29.33
N CYS A 226 5.41 -28.27 29.81
CA CYS A 226 6.64 -27.90 29.09
C CYS A 226 7.78 -28.87 29.41
N VAL A 230 13.35 -23.57 33.99
CA VAL A 230 14.75 -23.39 34.34
C VAL A 230 14.99 -22.10 35.14
N GLY A 231 16.02 -22.10 35.99
CA GLY A 231 16.48 -20.88 36.69
C GLY A 231 17.08 -21.09 38.08
N THR A 232 17.45 -19.98 38.73
CA THR A 232 17.74 -19.97 40.17
C THR A 232 16.40 -19.96 40.92
N PRO A 233 16.18 -20.93 41.82
CA PRO A 233 14.81 -21.26 42.20
C PRO A 233 14.17 -20.45 43.33
N ASP A 234 14.88 -19.45 43.88
CA ASP A 234 14.39 -18.59 44.98
C ASP A 234 12.87 -18.28 44.97
N TYR A 235 12.33 -17.85 43.82
CA TYR A 235 10.92 -17.46 43.70
C TYR A 235 10.02 -18.51 43.03
N ILE A 236 10.61 -19.62 42.57
CA ILE A 236 9.87 -20.65 41.83
C ILE A 236 9.11 -21.53 42.79
N SER A 237 7.85 -21.82 42.48
CA SER A 237 6.97 -22.59 43.35
C SER A 237 7.34 -24.07 43.35
N PRO A 238 6.85 -24.83 44.34
CA PRO A 238 7.08 -26.28 44.38
C PRO A 238 6.60 -27.05 43.15
N GLU A 239 5.38 -26.76 42.69
CA GLU A 239 4.79 -27.48 41.54
C GLU A 239 5.53 -27.21 40.22
N VAL A 240 5.95 -25.96 40.01
CA VAL A 240 6.84 -25.61 38.88
C VAL A 240 8.18 -26.33 39.02
N LEU A 241 8.73 -26.39 40.24
CA LEU A 241 9.96 -27.14 40.51
C LEU A 241 9.80 -28.63 40.21
N LYS A 242 8.76 -29.27 40.75
CA LYS A 242 8.46 -30.69 40.45
C LYS A 242 8.24 -30.92 38.96
N SER A 243 7.54 -29.99 38.31
CA SER A 243 7.27 -30.03 36.86
C SER A 243 8.54 -30.13 35.99
N GLN A 244 9.64 -29.52 36.43
CA GLN A 244 10.91 -29.59 35.71
C GLN A 244 11.43 -31.04 35.59
N GLY A 245 11.07 -31.87 36.56
CA GLY A 245 11.33 -33.32 36.50
C GLY A 245 10.36 -34.01 35.56
N GLY A 246 10.79 -34.19 34.31
CA GLY A 246 9.95 -34.81 33.26
C GLY A 246 8.82 -33.88 32.86
N ASP A 247 7.63 -34.46 32.66
CA ASP A 247 6.41 -33.67 32.46
C ASP A 247 5.84 -33.17 33.81
N GLY A 248 4.82 -32.32 33.75
CA GLY A 248 4.14 -31.81 34.93
C GLY A 248 3.33 -30.57 34.62
N PHE A 249 2.04 -30.60 34.95
CA PHE A 249 1.13 -29.49 34.66
C PHE A 249 1.12 -28.46 35.79
N TYR A 250 0.95 -27.19 35.42
CA TYR A 250 0.71 -26.10 36.39
C TYR A 250 0.08 -24.87 35.74
N GLY A 251 -0.45 -23.99 36.58
CA GLY A 251 -1.25 -22.85 36.11
C GLY A 251 -0.76 -21.50 36.61
N ARG A 252 -1.67 -20.53 36.60
CA ARG A 252 -1.38 -19.14 36.96
C ARG A 252 -1.08 -18.95 38.45
N GLU A 253 -1.49 -19.91 39.28
CA GLU A 253 -1.21 -19.88 40.72
C GLU A 253 0.28 -19.83 41.05
N CYS A 254 1.11 -20.42 40.20
CA CYS A 254 2.57 -20.37 40.39
C CYS A 254 3.09 -18.93 40.50
N ASP A 255 2.52 -18.00 39.72
CA ASP A 255 2.85 -16.58 39.85
C ASP A 255 2.48 -15.99 41.23
N TRP A 256 1.41 -16.49 41.85
CA TRP A 256 0.97 -15.97 43.16
C TRP A 256 1.84 -16.45 44.32
N TRP A 257 2.44 -17.64 44.17
CA TRP A 257 3.51 -18.08 45.07
C TRP A 257 4.64 -17.05 45.07
N SER A 258 5.12 -16.72 43.87
CA SER A 258 6.19 -15.74 43.70
C SER A 258 5.91 -14.38 44.35
N VAL A 259 4.65 -13.97 44.32
CA VAL A 259 4.25 -12.70 44.92
C VAL A 259 4.45 -12.78 46.44
N GLY A 260 4.00 -13.88 47.04
CA GLY A 260 4.19 -14.12 48.47
C GLY A 260 5.65 -14.17 48.92
N VAL A 261 6.51 -14.73 48.06
CA VAL A 261 7.97 -14.73 48.28
C VAL A 261 8.47 -13.29 48.26
N PHE A 262 8.03 -12.55 47.25
CA PHE A 262 8.31 -11.12 47.10
C PHE A 262 7.80 -10.28 48.30
N LEU A 263 6.61 -10.59 48.82
CA LEU A 263 6.10 -9.86 50.01
C LEU A 263 6.96 -10.14 51.23
N TYR A 264 7.27 -11.42 51.46
CA TYR A 264 8.15 -11.81 52.57
C TYR A 264 9.45 -11.00 52.53
N GLU A 265 10.13 -11.01 51.38
CA GLU A 265 11.43 -10.34 51.24
C GLU A 265 11.41 -8.86 51.64
N MET A 266 10.37 -8.15 51.21
CA MET A 266 10.26 -6.70 51.48
C MET A 266 10.19 -6.38 52.96
N LEU A 267 9.33 -7.12 53.66
CA LEU A 267 9.13 -6.92 55.09
C LEU A 267 10.25 -7.53 55.94
N VAL A 268 10.71 -8.73 55.57
CA VAL A 268 11.76 -9.44 56.30
C VAL A 268 13.17 -8.92 55.98
N GLY A 269 13.50 -8.83 54.70
CA GLY A 269 14.84 -8.42 54.24
C GLY A 269 15.66 -9.52 53.58
N ASP A 270 15.23 -10.77 53.72
CA ASP A 270 15.81 -11.93 53.04
C ASP A 270 14.67 -12.72 52.41
N THR A 271 14.97 -13.54 51.39
CA THR A 271 13.95 -14.43 50.80
C THR A 271 13.63 -15.54 51.81
N PRO A 272 12.35 -15.99 51.87
CA PRO A 272 11.94 -16.98 52.87
C PRO A 272 12.61 -18.35 52.78
N PHE A 273 13.10 -18.74 51.61
CA PHE A 273 13.78 -20.04 51.45
C PHE A 273 15.24 -19.89 51.07
N TYR A 274 15.88 -18.85 51.63
CA TYR A 274 17.31 -18.61 51.38
C TYR A 274 18.17 -19.78 51.89
N ALA A 275 19.18 -20.11 51.09
CA ALA A 275 20.21 -21.08 51.43
C ALA A 275 21.47 -20.74 50.63
N ASP A 276 22.58 -21.36 50.98
CA ASP A 276 23.89 -21.03 50.39
C ASP A 276 24.05 -21.63 49.00
N SER A 277 23.52 -22.85 48.83
CA SER A 277 23.50 -23.56 47.56
C SER A 277 22.11 -23.47 46.88
N LEU A 278 22.04 -23.87 45.62
CA LEU A 278 20.76 -24.04 44.92
C LEU A 278 19.99 -25.24 45.49
N VAL A 279 20.70 -26.36 45.69
CA VAL A 279 20.07 -27.56 46.27
C VAL A 279 19.48 -27.25 47.65
N GLY A 280 20.16 -26.41 48.43
CA GLY A 280 19.64 -25.92 49.70
C GLY A 280 18.32 -25.19 49.57
N THR A 281 18.27 -24.23 48.64
CA THR A 281 17.05 -23.46 48.38
C THR A 281 15.94 -24.34 47.82
N TYR A 282 16.28 -25.13 46.81
CA TYR A 282 15.37 -26.14 46.24
C TYR A 282 14.75 -27.00 47.34
N SER A 283 15.61 -27.58 48.17
CA SER A 283 15.20 -28.46 49.26
C SER A 283 14.22 -27.77 50.22
N LYS A 284 14.50 -26.51 50.57
CA LYS A 284 13.64 -25.73 51.47
C LYS A 284 12.30 -25.39 50.83
N ILE A 285 12.32 -25.08 49.54
CA ILE A 285 11.09 -24.77 48.80
C ILE A 285 10.14 -25.97 48.77
N MET A 286 10.67 -27.18 48.61
CA MET A 286 9.85 -28.39 48.67
C MET A 286 9.31 -28.66 50.09
N ASP A 287 10.15 -28.48 51.11
CA ASP A 287 9.75 -28.64 52.53
C ASP A 287 9.23 -27.32 53.14
N HIS A 288 8.51 -26.52 52.34
CA HIS A 288 7.99 -25.21 52.77
C HIS A 288 7.04 -25.27 53.98
N LYS A 289 6.33 -26.38 54.15
CA LYS A 289 5.38 -26.54 55.25
C LYS A 289 6.12 -26.47 56.59
N ASN A 290 7.31 -27.07 56.64
CA ASN A 290 8.18 -27.02 57.83
C ASN A 290 9.22 -25.90 57.80
N SER A 291 9.70 -25.52 56.61
CA SER A 291 10.86 -24.62 56.46
C SER A 291 10.52 -23.13 56.37
N LEU A 292 9.27 -22.79 56.05
CA LEU A 292 8.83 -21.39 56.09
C LEU A 292 8.70 -20.97 57.55
N CYS A 293 9.48 -19.99 57.96
CA CYS A 293 9.31 -19.38 59.28
C CYS A 293 9.85 -17.95 59.30
N PHE A 294 9.25 -17.13 60.16
CA PHE A 294 9.57 -15.71 60.27
C PHE A 294 10.61 -15.56 61.38
N PRO A 295 11.55 -14.60 61.24
CA PRO A 295 12.42 -14.30 62.38
C PRO A 295 11.65 -13.71 63.56
N GLU A 296 12.15 -13.93 64.77
CA GLU A 296 11.58 -13.31 65.97
C GLU A 296 11.72 -11.78 65.95
N ASP A 297 12.81 -11.29 65.36
CA ASP A 297 13.17 -9.87 65.35
C ASP A 297 12.84 -9.18 64.01
N ALA A 298 11.67 -9.50 63.45
CA ALA A 298 11.20 -8.91 62.17
C ALA A 298 9.73 -8.53 62.29
N GLU A 299 9.50 -7.29 62.75
CA GLU A 299 8.16 -6.83 63.16
C GLU A 299 7.19 -6.72 61.99
N ILE A 300 6.46 -7.81 61.74
CA ILE A 300 5.48 -7.93 60.65
C ILE A 300 4.10 -8.17 61.26
N SER A 301 3.06 -7.59 60.64
CA SER A 301 1.69 -7.64 61.19
C SER A 301 1.03 -9.01 61.01
N LYS A 302 -0.09 -9.21 61.70
CA LYS A 302 -0.88 -10.44 61.58
C LYS A 302 -1.37 -10.64 60.15
N HIS A 303 -1.93 -9.57 59.56
CA HIS A 303 -2.43 -9.60 58.17
C HIS A 303 -1.33 -9.80 57.14
N ALA A 304 -0.19 -9.14 57.33
CA ALA A 304 0.97 -9.35 56.45
C ALA A 304 1.43 -10.80 56.54
N LYS A 305 1.55 -11.32 57.75
CA LYS A 305 1.93 -12.72 57.96
C LYS A 305 0.87 -13.68 57.40
N ASN A 306 -0.41 -13.32 57.55
CA ASN A 306 -1.51 -14.15 57.04
C ASN A 306 -1.53 -14.26 55.53
N LEU A 307 -1.24 -13.13 54.85
CA LEU A 307 -1.18 -13.10 53.39
C LEU A 307 0.03 -13.88 52.87
N ILE A 308 1.20 -13.64 53.46
CA ILE A 308 2.42 -14.38 53.11
C ILE A 308 2.19 -15.89 53.26
N CYS A 309 1.59 -16.30 54.36
CA CYS A 309 1.29 -17.71 54.58
C CYS A 309 0.23 -18.23 53.62
N ALA A 310 -0.72 -17.37 53.23
CA ALA A 310 -1.77 -17.72 52.26
C ALA A 310 -1.19 -18.10 50.89
N PHE A 311 -0.25 -17.29 50.41
CA PHE A 311 0.41 -17.53 49.12
C PHE A 311 1.36 -18.71 49.13
N LEU A 312 2.18 -18.82 50.18
CA LEU A 312 3.20 -19.86 50.27
C LEU A 312 2.60 -21.14 50.87
N THR A 313 1.77 -21.81 50.06
CA THR A 313 1.13 -23.08 50.42
C THR A 313 1.07 -23.99 49.19
N ASP A 314 0.49 -25.18 49.36
CA ASP A 314 0.21 -26.06 48.23
C ASP A 314 -0.72 -25.38 47.22
N ARG A 315 -0.58 -25.71 45.94
CA ARG A 315 -1.39 -25.11 44.87
C ARG A 315 -2.91 -25.35 45.04
N GLU A 316 -3.26 -26.50 45.62
CA GLU A 316 -4.67 -26.90 45.79
C GLU A 316 -5.46 -26.02 46.76
N VAL A 317 -4.77 -25.28 47.63
CA VAL A 317 -5.44 -24.35 48.56
C VAL A 317 -4.73 -22.98 48.64
N ARG A 318 -4.03 -22.60 47.57
CA ARG A 318 -3.31 -21.33 47.52
C ARG A 318 -4.28 -20.18 47.25
N LEU A 319 -3.89 -18.98 47.70
CA LEU A 319 -4.70 -17.78 47.49
C LEU A 319 -4.66 -17.40 46.01
N GLY A 320 -5.80 -17.55 45.33
CA GLY A 320 -5.92 -17.23 43.90
C GLY A 320 -6.24 -18.35 42.93
N ARG A 321 -6.63 -19.53 43.43
CA ARG A 321 -7.27 -20.56 42.59
C ARG A 321 -8.65 -20.06 42.18
N ASN A 322 -9.41 -19.61 43.19
CA ASN A 322 -10.77 -19.11 42.98
C ASN A 322 -10.83 -17.72 42.31
N GLY A 323 -9.67 -17.06 42.18
CA GLY A 323 -9.56 -15.80 41.44
C GLY A 323 -8.72 -14.74 42.14
N VAL A 324 -8.38 -13.69 41.40
CA VAL A 324 -7.70 -12.52 41.94
C VAL A 324 -8.54 -11.74 42.96
N GLU A 325 -9.87 -11.93 42.96
CA GLU A 325 -10.76 -11.22 43.90
C GLU A 325 -10.33 -11.38 45.35
N GLU A 326 -10.29 -12.63 45.82
CA GLU A 326 -9.94 -12.95 47.22
C GLU A 326 -8.56 -12.45 47.66
N ILE A 327 -7.61 -12.40 46.71
CA ILE A 327 -6.34 -11.73 46.93
C ILE A 327 -6.58 -10.25 47.19
N ARG A 328 -7.27 -9.60 46.25
CA ARG A 328 -7.47 -8.15 46.34
C ARG A 328 -8.50 -7.67 47.35
N GLN A 329 -9.20 -8.58 48.04
CA GLN A 329 -10.02 -8.22 49.21
C GLN A 329 -9.53 -8.89 50.49
N HIS A 330 -8.22 -9.15 50.55
CA HIS A 330 -7.55 -9.58 51.76
C HIS A 330 -7.41 -8.36 52.69
N PRO A 331 -7.56 -8.55 54.03
CA PRO A 331 -7.46 -7.42 54.99
C PRO A 331 -6.20 -6.54 54.89
N PHE A 332 -5.06 -7.19 54.65
CA PHE A 332 -3.75 -6.54 54.52
C PHE A 332 -3.75 -5.28 53.63
N PHE A 333 -4.42 -5.38 52.49
CA PHE A 333 -4.42 -4.29 51.52
C PHE A 333 -5.27 -3.07 51.92
N LYS A 334 -6.13 -3.20 52.92
CA LYS A 334 -6.93 -2.06 53.39
C LYS A 334 -6.03 -0.88 53.75
N ASN A 335 -6.34 0.29 53.20
CA ASN A 335 -5.56 1.50 53.43
C ASN A 335 -6.36 2.77 53.12
N ASP A 336 -5.81 3.90 53.58
CA ASP A 336 -6.45 5.22 53.42
C ASP A 336 -5.61 6.13 52.52
N GLN A 337 -5.11 5.54 51.42
CA GLN A 337 -4.27 6.23 50.42
C GLN A 337 -4.70 5.96 48.96
N TRP A 338 -4.90 4.68 48.62
CA TRP A 338 -5.25 4.23 47.26
C TRP A 338 -6.36 3.18 47.25
N HIS A 339 -6.94 2.95 46.07
CA HIS A 339 -7.88 1.84 45.84
C HIS A 339 -7.45 1.08 44.58
N TRP A 340 -7.87 -0.19 44.48
CA TRP A 340 -7.50 -1.06 43.34
C TRP A 340 -7.83 -0.48 41.96
N ASP A 341 -8.95 0.25 41.88
CA ASP A 341 -9.35 0.90 40.63
C ASP A 341 -8.51 2.14 40.24
N ASN A 342 -7.87 2.79 41.21
CA ASN A 342 -7.12 4.04 40.97
C ASN A 342 -5.67 4.06 41.51
N ILE A 343 -5.11 2.90 41.79
CA ILE A 343 -3.80 2.83 42.46
C ILE A 343 -2.69 3.54 41.69
N ARG A 344 -2.69 3.38 40.36
CA ARG A 344 -1.56 3.85 39.55
C ARG A 344 -1.53 5.35 39.32
N GLU A 345 -2.65 6.04 39.59
CA GLU A 345 -2.69 7.52 39.57
C GLU A 345 -2.52 8.16 40.97
N THR A 346 -2.35 7.35 42.02
CA THR A 346 -2.03 7.85 43.37
C THR A 346 -0.52 7.99 43.54
N ALA A 347 -0.11 8.76 44.55
CA ALA A 347 1.31 9.02 44.83
C ALA A 347 2.06 7.75 45.23
N ALA A 348 3.16 7.47 44.54
CA ALA A 348 3.99 6.30 44.82
C ALA A 348 4.75 6.52 46.12
N PRO A 349 5.10 5.42 46.83
CA PRO A 349 5.95 5.51 48.02
C PRO A 349 7.29 6.23 47.80
N VAL A 350 7.96 5.92 46.69
CA VAL A 350 9.28 6.46 46.37
C VAL A 350 9.30 7.02 44.96
N VAL A 351 9.25 8.35 44.84
CA VAL A 351 9.40 9.02 43.56
C VAL A 351 10.89 9.30 43.36
N PRO A 352 11.45 8.95 42.18
CA PRO A 352 12.87 9.23 41.93
C PRO A 352 13.10 10.72 41.60
N GLU A 353 14.21 11.27 42.10
CA GLU A 353 14.61 12.66 41.83
C GLU A 353 15.69 12.66 40.76
N LEU A 354 15.27 12.85 39.50
CA LEU A 354 16.15 12.75 38.32
C LEU A 354 16.33 14.10 37.63
N SER A 355 17.53 14.31 37.08
CA SER A 355 17.97 15.61 36.57
C SER A 355 17.74 15.82 35.07
N SER A 356 17.64 14.74 34.30
CA SER A 356 17.55 14.81 32.83
C SER A 356 16.91 13.56 32.23
N ASP A 357 16.72 13.57 30.92
CA ASP A 357 16.14 12.42 30.20
C ASP A 357 17.08 11.19 30.07
N ILE A 358 18.37 11.37 30.38
CA ILE A 358 19.35 10.25 30.39
C ILE A 358 19.96 10.00 31.78
N ASP A 359 19.26 10.40 32.83
CA ASP A 359 19.71 10.17 34.22
C ASP A 359 19.53 8.70 34.55
N SER A 360 20.66 7.99 34.76
CA SER A 360 20.64 6.56 35.08
C SER A 360 21.17 6.27 36.48
N SER A 361 20.98 7.24 37.39
CA SER A 361 21.53 7.18 38.75
C SER A 361 20.94 6.07 39.62
N ASN A 362 19.73 5.63 39.30
CA ASN A 362 19.06 4.53 40.01
C ASN A 362 19.43 3.13 39.50
N PHE A 363 20.44 3.05 38.64
CA PHE A 363 21.01 1.77 38.19
C PHE A 363 22.45 1.68 38.63
N ASP A 364 22.89 0.48 39.02
CA ASP A 364 24.30 0.23 39.34
C ASP A 364 25.15 0.22 38.06
N ASP A 365 26.47 0.30 38.26
CA ASP A 365 27.42 0.25 37.14
C ASP A 365 27.69 -1.20 36.73
N ILE A 366 27.96 -1.40 35.44
CA ILE A 366 28.23 -2.73 34.87
C ILE A 366 29.66 -2.79 34.32
N GLU A 367 30.40 -3.85 34.68
CA GLU A 367 31.77 -4.07 34.21
C GLU A 367 31.85 -5.26 33.26
N ASP A 368 32.95 -5.36 32.52
CA ASP A 368 33.19 -6.46 31.59
C ASP A 368 33.70 -7.70 32.32
N VAL A 373 32.02 -11.71 23.11
CA VAL A 373 33.14 -11.52 22.19
C VAL A 373 33.16 -12.56 21.06
N GLU A 374 32.95 -13.83 21.40
CA GLU A 374 32.96 -14.92 20.41
C GLU A 374 31.60 -15.02 19.71
N THR A 375 31.64 -15.33 18.41
CA THR A 375 30.44 -15.54 17.59
C THR A 375 30.57 -16.86 16.81
N PHE A 376 29.61 -17.13 15.93
CA PHE A 376 29.53 -18.40 15.17
C PHE A 376 30.80 -18.71 14.39
N PRO A 377 31.11 -20.01 14.20
CA PRO A 377 32.24 -20.37 13.36
C PRO A 377 31.85 -20.28 11.89
N ILE A 378 32.84 -20.06 11.01
CA ILE A 378 32.62 -20.06 9.57
C ILE A 378 32.32 -21.51 9.15
N PRO A 379 31.09 -21.79 8.65
CA PRO A 379 30.72 -23.18 8.37
C PRO A 379 31.14 -23.66 6.97
N LYS A 380 31.29 -24.98 6.84
CA LYS A 380 31.57 -25.62 5.56
C LYS A 380 30.25 -25.90 4.86
N ALA A 381 29.35 -26.58 5.57
CA ALA A 381 27.99 -26.87 5.09
C ALA A 381 27.02 -25.73 5.41
N PHE A 382 25.73 -25.94 5.13
CA PHE A 382 24.67 -25.01 5.50
C PHE A 382 24.11 -25.39 6.87
N VAL A 383 24.28 -24.53 7.87
CA VAL A 383 23.69 -24.73 9.21
C VAL A 383 22.39 -23.95 9.39
N GLY A 384 22.34 -22.73 8.86
CA GLY A 384 21.13 -21.91 8.89
C GLY A 384 20.83 -21.32 10.26
N ASN A 385 21.85 -20.75 10.90
CA ASN A 385 21.69 -20.17 12.24
C ASN A 385 20.71 -19.00 12.29
N GLN A 386 20.60 -18.23 11.21
CA GLN A 386 19.70 -17.08 11.16
C GLN A 386 18.21 -17.46 11.00
N LEU A 387 17.91 -18.68 10.56
CA LEU A 387 16.52 -19.12 10.32
C LEU A 387 15.55 -19.00 11.53
N PRO A 388 16.00 -19.35 12.74
CA PRO A 388 15.22 -19.04 13.94
C PRO A 388 14.78 -17.57 14.16
N PHE A 389 15.47 -16.60 13.55
CA PHE A 389 15.21 -15.17 13.78
C PHE A 389 14.42 -14.45 12.68
N ILE A 390 13.82 -15.22 11.77
CA ILE A 390 13.03 -14.69 10.67
C ILE A 390 11.67 -14.23 11.18
N GLY A 391 11.29 -13.00 10.83
CA GLY A 391 10.04 -12.40 11.30
C GLY A 391 10.13 -11.72 12.65
N PHE A 392 11.36 -11.53 13.16
CA PHE A 392 11.53 -10.85 14.44
C PHE A 392 11.42 -9.34 14.32
N THR A 393 11.78 -8.78 13.16
CA THR A 393 11.73 -7.33 13.00
C THR A 393 10.29 -6.79 13.09
N TYR A 394 10.12 -5.71 13.83
CA TYR A 394 8.81 -5.07 14.02
C TYR A 394 9.00 -3.56 14.11
N TYR A 395 8.28 -2.81 13.27
CA TYR A 395 8.27 -1.35 13.31
C TYR A 395 6.85 -0.84 13.62
N ARG A 396 6.68 -0.24 14.79
CA ARG A 396 5.38 0.28 15.26
C ARG A 396 4.89 1.45 14.41
N ALA B 1 6.77 5.70 -18.09
CA ALA B 1 5.51 5.09 -18.62
C ALA B 1 4.25 5.67 -17.94
N GLY B 2 3.09 5.13 -18.32
CA GLY B 2 1.86 5.31 -17.56
C GLY B 2 1.91 4.52 -16.25
N ALA B 3 2.67 3.42 -16.27
CA ALA B 3 3.06 2.72 -15.04
C ALA B 3 3.88 3.63 -14.11
N SER B 4 4.78 4.42 -14.69
CA SER B 4 5.57 5.41 -13.94
C SER B 4 4.73 6.58 -13.40
N ARG B 5 3.69 6.98 -14.12
CA ARG B 5 2.74 7.99 -13.62
C ARG B 5 1.99 7.50 -12.38
N GLN B 6 1.48 6.27 -12.47
CA GLN B 6 0.67 5.68 -11.39
C GLN B 6 1.52 5.23 -10.19
N ARG B 7 2.83 5.11 -10.36
CA ARG B 7 3.75 4.95 -9.23
C ARG B 7 4.06 6.31 -8.60
N LYS B 8 4.31 7.32 -9.44
CA LYS B 8 4.42 8.72 -9.00
C LYS B 8 3.19 9.14 -8.19
N LEU B 9 2.01 8.93 -8.76
CA LEU B 9 0.74 9.30 -8.12
C LEU B 9 0.50 8.57 -6.80
N GLU B 10 0.81 7.27 -6.76
CA GLU B 10 0.63 6.45 -5.55
C GLU B 10 1.62 6.81 -4.43
N ALA B 11 2.79 7.33 -4.83
CA ALA B 11 3.75 7.92 -3.87
C ALA B 11 3.18 9.14 -3.15
N LEU B 12 2.46 10.00 -3.90
CA LEU B 12 1.82 11.19 -3.33
C LEU B 12 0.76 10.82 -2.28
N ILE B 13 -0.02 9.78 -2.56
CA ILE B 13 -1.07 9.32 -1.64
C ILE B 13 -0.51 8.72 -0.34
N ARG B 14 0.67 8.10 -0.41
CA ARG B 14 1.29 7.45 0.76
C ARG B 14 2.21 8.36 1.57
N ASP B 15 2.56 9.52 1.02
CA ASP B 15 3.44 10.48 1.69
C ASP B 15 2.63 11.23 2.75
N PRO B 16 3.00 11.09 4.05
CA PRO B 16 2.24 11.77 5.11
C PRO B 16 2.44 13.29 5.18
N ARG B 17 3.38 13.82 4.40
CA ARG B 17 3.55 15.26 4.21
C ARG B 17 2.64 15.81 3.10
N SER B 18 1.99 14.94 2.33
CA SER B 18 1.24 15.34 1.14
C SER B 18 -0.15 15.91 1.49
N PRO B 19 -0.64 16.90 0.70
CA PRO B 19 -2.04 17.33 0.86
C PRO B 19 -3.10 16.35 0.33
N ILE B 20 -2.74 15.47 -0.62
CA ILE B 20 -3.69 14.49 -1.18
C ILE B 20 -3.47 13.06 -0.66
N ASN B 21 -2.83 12.93 0.51
CA ASN B 21 -2.75 11.62 1.15
C ASN B 21 -4.12 11.20 1.70
N VAL B 22 -4.25 9.95 2.12
CA VAL B 22 -5.57 9.35 2.37
C VAL B 22 -6.36 10.04 3.49
N GLU B 23 -5.68 10.43 4.58
CA GLU B 23 -6.35 11.14 5.71
C GLU B 23 -7.02 12.43 5.23
N SER B 24 -6.31 13.17 4.37
CA SER B 24 -6.83 14.39 3.76
C SER B 24 -8.00 14.13 2.82
N LEU B 25 -7.83 13.16 1.93
CA LEU B 25 -8.88 12.84 0.98
C LEU B 25 -10.17 12.47 1.73
N LEU B 26 -10.03 11.74 2.83
CA LEU B 26 -11.16 11.44 3.74
C LEU B 26 -11.72 12.71 4.39
N ASP B 27 -10.84 13.60 4.85
CA ASP B 27 -11.27 14.91 5.35
C ASP B 27 -12.14 15.58 4.30
N GLY B 28 -11.66 15.57 3.06
CA GLY B 28 -12.38 16.14 1.92
C GLY B 28 -13.78 15.63 1.73
N LEU B 29 -14.01 14.35 2.05
CA LEU B 29 -15.34 13.78 1.89
C LEU B 29 -16.25 14.15 3.05
N ASN B 30 -15.75 14.08 4.28
CA ASN B 30 -16.55 14.48 5.46
C ASN B 30 -16.99 15.93 5.40
N SER B 31 -16.03 16.82 5.22
CA SER B 31 -16.29 18.26 5.14
C SER B 31 -17.28 18.62 4.04
N LEU B 32 -17.19 17.91 2.91
CA LEU B 32 -18.14 18.10 1.83
C LEU B 32 -19.54 17.66 2.28
N VAL B 33 -19.65 16.49 2.89
CA VAL B 33 -20.91 15.99 3.40
C VAL B 33 -21.52 16.97 4.43
N LEU B 34 -20.69 17.44 5.36
CA LEU B 34 -21.12 18.38 6.42
C LEU B 34 -21.60 19.73 5.90
N ASP B 35 -20.89 20.29 4.91
CA ASP B 35 -21.27 21.57 4.30
C ASP B 35 -22.55 21.53 3.45
N LEU B 36 -22.84 20.37 2.87
CA LEU B 36 -23.99 20.19 1.97
C LEU B 36 -25.27 19.69 2.68
N ASP B 37 -25.13 18.93 3.77
CA ASP B 37 -26.30 18.31 4.42
C ASP B 37 -27.08 19.31 5.28
N PHE B 38 -27.89 20.11 4.59
CA PHE B 38 -28.84 21.04 5.18
C PHE B 38 -30.11 21.04 4.32
N PRO B 39 -31.31 21.16 4.93
CA PRO B 39 -32.56 20.97 4.19
C PRO B 39 -32.73 21.94 3.02
N ALA B 40 -32.27 23.18 3.18
CA ALA B 40 -32.31 24.19 2.12
C ALA B 40 -31.48 23.77 0.90
N LEU B 41 -30.31 23.19 1.16
CA LEU B 41 -29.38 22.75 0.10
C LEU B 41 -29.84 21.48 -0.63
N ARG B 42 -30.46 20.54 0.09
CA ARG B 42 -30.98 19.30 -0.52
C ARG B 42 -32.16 19.48 -1.50
N LYS B 43 -32.71 20.70 -1.59
CA LYS B 43 -33.61 21.05 -2.72
C LYS B 43 -32.90 20.97 -4.09
N ASN B 44 -31.56 21.05 -4.09
CA ASN B 44 -30.74 20.75 -5.27
C ASN B 44 -30.65 19.23 -5.48
N LYS B 45 -31.08 18.78 -6.66
CA LYS B 45 -31.02 17.33 -7.02
C LYS B 45 -29.61 16.73 -6.97
N ASN B 46 -28.60 17.48 -7.43
CA ASN B 46 -27.22 17.02 -7.40
C ASN B 46 -26.76 16.76 -5.97
N ILE B 47 -27.09 17.67 -5.05
CA ILE B 47 -26.64 17.60 -3.65
C ILE B 47 -27.35 16.49 -2.88
N ASP B 48 -28.67 16.36 -3.08
CA ASP B 48 -29.46 15.33 -2.43
C ASP B 48 -29.03 13.94 -2.91
N ASN B 49 -28.83 13.79 -4.23
CA ASN B 49 -28.37 12.53 -4.80
C ASN B 49 -26.94 12.18 -4.41
N PHE B 50 -26.06 13.18 -4.29
CA PHE B 50 -24.71 12.93 -3.77
C PHE B 50 -24.78 12.39 -2.36
N LEU B 51 -25.50 13.10 -1.49
CA LEU B 51 -25.60 12.72 -0.08
C LEU B 51 -26.22 11.34 0.07
N ASN B 52 -27.34 11.07 -0.59
CA ASN B 52 -27.93 9.72 -0.57
C ASN B 52 -26.93 8.58 -0.80
N ARG B 53 -25.93 8.80 -1.67
CA ARG B 53 -24.90 7.79 -1.92
C ARG B 53 -23.86 7.70 -0.81
N TYR B 54 -23.37 8.85 -0.34
CA TYR B 54 -22.23 8.92 0.59
C TYR B 54 -22.58 9.15 2.07
N GLU B 55 -23.76 9.72 2.33
CA GLU B 55 -24.28 9.96 3.68
C GLU B 55 -23.89 8.87 4.69
N LYS B 56 -24.24 7.63 4.40
CA LYS B 56 -24.09 6.54 5.38
C LYS B 56 -22.65 6.04 5.50
N ILE B 57 -21.95 5.89 4.37
CA ILE B 57 -20.53 5.52 4.37
C ILE B 57 -19.64 6.54 5.09
N VAL B 58 -19.98 7.83 4.99
CA VAL B 58 -19.24 8.89 5.70
C VAL B 58 -19.45 8.80 7.21
N LYS B 59 -20.71 8.70 7.64
CA LYS B 59 -21.04 8.45 9.05
C LYS B 59 -20.27 7.25 9.63
N LYS B 60 -20.20 6.15 8.87
CA LYS B 60 -19.46 4.93 9.26
C LYS B 60 -17.96 5.17 9.51
N ILE B 61 -17.33 5.97 8.65
CA ILE B 61 -15.92 6.36 8.83
C ILE B 61 -15.76 7.21 10.08
N ARG B 62 -16.66 8.18 10.26
CA ARG B 62 -16.65 9.09 11.41
C ARG B 62 -16.65 8.31 12.74
N GLY B 63 -17.34 7.17 12.76
CA GLY B 63 -17.31 6.25 13.90
C GLY B 63 -15.98 5.55 14.08
N LEU B 64 -15.39 5.09 12.96
CA LEU B 64 -14.15 4.33 12.99
C LEU B 64 -12.94 5.18 13.31
N GLN B 65 -12.84 6.35 12.68
CA GLN B 65 -11.72 7.29 12.91
C GLN B 65 -11.62 7.73 14.37
N MET B 66 -10.41 8.14 14.77
CA MET B 66 -10.13 8.70 16.10
C MET B 66 -11.02 9.90 16.36
N LYS B 67 -11.43 10.07 17.61
CA LYS B 67 -12.25 11.21 18.04
C LYS B 67 -12.09 11.55 19.53
N ALA B 68 -12.71 12.67 19.94
CA ALA B 68 -12.65 13.20 21.31
C ALA B 68 -13.10 12.21 22.38
N GLU B 69 -14.12 11.43 22.05
CA GLU B 69 -14.70 10.45 22.97
C GLU B 69 -13.78 9.25 23.29
N ASP B 70 -12.68 9.12 22.53
CA ASP B 70 -11.63 8.15 22.85
C ASP B 70 -10.75 8.55 24.05
N TYR B 71 -10.83 9.82 24.46
CA TYR B 71 -10.00 10.36 25.52
C TYR B 71 -10.84 10.79 26.73
N ASP B 72 -10.44 10.36 27.92
CA ASP B 72 -10.97 10.92 29.18
C ASP B 72 -10.32 12.28 29.41
N VAL B 73 -11.10 13.25 29.85
CA VAL B 73 -10.61 14.59 30.16
C VAL B 73 -10.39 14.71 31.67
N VAL B 74 -9.12 14.73 32.08
CA VAL B 74 -8.74 14.78 33.50
C VAL B 74 -8.97 16.19 34.08
N LYS B 75 -8.45 17.19 33.36
CA LYS B 75 -8.56 18.59 33.76
C LYS B 75 -8.24 19.51 32.56
N VAL B 76 -8.85 20.70 32.55
CA VAL B 76 -8.54 21.74 31.54
C VAL B 76 -7.40 22.61 32.07
N ILE B 77 -6.20 22.37 31.55
CA ILE B 77 -4.96 22.98 32.08
C ILE B 77 -4.56 24.32 31.44
N GLY B 78 -5.35 24.82 30.47
CA GLY B 78 -4.96 26.00 29.71
C GLY B 78 -6.04 26.56 28.79
N ARG B 79 -5.92 27.85 28.48
CA ARG B 79 -6.95 28.58 27.76
C ARG B 79 -6.29 29.61 26.87
N GLY B 80 -6.72 29.71 25.61
CA GLY B 80 -6.12 30.64 24.64
C GLY B 80 -7.18 31.28 23.78
N ALA B 81 -6.74 32.17 22.89
CA ALA B 81 -7.63 32.95 22.02
C ALA B 81 -8.69 32.10 21.30
N PHE B 82 -8.25 30.99 20.72
CA PHE B 82 -9.11 30.15 19.87
C PHE B 82 -9.52 28.80 20.46
N GLY B 83 -9.16 28.53 21.72
CA GLY B 83 -9.64 27.34 22.43
C GLY B 83 -9.01 27.10 23.80
N GLU B 84 -8.72 25.83 24.08
CA GLU B 84 -8.23 25.38 25.40
C GLU B 84 -7.37 24.14 25.29
N VAL B 85 -6.49 23.94 26.27
CA VAL B 85 -5.69 22.73 26.37
C VAL B 85 -6.24 21.86 27.50
N GLN B 86 -6.39 20.57 27.22
CA GLN B 86 -6.91 19.60 28.18
C GLN B 86 -5.84 18.55 28.49
N LEU B 87 -5.64 18.28 29.78
CA LEU B 87 -4.88 17.11 30.20
C LEU B 87 -5.81 15.93 30.01
N VAL B 88 -5.43 15.01 29.13
CA VAL B 88 -6.28 13.88 28.76
C VAL B 88 -5.60 12.53 28.86
N ARG B 89 -6.42 11.49 29.00
CA ARG B 89 -5.96 10.11 29.03
C ARG B 89 -6.68 9.36 27.92
N HIS B 90 -5.92 8.79 27.00
CA HIS B 90 -6.49 7.95 25.94
C HIS B 90 -7.02 6.66 26.58
N LYS B 91 -8.27 6.31 26.29
CA LYS B 91 -8.99 5.21 26.97
C LYS B 91 -8.38 3.83 26.75
N ALA B 92 -8.16 3.48 25.49
CA ALA B 92 -7.67 2.15 25.11
C ALA B 92 -6.26 1.85 25.59
N SER B 93 -5.35 2.79 25.37
CA SER B 93 -3.92 2.63 25.69
C SER B 93 -3.54 3.04 27.12
N GLN B 94 -4.40 3.83 27.77
CA GLN B 94 -4.16 4.45 29.09
C GLN B 94 -3.07 5.55 29.12
N LYS B 95 -2.61 6.02 27.97
CA LYS B 95 -1.52 7.00 27.91
C LYS B 95 -2.03 8.43 28.10
N VAL B 96 -1.25 9.27 28.80
CA VAL B 96 -1.63 10.66 29.09
C VAL B 96 -1.07 11.60 28.03
N TYR B 97 -1.91 12.56 27.61
CA TYR B 97 -1.54 13.58 26.63
C TYR B 97 -2.06 14.95 27.03
N ALA B 98 -1.55 15.98 26.35
CA ALA B 98 -2.11 17.32 26.41
C ALA B 98 -2.86 17.55 25.11
N MET B 99 -4.19 17.60 25.15
CA MET B 99 -4.96 17.80 23.94
C MET B 99 -5.37 19.25 23.82
N LYS B 100 -4.99 19.87 22.70
CA LYS B 100 -5.33 21.26 22.40
C LYS B 100 -6.52 21.29 21.46
N LEU B 101 -7.58 22.00 21.86
CA LEU B 101 -8.78 22.16 21.06
C LEU B 101 -8.81 23.57 20.46
N LEU B 102 -9.05 23.68 19.16
CA LEU B 102 -9.20 24.98 18.50
C LEU B 102 -10.59 25.12 17.85
N SER B 103 -11.39 26.05 18.36
CA SER B 103 -12.75 26.35 17.88
C SER B 103 -12.81 26.77 16.41
N LYS B 104 -13.47 25.96 15.58
CA LYS B 104 -13.65 26.27 14.16
C LYS B 104 -14.49 27.53 13.95
N PHE B 105 -15.50 27.73 14.79
CA PHE B 105 -16.33 28.93 14.72
C PHE B 105 -15.52 30.20 14.98
N GLU B 106 -14.72 30.19 16.04
CA GLU B 106 -13.95 31.38 16.43
C GLU B 106 -12.85 31.69 15.42
N MET B 107 -12.24 30.65 14.86
CA MET B 107 -11.27 30.80 13.77
C MET B 107 -11.92 31.40 12.51
N ILE B 108 -13.19 31.05 12.26
CA ILE B 108 -13.94 31.61 11.12
C ILE B 108 -14.37 33.07 11.36
N LYS B 109 -14.86 33.38 12.56
CA LYS B 109 -15.30 34.74 12.91
C LYS B 109 -14.13 35.72 13.00
N ARG B 110 -13.16 35.41 13.84
CA ARG B 110 -11.95 36.25 14.01
C ARG B 110 -10.95 36.10 12.84
N SER B 111 -11.27 35.23 11.89
CA SER B 111 -10.86 35.39 10.47
C SER B 111 -9.43 34.95 10.10
N ASP B 112 -8.73 34.26 11.00
CA ASP B 112 -7.40 33.71 10.66
C ASP B 112 -7.54 32.42 9.82
N SER B 113 -7.78 31.28 10.48
CA SER B 113 -8.08 29.97 9.83
C SER B 113 -7.01 29.32 8.90
N ALA B 114 -5.78 29.82 8.89
CA ALA B 114 -4.64 29.14 8.23
C ALA B 114 -3.33 29.11 9.05
N PHE B 115 -3.37 29.59 10.30
CA PHE B 115 -2.19 29.63 11.18
C PHE B 115 -1.70 28.25 11.64
N PHE B 116 -2.62 27.30 11.69
CA PHE B 116 -2.37 25.98 12.29
C PHE B 116 -1.60 25.01 11.40
N TRP B 117 -1.41 25.34 10.13
CA TRP B 117 -0.75 24.43 9.19
C TRP B 117 0.73 24.32 9.54
N GLU B 118 1.39 25.47 9.72
CA GLU B 118 2.78 25.48 10.16
C GLU B 118 2.95 24.91 11.58
N GLU B 119 1.98 25.17 12.46
CA GLU B 119 2.02 24.62 13.81
C GLU B 119 1.98 23.11 13.76
N ARG B 120 0.98 22.57 13.07
CA ARG B 120 0.83 21.14 12.91
C ARG B 120 2.09 20.52 12.32
N ASP B 121 2.58 21.08 11.21
CA ASP B 121 3.81 20.57 10.55
C ASP B 121 5.05 20.59 11.45
N ILE B 122 5.23 21.69 12.18
CA ILE B 122 6.35 21.84 13.14
C ILE B 122 6.28 20.76 14.23
N MET B 123 5.16 20.71 14.94
CA MET B 123 5.00 19.73 16.03
C MET B 123 5.04 18.29 15.52
N ALA B 124 4.56 18.05 14.30
CA ALA B 124 4.55 16.70 13.71
C ALA B 124 5.93 16.25 13.27
N PHE B 125 6.63 17.12 12.54
CA PHE B 125 7.84 16.74 11.80
C PHE B 125 9.16 17.43 12.21
N ALA B 126 9.12 18.30 13.22
CA ALA B 126 10.33 19.01 13.71
C ALA B 126 11.43 18.04 14.10
N ASN B 127 11.05 17.02 14.87
CA ASN B 127 11.94 15.92 15.24
C ASN B 127 13.05 16.46 16.15
N SER B 128 12.64 17.14 17.22
CA SER B 128 13.52 17.97 18.05
C SER B 128 13.05 18.05 19.51
N PRO B 129 14.00 17.94 20.47
CA PRO B 129 13.64 18.04 21.89
C PRO B 129 13.27 19.45 22.39
N TRP B 130 13.44 20.49 21.56
CA TRP B 130 13.02 21.87 21.86
C TRP B 130 11.55 22.19 21.49
N VAL B 131 10.84 21.23 20.89
CA VAL B 131 9.48 21.42 20.42
C VAL B 131 8.58 20.32 20.97
N VAL B 132 7.36 20.70 21.38
CA VAL B 132 6.39 19.73 21.90
C VAL B 132 5.87 18.94 20.71
N GLN B 133 5.88 17.62 20.83
CA GLN B 133 5.58 16.76 19.68
C GLN B 133 4.08 16.51 19.53
N LEU B 134 3.64 16.49 18.27
CA LEU B 134 2.29 16.10 17.87
C LEU B 134 2.29 14.60 17.62
N PHE B 135 1.31 13.90 18.19
CA PHE B 135 1.10 12.47 17.93
C PHE B 135 -0.07 12.28 16.99
N TYR B 136 -1.22 12.84 17.38
CA TYR B 136 -2.44 12.75 16.58
C TYR B 136 -3.05 14.14 16.39
N ALA B 137 -3.54 14.38 15.17
CA ALA B 137 -4.35 15.56 14.84
C ALA B 137 -5.66 15.07 14.21
N PHE B 138 -6.79 15.54 14.70
CA PHE B 138 -8.09 15.17 14.11
C PHE B 138 -9.08 16.34 14.20
N GLN B 139 -10.32 16.12 13.76
CA GLN B 139 -11.33 17.17 13.78
C GLN B 139 -12.75 16.59 13.88
N ASP B 140 -13.66 17.41 14.39
CA ASP B 140 -15.10 17.17 14.22
C ASP B 140 -15.75 18.47 13.73
N ASP B 141 -17.07 18.50 13.63
CA ASP B 141 -17.77 19.67 13.09
C ASP B 141 -17.51 21.00 13.83
N ARG B 142 -17.25 20.93 15.14
CA ARG B 142 -17.02 22.14 15.97
C ARG B 142 -15.55 22.50 16.21
N TYR B 143 -14.67 21.49 16.37
CA TYR B 143 -13.25 21.72 16.77
C TYR B 143 -12.19 20.97 15.94
N LEU B 144 -10.97 21.50 15.99
CA LEU B 144 -9.75 20.80 15.56
C LEU B 144 -9.03 20.38 16.84
N TYR B 145 -8.61 19.12 16.91
CA TYR B 145 -7.90 18.57 18.08
C TYR B 145 -6.46 18.30 17.70
N MET B 146 -5.54 18.58 18.64
CA MET B 146 -4.12 18.26 18.49
C MET B 146 -3.66 17.57 19.76
N VAL B 147 -3.19 16.33 19.62
CA VAL B 147 -2.81 15.50 20.76
C VAL B 147 -1.29 15.52 20.90
N MET B 148 -0.82 16.23 21.92
CA MET B 148 0.61 16.53 22.14
C MET B 148 1.13 15.83 23.38
N GLU B 149 2.45 15.78 23.49
CA GLU B 149 3.08 15.24 24.71
C GLU B 149 2.86 16.21 25.86
N TYR B 150 2.33 15.69 26.97
CA TYR B 150 2.01 16.50 28.13
C TYR B 150 3.32 16.99 28.78
N MET B 151 3.38 18.30 29.00
CA MET B 151 4.52 18.95 29.64
C MET B 151 4.18 19.20 31.11
N PRO B 152 4.60 18.29 32.01
CA PRO B 152 4.05 18.33 33.36
C PRO B 152 4.52 19.49 34.23
N GLY B 153 5.65 20.11 33.90
CA GLY B 153 6.24 21.17 34.73
C GLY B 153 5.68 22.56 34.58
N GLY B 154 4.62 22.74 33.79
CA GLY B 154 3.98 24.07 33.62
C GLY B 154 4.83 25.02 32.82
N ASP B 155 4.33 26.25 32.61
CA ASP B 155 5.03 27.24 31.79
C ASP B 155 5.95 28.13 32.61
N LEU B 156 6.72 28.97 31.92
CA LEU B 156 7.66 29.89 32.59
C LEU B 156 7.00 31.09 33.27
N VAL B 157 5.73 31.36 32.96
CA VAL B 157 4.94 32.38 33.69
C VAL B 157 4.76 31.94 35.14
N ASN B 158 4.38 30.68 35.32
CA ASN B 158 4.18 30.10 36.65
C ASN B 158 5.46 30.05 37.49
N LEU B 159 6.59 29.80 36.83
CA LEU B 159 7.88 29.73 37.50
C LEU B 159 8.31 31.10 38.04
N MET B 160 8.12 32.13 37.23
CA MET B 160 8.41 33.51 37.64
C MET B 160 7.46 34.04 38.73
N SER B 161 6.21 33.56 38.73
CA SER B 161 5.22 33.97 39.74
C SER B 161 5.53 33.37 41.12
N ASN B 162 6.06 32.15 41.13
CA ASN B 162 6.38 31.44 42.37
C ASN B 162 7.77 31.82 42.89
N TYR B 163 8.79 31.68 42.05
CA TYR B 163 10.19 31.87 42.47
C TYR B 163 10.73 33.28 42.22
N ASP B 164 11.86 33.57 42.87
CA ASP B 164 12.62 34.80 42.68
C ASP B 164 13.88 34.37 41.92
N VAL B 165 14.01 34.79 40.67
CA VAL B 165 14.94 34.16 39.72
C VAL B 165 16.35 34.78 39.78
N PRO B 166 17.38 33.99 40.15
CA PRO B 166 18.76 34.45 40.05
C PRO B 166 19.30 34.37 38.61
N GLU B 167 20.52 34.84 38.41
CA GLU B 167 21.11 34.93 37.06
C GLU B 167 21.53 33.57 36.50
N LYS B 168 21.96 32.64 37.37
CA LYS B 168 22.26 31.25 36.96
C LYS B 168 21.07 30.62 36.23
N TRP B 169 19.88 30.82 36.79
CA TRP B 169 18.63 30.36 36.19
C TRP B 169 18.36 31.15 34.91
N ALA B 170 18.54 32.47 34.98
CA ALA B 170 18.37 33.36 33.82
C ALA B 170 19.21 32.92 32.62
N LYS B 171 20.50 32.66 32.87
CA LYS B 171 21.44 32.13 31.87
C LYS B 171 20.91 30.84 31.26
N PHE B 172 20.48 29.92 32.12
CA PHE B 172 19.99 28.61 31.71
C PHE B 172 18.79 28.73 30.76
N TYR B 173 17.72 29.34 31.24
CA TYR B 173 16.48 29.43 30.47
C TYR B 173 16.62 30.24 29.17
N THR B 174 17.35 31.37 29.23
CA THR B 174 17.63 32.18 28.03
C THR B 174 18.39 31.37 26.98
N ALA B 175 19.36 30.58 27.42
CA ALA B 175 20.16 29.72 26.52
C ALA B 175 19.31 28.63 25.86
N GLU B 176 18.44 28.00 26.66
CA GLU B 176 17.54 26.98 26.11
C GLU B 176 16.57 27.60 25.11
N VAL B 177 16.01 28.77 25.46
CA VAL B 177 15.18 29.52 24.52
C VAL B 177 15.93 29.83 23.22
N VAL B 178 17.20 30.23 23.33
CA VAL B 178 18.02 30.58 22.16
C VAL B 178 18.23 29.38 21.25
N LEU B 179 18.60 28.24 21.83
CA LEU B 179 18.76 27.00 21.07
C LEU B 179 17.45 26.55 20.44
N ALA B 180 16.37 26.68 21.19
CA ALA B 180 15.02 26.37 20.70
C ALA B 180 14.67 27.23 19.50
N LEU B 181 14.90 28.53 19.63
CA LEU B 181 14.67 29.47 18.54
C LEU B 181 15.61 29.23 17.36
N ASP B 182 16.85 28.83 17.66
CA ASP B 182 17.79 28.43 16.62
C ASP B 182 17.23 27.22 15.86
N ALA B 183 16.74 26.23 16.61
CA ALA B 183 16.05 25.04 16.05
C ALA B 183 14.96 25.44 15.07
N ILE B 184 14.07 26.31 15.54
CA ILE B 184 12.95 26.81 14.73
C ILE B 184 13.43 27.56 13.49
N HIS B 185 14.41 28.44 13.66
CA HIS B 185 15.01 29.18 12.53
C HIS B 185 15.63 28.23 11.49
N SER B 186 16.27 27.15 11.94
CA SER B 186 16.84 26.13 11.05
C SER B 186 15.80 25.35 10.25
N MET B 187 14.58 25.26 10.78
CA MET B 187 13.43 24.70 10.05
C MET B 187 12.78 25.71 9.07
N GLY B 188 13.34 26.92 8.97
CA GLY B 188 12.88 27.93 8.03
C GLY B 188 11.70 28.74 8.54
N LEU B 189 11.62 28.92 9.85
CA LEU B 189 10.46 29.50 10.51
C LEU B 189 10.85 30.60 11.49
N ILE B 190 10.13 31.71 11.48
CA ILE B 190 10.25 32.78 12.48
C ILE B 190 9.07 32.64 13.45
N HIS B 191 9.35 32.58 14.76
CA HIS B 191 8.32 32.30 15.78
C HIS B 191 7.40 33.50 16.00
N ARG B 192 8.02 34.64 16.26
CA ARG B 192 7.36 35.94 16.45
C ARG B 192 6.15 35.99 17.40
N ASP B 193 6.18 35.11 18.40
CA ASP B 193 5.29 35.20 19.57
C ASP B 193 5.93 34.42 20.75
N VAL B 194 7.21 34.72 20.95
CA VAL B 194 8.00 34.15 22.04
C VAL B 194 7.63 34.86 23.32
N LYS B 195 7.29 34.10 24.35
CA LYS B 195 6.98 34.64 25.67
C LYS B 195 6.96 33.51 26.70
N PRO B 196 7.04 33.84 28.01
CA PRO B 196 6.93 32.80 29.05
C PRO B 196 5.71 31.90 28.95
N ASP B 197 4.57 32.46 28.52
CA ASP B 197 3.32 31.69 28.36
C ASP B 197 3.48 30.50 27.41
N ASN B 198 4.31 30.67 26.38
CA ASN B 198 4.59 29.65 25.37
C ASN B 198 5.88 28.84 25.60
N MET B 199 6.46 28.96 26.80
CA MET B 199 7.69 28.25 27.16
C MET B 199 7.35 27.24 28.25
N LEU B 200 7.25 25.97 27.87
CA LEU B 200 6.78 24.92 28.78
C LEU B 200 7.96 24.10 29.29
N LEU B 201 7.80 23.54 30.49
CA LEU B 201 8.86 22.78 31.19
C LEU B 201 8.51 21.30 31.34
N ASP B 202 9.39 20.42 30.87
CA ASP B 202 9.15 18.96 30.86
C ASP B 202 9.36 18.29 32.24
N LYS B 203 9.20 16.96 32.29
CA LYS B 203 9.40 16.15 33.50
C LYS B 203 10.60 16.60 34.33
N HIS B 204 11.72 16.78 33.65
CA HIS B 204 13.01 17.14 34.27
C HIS B 204 13.31 18.65 34.29
N GLY B 205 12.30 19.48 34.04
CA GLY B 205 12.45 20.94 34.10
C GLY B 205 13.15 21.63 32.95
N HIS B 206 13.26 20.93 31.81
CA HIS B 206 13.87 21.50 30.59
C HIS B 206 12.81 22.06 29.63
N LEU B 207 13.24 23.03 28.83
CA LEU B 207 12.35 23.84 28.00
C LEU B 207 11.90 23.13 26.72
N LYS B 208 10.62 23.30 26.37
CA LYS B 208 10.09 23.04 25.03
C LYS B 208 9.13 24.19 24.65
N LEU B 209 9.10 24.56 23.37
CA LEU B 209 8.18 25.61 22.89
C LEU B 209 6.82 24.99 22.49
N ALA B 210 5.74 25.72 22.74
CA ALA B 210 4.39 25.12 22.78
C ALA B 210 3.34 25.64 21.81
N ASP B 211 3.40 26.92 21.43
CA ASP B 211 2.35 27.50 20.57
C ASP B 211 2.94 28.22 19.35
N PHE B 212 2.89 27.55 18.21
CA PHE B 212 3.47 28.04 16.96
C PHE B 212 2.43 28.65 16.03
N GLY B 213 1.32 29.12 16.59
CA GLY B 213 0.25 29.78 15.81
C GLY B 213 0.69 31.03 15.05
N THR B 214 1.67 31.74 15.59
CA THR B 214 2.18 32.95 14.94
C THR B 214 3.34 32.68 13.98
N CYS B 215 3.77 31.42 13.85
CA CYS B 215 4.92 31.10 12.99
C CYS B 215 4.67 31.40 11.51
N MET B 216 5.70 31.93 10.84
CA MET B 216 5.67 32.21 9.41
C MET B 216 6.93 31.68 8.75
N LYS B 217 6.77 31.19 7.51
CA LYS B 217 7.87 30.57 6.76
C LYS B 217 8.73 31.65 6.08
N MET B 218 10.05 31.50 6.18
CA MET B 218 11.00 32.48 5.62
C MET B 218 11.16 32.35 4.11
N ASP B 219 11.74 33.40 3.51
CA ASP B 219 12.17 33.40 2.10
C ASP B 219 13.50 32.65 1.95
N GLU B 220 14.01 32.60 0.71
CA GLU B 220 15.38 32.11 0.45
C GLU B 220 16.45 32.97 1.15
N THR B 221 16.17 34.27 1.29
CA THR B 221 17.08 35.21 1.98
C THR B 221 17.11 35.03 3.51
N GLY B 222 16.03 34.49 4.07
CA GLY B 222 15.81 34.45 5.53
C GLY B 222 14.91 35.57 6.03
N MET B 223 14.26 36.28 5.10
CA MET B 223 13.33 37.36 5.41
C MET B 223 11.90 36.84 5.35
N VAL B 224 10.94 37.69 5.71
CA VAL B 224 9.52 37.35 5.61
C VAL B 224 8.62 38.60 5.45
N HIS B 225 8.03 38.75 4.26
CA HIS B 225 7.15 39.88 3.94
C HIS B 225 5.74 39.62 4.48
N CYS B 226 5.26 40.51 5.35
CA CYS B 226 3.84 40.58 5.68
C CYS B 226 3.44 41.94 6.27
N ASP B 227 2.21 42.35 5.99
CA ASP B 227 1.67 43.65 6.38
C ASP B 227 0.77 43.59 7.63
N THR B 228 0.80 42.46 8.34
CA THR B 228 -0.07 42.20 9.50
C THR B 228 0.76 42.03 10.77
N ALA B 229 0.42 42.78 11.82
CA ALA B 229 1.06 42.67 13.13
C ALA B 229 0.49 41.47 13.89
N VAL B 230 1.39 40.64 14.44
CA VAL B 230 1.00 39.42 15.18
C VAL B 230 1.93 39.16 16.36
N GLY B 231 1.34 38.79 17.50
CA GLY B 231 2.07 38.62 18.76
C GLY B 231 1.40 39.35 19.92
N THR B 232 1.87 39.06 21.13
CA THR B 232 1.40 39.71 22.35
C THR B 232 2.05 41.10 22.48
N PRO B 233 1.30 42.12 22.93
CA PRO B 233 1.86 43.49 22.99
C PRO B 233 3.17 43.68 23.77
N ASP B 234 3.31 43.00 24.90
CA ASP B 234 4.44 43.22 25.80
C ASP B 234 5.79 42.79 25.19
N TYR B 235 5.78 41.74 24.37
CA TYR B 235 7.00 41.16 23.77
C TYR B 235 7.17 41.46 22.27
N ILE B 236 6.23 42.19 21.66
CA ILE B 236 6.27 42.49 20.23
C ILE B 236 7.40 43.46 19.92
N SER B 237 8.19 43.14 18.90
CA SER B 237 9.33 43.96 18.51
C SER B 237 8.82 45.17 17.74
N PRO B 238 9.58 46.27 17.72
CA PRO B 238 9.08 47.50 17.10
C PRO B 238 8.90 47.40 15.58
N GLU B 239 9.77 46.67 14.91
CA GLU B 239 9.63 46.40 13.47
C GLU B 239 8.33 45.66 13.13
N VAL B 240 7.93 44.71 13.98
CA VAL B 240 6.66 44.00 13.79
C VAL B 240 5.46 44.90 14.12
N LEU B 241 5.63 45.85 15.05
CA LEU B 241 4.64 46.91 15.26
C LEU B 241 4.59 47.82 14.03
N LYS B 242 5.76 48.24 13.55
CA LYS B 242 5.86 49.12 12.37
C LYS B 242 5.44 48.46 11.06
N SER B 243 5.57 47.13 10.97
CA SER B 243 5.20 46.39 9.75
C SER B 243 3.70 46.35 9.49
N GLN B 244 2.89 46.60 10.53
CA GLN B 244 1.44 46.77 10.37
C GLN B 244 1.13 47.91 9.39
N GLY B 245 1.69 49.09 9.66
CA GLY B 245 1.39 50.31 8.92
C GLY B 245 2.15 50.47 7.63
N GLY B 246 1.81 49.63 6.65
CA GLY B 246 2.41 49.67 5.31
C GLY B 246 2.97 48.31 4.91
N ASP B 247 4.28 48.13 5.08
CA ASP B 247 4.98 46.93 4.63
C ASP B 247 6.36 46.80 5.29
N GLY B 248 7.03 45.67 5.03
CA GLY B 248 8.39 45.46 5.52
C GLY B 248 8.84 44.01 5.53
N PHE B 249 9.96 43.73 4.86
CA PHE B 249 10.67 42.46 4.99
C PHE B 249 11.52 42.50 6.27
N TYR B 250 11.35 41.49 7.13
CA TYR B 250 12.15 41.31 8.35
C TYR B 250 12.44 39.83 8.58
N GLY B 251 13.36 39.55 9.49
CA GLY B 251 13.90 38.22 9.68
C GLY B 251 13.88 37.75 11.12
N ARG B 252 14.66 36.70 11.37
CA ARG B 252 14.77 36.09 12.70
C ARG B 252 15.09 37.08 13.83
N GLU B 253 15.80 38.17 13.50
CA GLU B 253 16.05 39.33 14.38
C GLU B 253 14.92 39.68 15.38
N CYS B 254 13.67 39.68 14.92
CA CYS B 254 12.52 40.02 15.77
C CYS B 254 12.30 39.06 16.94
N ASP B 255 12.63 37.79 16.74
CA ASP B 255 12.61 36.80 17.83
C ASP B 255 13.64 37.11 18.90
N TRP B 256 14.79 37.67 18.51
CA TRP B 256 15.84 37.98 19.48
C TRP B 256 15.46 39.16 20.41
N TRP B 257 14.70 40.12 19.89
CA TRP B 257 14.07 41.15 20.72
C TRP B 257 13.32 40.54 21.90
N SER B 258 12.49 39.55 21.61
CA SER B 258 11.63 38.91 22.61
C SER B 258 12.42 38.14 23.66
N VAL B 259 13.57 37.58 23.29
CA VAL B 259 14.47 36.96 24.27
C VAL B 259 15.00 38.04 25.23
N GLY B 260 15.31 39.20 24.68
CA GLY B 260 15.70 40.36 25.48
C GLY B 260 14.63 40.73 26.50
N VAL B 261 13.38 40.84 26.05
CA VAL B 261 12.24 41.18 26.93
C VAL B 261 12.06 40.12 28.01
N PHE B 262 12.21 38.86 27.62
CA PHE B 262 12.08 37.72 28.54
C PHE B 262 13.16 37.77 29.62
N LEU B 263 14.40 38.03 29.23
CA LEU B 263 15.51 38.08 30.20
C LEU B 263 15.37 39.23 31.20
N TYR B 264 14.91 40.38 30.72
CA TYR B 264 14.59 41.53 31.57
C TYR B 264 13.52 41.18 32.60
N GLU B 265 12.46 40.52 32.16
CA GLU B 265 11.35 40.18 33.07
C GLU B 265 11.80 39.29 34.23
N MET B 266 12.60 38.26 33.93
CA MET B 266 13.09 37.33 34.95
C MET B 266 13.87 38.00 36.08
N LEU B 267 14.75 38.93 35.71
CA LEU B 267 15.69 39.54 36.64
C LEU B 267 15.11 40.76 37.38
N VAL B 268 14.25 41.52 36.68
CA VAL B 268 13.62 42.73 37.22
C VAL B 268 12.20 42.50 37.78
N GLY B 269 11.52 41.43 37.33
CA GLY B 269 10.18 41.08 37.83
C GLY B 269 9.00 41.74 37.15
N ASP B 270 9.26 42.74 36.29
CA ASP B 270 8.25 43.38 35.45
C ASP B 270 8.76 43.37 34.02
N THR B 271 7.84 43.59 33.06
CA THR B 271 8.23 43.73 31.66
C THR B 271 8.78 45.14 31.42
N PRO B 272 9.76 45.29 30.50
CA PRO B 272 10.41 46.60 30.30
C PRO B 272 9.58 47.68 29.61
N PHE B 273 8.39 47.37 29.10
CA PHE B 273 7.51 48.36 28.45
C PHE B 273 6.06 48.26 28.92
N TYR B 274 5.88 47.83 30.17
CA TYR B 274 4.58 47.78 30.80
C TYR B 274 3.88 49.16 30.82
N ALA B 275 2.58 49.13 30.62
CA ALA B 275 1.73 50.32 30.67
C ALA B 275 0.36 49.95 31.22
N ASP B 276 -0.52 50.95 31.35
CA ASP B 276 -1.90 50.73 31.79
C ASP B 276 -2.68 50.14 30.63
N SER B 277 -2.78 50.91 29.55
CA SER B 277 -3.44 50.47 28.32
C SER B 277 -2.46 49.72 27.42
N LEU B 278 -3.00 49.04 26.41
CA LEU B 278 -2.18 48.39 25.38
C LEU B 278 -1.55 49.44 24.46
N VAL B 279 -2.31 50.47 24.12
CA VAL B 279 -1.81 51.62 23.33
C VAL B 279 -0.67 52.38 24.00
N GLY B 280 -0.56 52.28 25.33
CA GLY B 280 0.60 52.78 26.06
C GLY B 280 1.85 51.96 25.78
N THR B 281 1.71 50.64 25.84
CA THR B 281 2.82 49.72 25.56
C THR B 281 3.36 49.88 24.14
N TYR B 282 2.47 49.99 23.16
CA TYR B 282 2.86 50.27 21.77
C TYR B 282 3.66 51.58 21.67
N SER B 283 3.25 52.58 22.43
CA SER B 283 3.95 53.87 22.47
C SER B 283 5.31 53.72 23.18
N LYS B 284 5.33 53.00 24.31
CA LYS B 284 6.59 52.74 25.04
C LYS B 284 7.57 51.96 24.19
N ILE B 285 7.09 50.94 23.48
CA ILE B 285 7.94 50.12 22.60
C ILE B 285 8.48 50.92 21.42
N MET B 286 7.60 51.61 20.69
CA MET B 286 8.01 52.43 19.54
C MET B 286 9.07 53.48 19.90
N ASP B 287 9.04 53.98 21.13
CA ASP B 287 10.13 54.81 21.68
C ASP B 287 10.88 54.02 22.78
N HIS B 288 11.45 52.89 22.38
CA HIS B 288 12.26 52.05 23.30
C HIS B 288 13.57 52.70 23.78
N LYS B 289 14.10 53.63 23.00
CA LYS B 289 15.34 54.36 23.34
C LYS B 289 15.23 55.29 24.57
N ASN B 290 14.02 55.81 24.83
CA ASN B 290 13.77 56.71 25.97
C ASN B 290 12.82 56.15 27.04
N SER B 291 12.18 55.01 26.77
CA SER B 291 11.29 54.34 27.73
C SER B 291 11.97 53.22 28.53
N LEU B 292 12.98 52.58 27.93
CA LEU B 292 13.74 51.52 28.60
C LEU B 292 14.62 52.11 29.69
N CYS B 293 14.28 51.84 30.95
CA CYS B 293 15.14 52.18 32.07
C CYS B 293 14.97 51.17 33.22
N PHE B 294 16.09 50.70 33.75
CA PHE B 294 16.10 49.73 34.84
C PHE B 294 15.81 50.48 36.14
N PRO B 295 14.95 49.92 37.01
CA PRO B 295 14.87 50.44 38.38
C PRO B 295 16.21 50.27 39.11
N GLU B 296 16.66 51.34 39.78
CA GLU B 296 17.92 51.32 40.52
C GLU B 296 17.72 50.68 41.91
N ASP B 297 17.41 49.38 41.88
CA ASP B 297 17.09 48.60 43.09
C ASP B 297 16.97 47.10 42.75
N ALA B 298 17.92 46.60 41.96
CA ALA B 298 17.85 45.24 41.40
C ALA B 298 19.24 44.69 41.10
N GLU B 299 19.48 43.44 41.50
CA GLU B 299 20.74 42.75 41.24
C GLU B 299 20.84 42.35 39.77
N ILE B 300 21.44 43.26 38.97
CA ILE B 300 21.68 43.02 37.54
C ILE B 300 23.14 43.35 37.20
N SER B 301 23.88 42.35 36.70
CA SER B 301 25.29 42.52 36.38
C SER B 301 25.52 43.35 35.11
N LYS B 302 26.76 43.76 34.90
CA LYS B 302 27.15 44.49 33.69
C LYS B 302 27.09 43.60 32.44
N HIS B 303 27.37 42.31 32.60
CA HIS B 303 27.20 41.32 31.53
C HIS B 303 25.72 41.08 31.19
N ALA B 304 24.89 40.95 32.21
CA ALA B 304 23.45 40.75 32.03
C ALA B 304 22.82 41.94 31.32
N LYS B 305 23.07 43.14 31.84
CA LYS B 305 22.55 44.40 31.26
C LYS B 305 23.04 44.65 29.82
N ASN B 306 24.27 44.22 29.51
CA ASN B 306 24.80 44.33 28.15
C ASN B 306 24.04 43.46 27.14
N LEU B 307 23.76 42.21 27.52
CA LEU B 307 22.99 41.30 26.68
C LEU B 307 21.56 41.79 26.48
N ILE B 308 20.93 42.26 27.56
CA ILE B 308 19.54 42.72 27.52
C ILE B 308 19.40 43.93 26.59
N CYS B 309 20.22 44.96 26.84
CA CYS B 309 20.22 46.17 26.01
C CYS B 309 20.68 45.91 24.58
N ALA B 310 21.52 44.90 24.39
CA ALA B 310 21.93 44.47 23.05
C ALA B 310 20.74 43.99 22.23
N PHE B 311 19.79 43.31 22.89
CA PHE B 311 18.57 42.83 22.23
C PHE B 311 17.54 43.95 22.03
N LEU B 312 17.31 44.78 23.04
CA LEU B 312 16.27 45.83 22.96
C LEU B 312 16.76 47.06 22.19
N THR B 313 16.95 46.89 20.89
CA THR B 313 17.46 47.94 20.01
C THR B 313 16.88 47.79 18.60
N ASP B 314 17.15 48.77 17.74
CA ASP B 314 16.76 48.71 16.33
C ASP B 314 17.39 47.46 15.68
N ARG B 315 16.66 46.85 14.75
CA ARG B 315 17.08 45.57 14.13
C ARG B 315 18.40 45.61 13.33
N GLU B 316 18.88 46.80 12.99
CA GLU B 316 20.15 46.98 12.28
C GLU B 316 21.33 46.67 13.22
N VAL B 317 21.33 47.32 14.38
CA VAL B 317 22.36 47.16 15.40
C VAL B 317 22.16 45.95 16.34
N ARG B 318 20.95 45.37 16.35
CA ARG B 318 20.57 44.34 17.33
C ARG B 318 21.44 43.08 17.28
N LEU B 319 21.71 42.51 18.46
CA LEU B 319 22.52 41.28 18.60
C LEU B 319 21.79 40.10 17.98
N GLY B 320 22.56 39.22 17.34
CA GLY B 320 22.01 38.08 16.60
C GLY B 320 21.73 38.35 15.12
N ARG B 321 21.89 39.59 14.68
CA ARG B 321 21.63 39.97 13.28
C ARG B 321 22.64 39.31 12.34
N ASN B 322 23.91 39.34 12.71
CA ASN B 322 24.98 38.66 11.96
C ASN B 322 24.89 37.14 12.03
N GLY B 323 24.33 36.63 13.14
CA GLY B 323 24.10 35.19 13.31
C GLY B 323 23.95 34.78 14.78
N VAL B 324 23.50 33.55 14.98
CA VAL B 324 23.35 32.98 16.34
C VAL B 324 24.68 32.86 17.12
N GLU B 325 25.80 32.75 16.38
CA GLU B 325 27.13 32.61 17.00
C GLU B 325 27.51 33.79 17.92
N GLU B 326 27.18 35.01 17.52
CA GLU B 326 27.48 36.20 18.34
C GLU B 326 26.63 36.31 19.62
N ILE B 327 25.52 35.58 19.69
CA ILE B 327 24.70 35.49 20.91
C ILE B 327 25.29 34.48 21.90
N ARG B 328 25.66 33.30 21.40
CA ARG B 328 26.09 32.19 22.27
C ARG B 328 27.40 32.47 23.00
N GLN B 329 28.36 33.09 22.33
CA GLN B 329 29.64 33.47 22.98
C GLN B 329 29.63 34.88 23.62
N HIS B 330 28.44 35.36 24.01
CA HIS B 330 28.32 36.53 24.86
C HIS B 330 28.76 36.12 26.27
N PRO B 331 29.60 36.95 26.94
CA PRO B 331 30.19 36.53 28.23
C PRO B 331 29.21 36.25 29.37
N PHE B 332 28.03 36.85 29.33
CA PHE B 332 26.94 36.53 30.28
C PHE B 332 26.61 35.03 30.34
N PHE B 333 26.66 34.36 29.20
CA PHE B 333 26.43 32.91 29.13
C PHE B 333 27.55 32.03 29.68
N LYS B 334 28.73 32.59 29.96
CA LYS B 334 29.83 31.80 30.53
C LYS B 334 29.44 31.25 31.90
N ASN B 335 29.64 29.95 32.07
CA ASN B 335 29.35 29.26 33.34
C ASN B 335 30.07 27.92 33.40
N ASP B 336 29.95 27.24 34.56
CA ASP B 336 30.56 25.91 34.78
C ASP B 336 29.55 24.74 34.82
N GLN B 337 28.25 25.04 34.87
CA GLN B 337 27.21 23.99 34.92
C GLN B 337 26.93 23.30 33.59
N TRP B 338 27.02 24.06 32.49
CA TRP B 338 26.70 23.53 31.15
C TRP B 338 27.54 24.16 30.04
N HIS B 339 27.52 23.51 28.88
CA HIS B 339 28.00 24.08 27.61
C HIS B 339 26.85 24.01 26.61
N TRP B 340 27.06 24.54 25.41
CA TRP B 340 26.01 24.60 24.38
C TRP B 340 25.69 23.24 23.77
N ASP B 341 26.70 22.38 23.64
CA ASP B 341 26.52 21.04 23.09
C ASP B 341 25.79 20.03 24.01
N ASN B 342 25.61 20.38 25.31
CA ASN B 342 25.03 19.45 26.29
C ASN B 342 24.13 20.05 27.38
N ILE B 343 23.63 21.28 27.19
CA ILE B 343 22.81 21.93 28.24
C ILE B 343 21.59 21.10 28.65
N ARG B 344 20.93 20.46 27.67
CA ARG B 344 19.70 19.71 27.93
C ARG B 344 19.89 18.37 28.66
N GLU B 345 21.13 17.94 28.86
CA GLU B 345 21.43 16.78 29.71
C GLU B 345 22.02 17.17 31.09
N THR B 346 22.18 18.47 31.38
CA THR B 346 22.62 18.91 32.72
C THR B 346 21.42 19.16 33.61
N ALA B 347 21.68 19.36 34.90
CA ALA B 347 20.63 19.54 35.92
C ALA B 347 19.94 20.90 35.78
N ALA B 348 18.61 20.86 35.58
CA ALA B 348 17.81 22.07 35.44
C ALA B 348 17.64 22.75 36.79
N PRO B 349 17.36 24.07 36.80
CA PRO B 349 17.13 24.76 38.06
C PRO B 349 15.92 24.25 38.84
N VAL B 350 14.82 23.95 38.13
CA VAL B 350 13.56 23.56 38.76
C VAL B 350 13.05 22.21 38.23
N VAL B 351 13.39 21.13 38.93
CA VAL B 351 12.79 19.83 38.70
C VAL B 351 11.51 19.76 39.56
N PRO B 352 10.32 19.68 38.93
CA PRO B 352 9.08 19.60 39.71
C PRO B 352 8.82 18.21 40.30
N GLU B 353 8.22 18.16 41.48
CA GLU B 353 7.96 16.90 42.19
C GLU B 353 6.57 16.34 41.82
N LEU B 354 6.55 15.41 40.86
CA LEU B 354 5.30 14.89 40.28
C LEU B 354 4.91 13.55 40.92
N SER B 355 3.75 13.54 41.60
CA SER B 355 3.26 12.33 42.27
C SER B 355 2.70 11.29 41.30
N SER B 356 2.20 11.73 40.14
CA SER B 356 1.58 10.82 39.16
C SER B 356 1.73 11.31 37.72
N ASP B 357 1.31 10.45 36.78
CA ASP B 357 1.25 10.82 35.36
C ASP B 357 0.12 11.78 35.00
N ILE B 358 -0.78 12.08 35.94
CA ILE B 358 -1.84 13.10 35.76
C ILE B 358 -1.81 14.19 36.84
N ASP B 359 -0.66 14.38 37.47
CA ASP B 359 -0.44 15.49 38.41
C ASP B 359 -0.32 16.76 37.59
N SER B 360 -1.28 17.67 37.76
CA SER B 360 -1.31 18.96 37.04
C SER B 360 -1.22 20.15 37.99
N SER B 361 -0.50 19.97 39.11
CA SER B 361 -0.42 20.98 40.17
C SER B 361 0.38 22.21 39.74
N ASN B 362 1.34 22.00 38.84
CA ASN B 362 2.07 23.11 38.20
C ASN B 362 1.21 24.00 37.30
N PHE B 363 -0.04 23.61 37.04
CA PHE B 363 -0.99 24.43 36.32
C PHE B 363 -2.06 24.94 37.27
N ASP B 364 -2.49 26.18 37.06
CA ASP B 364 -3.57 26.77 37.83
C ASP B 364 -4.92 26.21 37.40
N ASP B 365 -5.93 26.39 38.26
CA ASP B 365 -7.30 25.97 37.97
C ASP B 365 -7.95 26.96 37.01
N ILE B 366 -8.82 26.44 36.14
CA ILE B 366 -9.49 27.23 35.10
C ILE B 366 -11.00 27.00 35.17
N GLU B 367 -11.76 28.08 35.35
CA GLU B 367 -13.22 28.02 35.53
C GLU B 367 -13.96 28.00 34.19
N ASP B 368 -14.83 27.00 34.01
CA ASP B 368 -15.66 26.88 32.81
C ASP B 368 -16.91 27.75 32.92
N GLY B 371 -25.20 26.07 28.96
CA GLY B 371 -24.16 26.17 27.93
C GLY B 371 -24.32 27.38 27.03
N ASP B 372 -23.19 27.90 26.54
CA ASP B 372 -23.17 29.05 25.61
C ASP B 372 -22.15 28.86 24.46
N VAL B 373 -21.88 27.59 24.11
CA VAL B 373 -20.90 27.27 23.07
C VAL B 373 -21.50 27.57 21.69
N GLU B 374 -21.39 28.83 21.27
CA GLU B 374 -22.01 29.33 20.04
C GLU B 374 -21.40 28.70 18.77
N THR B 375 -22.27 28.44 17.79
CA THR B 375 -21.95 27.64 16.61
C THR B 375 -22.43 28.31 15.31
N PHE B 376 -22.01 27.75 14.17
CA PHE B 376 -22.36 28.27 12.84
C PHE B 376 -23.88 28.29 12.65
N PRO B 377 -24.41 29.32 11.96
CA PRO B 377 -25.84 29.33 11.66
C PRO B 377 -26.19 28.31 10.56
N ILE B 378 -27.44 27.86 10.55
CA ILE B 378 -27.89 26.86 9.58
C ILE B 378 -28.05 27.56 8.23
N PRO B 379 -27.18 27.26 7.25
CA PRO B 379 -27.13 28.06 6.01
C PRO B 379 -28.24 27.77 5.01
N LYS B 380 -28.55 28.77 4.19
CA LYS B 380 -29.54 28.69 3.10
C LYS B 380 -28.88 28.39 1.74
N ALA B 381 -27.61 28.78 1.60
CA ALA B 381 -26.79 28.42 0.44
C ALA B 381 -25.41 27.94 0.88
N PHE B 382 -24.65 27.40 -0.06
CA PHE B 382 -23.35 26.81 0.24
C PHE B 382 -22.38 27.89 0.67
N VAL B 383 -21.81 27.74 1.89
CA VAL B 383 -20.82 28.68 2.45
C VAL B 383 -19.41 28.06 2.62
N GLY B 384 -19.34 26.76 2.89
CA GLY B 384 -18.07 26.04 2.94
C GLY B 384 -17.22 26.29 4.17
N ASN B 385 -17.86 26.32 5.34
CA ASN B 385 -17.14 26.57 6.61
C ASN B 385 -16.17 25.47 7.02
N GLN B 386 -16.39 24.25 6.56
CA GLN B 386 -15.47 23.13 6.84
C GLN B 386 -14.31 23.03 5.85
N LEU B 387 -14.31 23.86 4.79
CA LEU B 387 -13.31 23.73 3.74
C LEU B 387 -11.88 24.06 4.19
N PRO B 388 -11.70 25.10 5.03
CA PRO B 388 -10.32 25.43 5.44
C PRO B 388 -9.61 24.47 6.41
N PHE B 389 -10.27 23.36 6.77
CA PHE B 389 -9.72 22.35 7.68
C PHE B 389 -9.51 20.99 6.98
N ILE B 390 -9.39 21.01 5.66
CA ILE B 390 -9.24 19.80 4.86
C ILE B 390 -7.75 19.46 4.78
N GLY B 391 -7.42 18.24 5.21
CA GLY B 391 -6.05 17.80 5.32
C GLY B 391 -5.41 18.14 6.65
N PHE B 392 -6.22 18.58 7.61
CA PHE B 392 -5.75 18.73 9.00
C PHE B 392 -5.50 17.40 9.70
N THR B 393 -6.30 16.37 9.42
CA THR B 393 -6.16 15.07 10.10
C THR B 393 -4.78 14.44 9.88
N TYR B 394 -4.15 14.00 10.98
CA TYR B 394 -2.83 13.37 10.95
C TYR B 394 -2.77 12.20 11.94
N TYR B 395 -2.24 11.07 11.48
CA TYR B 395 -2.00 9.89 12.33
C TYR B 395 -0.55 9.44 12.27
N ARG B 396 0.15 9.52 13.42
CA ARG B 396 1.52 8.99 13.55
C ARG B 396 1.48 7.47 13.61
N ALA C 1 16.35 12.04 8.89
CA ALA C 1 15.43 11.22 9.74
C ALA C 1 15.23 9.81 9.15
N GLY C 2 14.64 8.94 9.95
CA GLY C 2 14.30 7.56 9.53
C GLY C 2 13.15 7.49 8.52
N ALA C 3 12.25 8.48 8.57
CA ALA C 3 11.12 8.59 7.63
C ALA C 3 11.54 8.57 6.15
N SER C 4 12.64 9.26 5.84
CA SER C 4 13.18 9.31 4.48
C SER C 4 13.69 7.95 3.99
N ARG C 5 14.19 7.12 4.91
CA ARG C 5 14.65 5.76 4.57
C ARG C 5 13.49 4.82 4.30
N GLN C 6 12.50 4.82 5.20
CA GLN C 6 11.37 3.89 5.11
C GLN C 6 10.44 4.19 3.93
N ARG C 7 10.45 5.44 3.45
CA ARG C 7 9.83 5.78 2.17
C ARG C 7 10.67 5.34 0.96
N LYS C 8 11.99 5.46 1.06
CA LYS C 8 12.90 4.97 0.01
C LYS C 8 12.80 3.45 -0.18
N LEU C 9 12.76 2.71 0.93
CA LEU C 9 12.59 1.24 0.89
C LEU C 9 11.20 0.83 0.39
N GLU C 10 10.18 1.59 0.78
CA GLU C 10 8.80 1.32 0.34
C GLU C 10 8.64 1.48 -1.18
N ALA C 11 9.39 2.42 -1.76
CA ALA C 11 9.50 2.57 -3.21
C ALA C 11 10.03 1.31 -3.91
N LEU C 12 11.01 0.65 -3.29
CA LEU C 12 11.63 -0.56 -3.85
C LEU C 12 10.71 -1.79 -3.82
N ILE C 13 9.85 -1.90 -2.81
CA ILE C 13 8.97 -3.09 -2.68
C ILE C 13 7.73 -3.01 -3.57
N ARG C 14 7.19 -1.80 -3.76
CA ARG C 14 6.00 -1.61 -4.59
C ARG C 14 6.29 -1.71 -6.10
N ASP C 15 7.52 -1.38 -6.50
CA ASP C 15 7.93 -1.41 -7.92
C ASP C 15 8.00 -2.86 -8.43
N PRO C 16 7.23 -3.21 -9.50
CA PRO C 16 7.34 -4.57 -10.06
C PRO C 16 8.61 -4.80 -10.91
N ARG C 17 9.34 -3.74 -11.25
CA ARG C 17 10.67 -3.89 -11.88
C ARG C 17 11.75 -4.29 -10.85
N SER C 18 11.52 -3.99 -9.58
CA SER C 18 12.51 -4.23 -8.52
C SER C 18 12.75 -5.73 -8.27
N PRO C 19 14.00 -6.10 -7.88
CA PRO C 19 14.28 -7.47 -7.44
C PRO C 19 13.71 -7.81 -6.07
N ILE C 20 13.46 -6.80 -5.24
CA ILE C 20 12.89 -6.99 -3.90
C ILE C 20 11.42 -6.55 -3.81
N ASN C 21 10.66 -6.71 -4.90
CA ASN C 21 9.20 -6.53 -4.84
C ASN C 21 8.56 -7.70 -4.12
N VAL C 22 7.31 -7.55 -3.71
CA VAL C 22 6.64 -8.55 -2.86
C VAL C 22 6.53 -9.93 -3.51
N GLU C 23 6.34 -9.98 -4.83
CA GLU C 23 6.31 -11.24 -5.59
C GLU C 23 7.60 -12.03 -5.43
N SER C 24 8.73 -11.34 -5.54
CA SER C 24 10.06 -11.96 -5.38
C SER C 24 10.34 -12.43 -3.96
N LEU C 25 9.91 -11.63 -2.98
CA LEU C 25 10.14 -11.95 -1.56
C LEU C 25 9.30 -13.15 -1.11
N LEU C 26 8.11 -13.30 -1.69
CA LEU C 26 7.33 -14.54 -1.58
C LEU C 26 8.05 -15.75 -2.22
N ASP C 27 8.66 -15.55 -3.38
CA ASP C 27 9.47 -16.61 -4.02
C ASP C 27 10.68 -16.99 -3.16
N GLY C 28 11.28 -16.00 -2.51
CA GLY C 28 12.35 -16.22 -1.53
C GLY C 28 11.93 -17.12 -0.38
N LEU C 29 10.74 -16.90 0.16
CA LEU C 29 10.19 -17.77 1.21
C LEU C 29 9.83 -19.16 0.65
N ASN C 30 9.16 -19.16 -0.49
CA ASN C 30 8.67 -20.39 -1.10
C ASN C 30 9.83 -21.33 -1.47
N SER C 31 10.87 -20.76 -2.09
CA SER C 31 12.06 -21.52 -2.50
C SER C 31 12.81 -22.13 -1.33
N LEU C 32 12.95 -21.36 -0.24
CA LEU C 32 13.59 -21.84 0.98
C LEU C 32 12.84 -23.05 1.55
N VAL C 33 11.51 -22.95 1.61
CA VAL C 33 10.65 -24.05 2.09
C VAL C 33 10.85 -25.31 1.23
N LEU C 34 10.75 -25.15 -0.09
CA LEU C 34 10.98 -26.25 -1.04
C LEU C 34 12.35 -26.88 -0.85
N ASP C 35 13.38 -26.03 -0.80
CA ASP C 35 14.78 -26.50 -0.73
C ASP C 35 15.22 -27.09 0.62
N LEU C 36 14.42 -26.93 1.67
CA LEU C 36 14.71 -27.51 2.98
C LEU C 36 13.82 -28.71 3.36
N ASP C 37 12.60 -28.79 2.83
CA ASP C 37 11.63 -29.84 3.22
C ASP C 37 12.03 -31.22 2.70
N PHE C 38 13.01 -31.83 3.37
CA PHE C 38 13.46 -33.19 3.10
C PHE C 38 13.89 -33.86 4.41
N PRO C 39 13.72 -35.21 4.52
CA PRO C 39 13.90 -35.87 5.82
C PRO C 39 15.27 -35.67 6.47
N ALA C 40 16.34 -35.83 5.69
CA ALA C 40 17.71 -35.75 6.21
C ALA C 40 18.12 -34.35 6.66
N LEU C 41 17.60 -33.32 5.99
CA LEU C 41 17.88 -31.93 6.35
C LEU C 41 17.16 -31.49 7.64
N ARG C 42 15.96 -32.04 7.86
CA ARG C 42 15.21 -31.84 9.12
C ARG C 42 15.89 -32.40 10.38
N LYS C 43 16.98 -33.15 10.24
CA LYS C 43 17.83 -33.51 11.39
C LYS C 43 18.52 -32.27 12.03
N ASN C 44 18.64 -31.19 11.27
CA ASN C 44 19.07 -29.88 11.78
C ASN C 44 17.90 -29.18 12.48
N LYS C 45 18.08 -28.84 13.76
CA LYS C 45 17.06 -28.15 14.57
C LYS C 45 16.68 -26.77 14.03
N ASN C 46 17.64 -26.04 13.46
CA ASN C 46 17.38 -24.75 12.81
C ASN C 46 16.43 -24.85 11.62
N ILE C 47 16.70 -25.83 10.75
CA ILE C 47 15.87 -26.10 9.57
C ILE C 47 14.48 -26.60 9.96
N ASP C 48 14.42 -27.54 10.91
CA ASP C 48 13.17 -28.22 11.28
C ASP C 48 12.20 -27.33 12.05
N ASN C 49 12.71 -26.43 12.89
CA ASN C 49 11.87 -25.45 13.58
C ASN C 49 11.31 -24.38 12.64
N PHE C 50 12.16 -23.90 11.73
CA PHE C 50 11.75 -22.94 10.68
C PHE C 50 10.61 -23.49 9.83
N LEU C 51 10.72 -24.75 9.41
CA LEU C 51 9.68 -25.39 8.59
C LEU C 51 8.46 -25.82 9.42
N ASN C 52 8.60 -25.98 10.73
CA ASN C 52 7.43 -26.18 11.60
C ASN C 52 6.57 -24.91 11.72
N ARG C 53 7.21 -23.75 11.70
CA ARG C 53 6.50 -22.46 11.75
C ARG C 53 5.75 -22.19 10.46
N TYR C 54 6.50 -22.10 9.36
CA TYR C 54 6.01 -21.54 8.10
C TYR C 54 5.20 -22.46 7.20
N GLU C 55 5.37 -23.77 7.31
CA GLU C 55 4.73 -24.75 6.39
C GLU C 55 3.21 -24.55 6.23
N LYS C 56 2.53 -24.22 7.33
CA LYS C 56 1.08 -23.94 7.29
C LYS C 56 0.76 -22.67 6.50
N ILE C 57 1.39 -21.56 6.86
CA ILE C 57 1.21 -20.28 6.15
C ILE C 57 1.71 -20.37 4.70
N VAL C 58 2.79 -21.12 4.49
CA VAL C 58 3.30 -21.39 3.15
C VAL C 58 2.34 -22.26 2.34
N LYS C 59 1.64 -23.19 3.00
CA LYS C 59 0.60 -23.99 2.34
C LYS C 59 -0.63 -23.15 1.92
N LYS C 60 -1.03 -22.20 2.76
CA LYS C 60 -2.16 -21.31 2.45
C LYS C 60 -1.87 -20.34 1.29
N ILE C 61 -0.66 -19.79 1.28
CA ILE C 61 -0.18 -18.89 0.21
C ILE C 61 -0.10 -19.61 -1.14
N ARG C 62 0.29 -20.88 -1.13
CA ARG C 62 0.47 -21.66 -2.36
C ARG C 62 -0.87 -21.91 -3.06
N GLY C 63 -1.91 -22.14 -2.27
CA GLY C 63 -3.29 -22.23 -2.77
C GLY C 63 -3.87 -20.91 -3.28
N LEU C 64 -3.50 -19.79 -2.65
CA LEU C 64 -3.97 -18.46 -3.07
C LEU C 64 -3.33 -18.02 -4.40
N GLN C 65 -2.00 -18.13 -4.50
CA GLN C 65 -1.25 -17.76 -5.70
C GLN C 65 -1.76 -18.46 -6.97
N MET C 66 -1.48 -17.86 -8.12
CA MET C 66 -1.81 -18.45 -9.43
C MET C 66 -1.03 -19.74 -9.61
N LYS C 67 -1.68 -20.72 -10.24
CA LYS C 67 -1.08 -22.04 -10.47
C LYS C 67 -1.62 -22.70 -11.73
N ALA C 68 -0.92 -23.74 -12.18
CA ALA C 68 -1.27 -24.50 -13.38
C ALA C 68 -2.67 -25.10 -13.34
N GLU C 69 -3.11 -25.54 -12.16
CA GLU C 69 -4.46 -26.12 -11.96
C GLU C 69 -5.61 -25.13 -12.23
N ASP C 70 -5.31 -23.83 -12.24
CA ASP C 70 -6.26 -22.80 -12.69
C ASP C 70 -6.63 -22.88 -14.18
N TYR C 71 -5.76 -23.50 -15.00
CA TYR C 71 -5.91 -23.54 -16.45
C TYR C 71 -6.29 -24.93 -16.97
N ASP C 72 -7.17 -24.96 -17.97
CA ASP C 72 -7.47 -26.19 -18.74
C ASP C 72 -6.46 -26.30 -19.87
N VAL C 73 -5.76 -27.42 -19.97
CA VAL C 73 -4.87 -27.66 -21.11
C VAL C 73 -5.69 -28.22 -22.29
N VAL C 74 -5.87 -27.39 -23.33
CA VAL C 74 -6.63 -27.79 -24.53
C VAL C 74 -5.85 -28.75 -25.42
N LYS C 75 -4.65 -28.34 -25.82
CA LYS C 75 -3.77 -29.14 -26.68
C LYS C 75 -2.35 -28.57 -26.66
N VAL C 76 -1.35 -29.45 -26.67
CA VAL C 76 0.07 -29.02 -26.68
C VAL C 76 0.48 -28.57 -28.08
N ILE C 77 0.73 -27.27 -28.25
CA ILE C 77 0.95 -26.67 -29.58
C ILE C 77 2.42 -26.44 -29.98
N GLY C 78 3.36 -26.80 -29.11
CA GLY C 78 4.78 -26.68 -29.44
C GLY C 78 5.72 -27.29 -28.42
N ARG C 79 6.91 -27.64 -28.88
CA ARG C 79 7.98 -28.22 -28.05
C ARG C 79 9.25 -27.42 -28.32
N GLY C 80 10.10 -27.31 -27.31
CA GLY C 80 11.41 -26.67 -27.46
C GLY C 80 12.46 -27.30 -26.59
N ALA C 81 13.65 -26.70 -26.57
CA ALA C 81 14.82 -27.29 -25.91
C ALA C 81 14.57 -27.55 -24.42
N PHE C 82 14.07 -26.53 -23.71
CA PHE C 82 13.87 -26.59 -22.25
C PHE C 82 12.43 -26.83 -21.77
N GLY C 83 11.49 -27.01 -22.69
CA GLY C 83 10.11 -27.36 -22.31
C GLY C 83 9.14 -27.44 -23.48
N GLU C 84 7.85 -27.29 -23.18
CA GLU C 84 6.78 -27.26 -24.18
C GLU C 84 5.96 -25.97 -24.12
N VAL C 85 5.05 -25.79 -25.06
CA VAL C 85 4.05 -24.71 -25.04
C VAL C 85 2.67 -25.29 -25.27
N GLN C 86 1.73 -24.91 -24.40
CA GLN C 86 0.37 -25.45 -24.39
C GLN C 86 -0.64 -24.36 -24.75
N LEU C 87 -1.79 -24.79 -25.27
CA LEU C 87 -2.94 -23.90 -25.45
C LEU C 87 -3.83 -24.09 -24.23
N VAL C 88 -4.02 -23.00 -23.48
CA VAL C 88 -4.79 -23.04 -22.22
C VAL C 88 -6.02 -22.13 -22.25
N ARG C 89 -6.96 -22.44 -21.36
CA ARG C 89 -8.09 -21.57 -21.05
C ARG C 89 -8.16 -21.42 -19.53
N HIS C 90 -8.07 -20.18 -19.05
CA HIS C 90 -8.16 -19.86 -17.61
C HIS C 90 -9.57 -20.17 -17.13
N LYS C 91 -9.71 -21.01 -16.09
CA LYS C 91 -11.02 -21.51 -15.64
C LYS C 91 -11.98 -20.42 -15.14
N ALA C 92 -11.47 -19.52 -14.29
CA ALA C 92 -12.28 -18.44 -13.70
C ALA C 92 -12.77 -17.37 -14.68
N SER C 93 -11.98 -17.09 -15.72
CA SER C 93 -12.28 -16.05 -16.73
C SER C 93 -12.62 -16.55 -18.15
N GLN C 94 -12.39 -17.84 -18.42
CA GLN C 94 -12.58 -18.44 -19.76
C GLN C 94 -11.72 -17.84 -20.89
N LYS C 95 -10.73 -17.02 -20.55
CA LYS C 95 -9.89 -16.36 -21.53
C LYS C 95 -8.77 -17.30 -21.99
N VAL C 96 -8.53 -17.33 -23.30
CA VAL C 96 -7.56 -18.24 -23.91
C VAL C 96 -6.15 -17.63 -23.87
N TYR C 97 -5.17 -18.47 -23.53
CA TYR C 97 -3.75 -18.09 -23.54
C TYR C 97 -2.89 -19.23 -24.10
N ALA C 98 -1.67 -18.89 -24.49
CA ALA C 98 -0.62 -19.88 -24.79
C ALA C 98 0.40 -19.78 -23.67
N MET C 99 0.57 -20.85 -22.88
CA MET C 99 1.52 -20.79 -21.76
C MET C 99 2.69 -21.74 -21.91
N LYS C 100 3.88 -21.20 -21.68
CA LYS C 100 5.15 -21.88 -21.94
C LYS C 100 5.68 -22.45 -20.64
N LEU C 101 5.86 -23.76 -20.58
CA LEU C 101 6.51 -24.43 -19.46
C LEU C 101 8.01 -24.51 -19.76
N LEU C 102 8.84 -24.30 -18.75
CA LEU C 102 10.29 -24.44 -18.88
C LEU C 102 10.80 -25.24 -17.68
N SER C 103 11.31 -26.44 -17.94
CA SER C 103 11.77 -27.37 -16.90
C SER C 103 12.96 -26.83 -16.10
N LYS C 104 12.77 -26.65 -14.79
CA LYS C 104 13.84 -26.21 -13.88
C LYS C 104 14.99 -27.21 -13.83
N PHE C 105 14.66 -28.50 -13.84
CA PHE C 105 15.66 -29.58 -13.85
C PHE C 105 16.58 -29.49 -15.06
N GLU C 106 15.99 -29.40 -16.25
CA GLU C 106 16.76 -29.33 -17.51
C GLU C 106 17.57 -28.03 -17.65
N MET C 107 17.07 -26.94 -17.07
CA MET C 107 17.78 -25.65 -17.10
C MET C 107 19.02 -25.64 -16.19
N ILE C 108 18.90 -26.28 -15.02
CA ILE C 108 20.03 -26.50 -14.12
C ILE C 108 20.99 -27.57 -14.68
N LYS C 109 20.41 -28.65 -15.24
CA LYS C 109 21.19 -29.74 -15.85
C LYS C 109 22.05 -29.22 -17.01
N ARG C 110 21.39 -28.68 -18.04
CA ARG C 110 22.08 -28.09 -19.20
C ARG C 110 22.60 -26.66 -18.93
N SER C 111 22.41 -26.17 -17.70
CA SER C 111 23.28 -25.14 -17.07
C SER C 111 23.05 -23.66 -17.47
N ASP C 112 22.15 -23.38 -18.41
CA ASP C 112 21.90 -22.00 -18.87
C ASP C 112 21.28 -21.10 -17.76
N SER C 113 20.09 -21.44 -17.28
CA SER C 113 19.52 -20.94 -15.99
C SER C 113 19.34 -19.41 -15.75
N ALA C 114 19.72 -18.55 -16.70
CA ALA C 114 19.45 -17.09 -16.63
C ALA C 114 18.93 -16.44 -17.95
N PHE C 115 18.78 -17.23 -19.01
CA PHE C 115 18.20 -16.73 -20.28
C PHE C 115 16.78 -16.19 -20.11
N PHE C 116 16.02 -16.79 -19.19
CA PHE C 116 14.59 -16.48 -19.02
C PHE C 116 14.29 -15.10 -18.45
N TRP C 117 15.27 -14.45 -17.81
CA TRP C 117 15.07 -13.11 -17.22
C TRP C 117 14.76 -12.08 -18.31
N GLU C 118 15.60 -12.04 -19.35
CA GLU C 118 15.38 -11.14 -20.49
C GLU C 118 14.20 -11.55 -21.36
N GLU C 119 13.89 -12.85 -21.42
CA GLU C 119 12.67 -13.31 -22.09
C GLU C 119 11.44 -12.76 -21.36
N ARG C 120 11.41 -12.88 -20.04
CA ARG C 120 10.32 -12.37 -19.23
C ARG C 120 10.21 -10.84 -19.32
N ASP C 121 11.34 -10.15 -19.16
CA ASP C 121 11.36 -8.67 -19.18
C ASP C 121 10.82 -8.09 -20.50
N ILE C 122 11.19 -8.71 -21.62
CA ILE C 122 10.76 -8.24 -22.95
C ILE C 122 9.25 -8.39 -23.11
N MET C 123 8.75 -9.60 -22.86
CA MET C 123 7.33 -9.87 -23.01
C MET C 123 6.48 -9.04 -22.02
N ALA C 124 6.96 -8.90 -20.78
CA ALA C 124 6.25 -8.12 -19.76
C ALA C 124 6.23 -6.60 -20.00
N PHE C 125 7.32 -6.05 -20.54
CA PHE C 125 7.51 -4.59 -20.64
C PHE C 125 7.96 -4.09 -22.04
N ALA C 126 7.68 -4.84 -23.10
CA ALA C 126 7.98 -4.38 -24.47
C ALA C 126 6.98 -3.32 -24.90
N ASN C 127 5.69 -3.68 -24.82
CA ASN C 127 4.60 -2.87 -25.36
C ASN C 127 4.83 -2.45 -26.82
N SER C 128 5.22 -3.45 -27.62
CA SER C 128 5.28 -3.36 -29.07
C SER C 128 4.34 -4.44 -29.62
N PRO C 129 3.60 -4.14 -30.70
CA PRO C 129 2.80 -5.18 -31.35
C PRO C 129 3.64 -6.16 -32.21
N TRP C 130 4.97 -6.02 -32.20
CA TRP C 130 5.87 -6.99 -32.82
C TRP C 130 6.35 -8.08 -31.87
N VAL C 131 5.96 -8.00 -30.59
CA VAL C 131 6.44 -8.92 -29.55
C VAL C 131 5.26 -9.52 -28.79
N VAL C 132 5.17 -10.85 -28.75
CA VAL C 132 4.12 -11.55 -28.01
C VAL C 132 4.21 -11.18 -26.53
N GLN C 133 3.07 -10.80 -25.94
CA GLN C 133 3.04 -10.20 -24.59
C GLN C 133 2.77 -11.22 -23.50
N LEU C 134 3.44 -11.03 -22.36
CA LEU C 134 3.32 -11.89 -21.19
C LEU C 134 2.37 -11.26 -20.18
N PHE C 135 1.27 -11.95 -19.88
CA PHE C 135 0.28 -11.49 -18.90
C PHE C 135 0.68 -11.90 -17.48
N TYR C 136 1.05 -13.17 -17.31
CA TYR C 136 1.36 -13.75 -16.00
C TYR C 136 2.56 -14.69 -16.07
N ALA C 137 3.60 -14.40 -15.27
CA ALA C 137 4.73 -15.31 -15.08
C ALA C 137 4.64 -15.90 -13.69
N PHE C 138 4.67 -17.23 -13.58
CA PHE C 138 4.71 -17.89 -12.28
C PHE C 138 5.53 -19.19 -12.31
N GLN C 139 5.59 -19.89 -11.17
CA GLN C 139 6.38 -21.11 -11.03
C GLN C 139 5.82 -22.07 -10.00
N ASP C 140 6.32 -23.30 -10.01
CA ASP C 140 6.12 -24.26 -8.91
C ASP C 140 7.43 -25.06 -8.67
N ASP C 141 7.34 -26.29 -8.16
CA ASP C 141 8.52 -27.14 -7.89
C ASP C 141 9.34 -27.51 -9.14
N ARG C 142 8.64 -27.78 -10.26
CA ARG C 142 9.26 -28.34 -11.47
C ARG C 142 9.46 -27.36 -12.62
N TYR C 143 8.43 -26.57 -12.93
CA TYR C 143 8.44 -25.68 -14.09
C TYR C 143 8.33 -24.21 -13.74
N LEU C 144 8.96 -23.37 -14.58
CA LEU C 144 8.59 -21.96 -14.71
C LEU C 144 7.50 -21.90 -15.77
N TYR C 145 6.46 -21.12 -15.52
CA TYR C 145 5.35 -20.92 -16.48
C TYR C 145 5.35 -19.48 -16.96
N MET C 146 5.02 -19.28 -18.24
CA MET C 146 4.80 -17.94 -18.79
C MET C 146 3.51 -17.93 -19.60
N VAL C 147 2.49 -17.23 -19.10
CA VAL C 147 1.19 -17.13 -19.75
C VAL C 147 1.18 -15.97 -20.78
N MET C 148 1.29 -16.33 -22.06
CA MET C 148 1.40 -15.36 -23.15
C MET C 148 0.09 -15.27 -23.93
N GLU C 149 0.02 -14.34 -24.88
CA GLU C 149 -1.14 -14.28 -25.79
C GLU C 149 -1.02 -15.35 -26.84
N TYR C 150 -2.13 -16.03 -27.13
CA TYR C 150 -2.15 -17.09 -28.12
C TYR C 150 -2.04 -16.49 -29.53
N MET C 151 -1.18 -17.09 -30.35
CA MET C 151 -0.94 -16.67 -31.72
C MET C 151 -1.44 -17.77 -32.62
N PRO C 152 -2.72 -17.67 -33.06
CA PRO C 152 -3.37 -18.81 -33.71
C PRO C 152 -2.95 -19.03 -35.17
N GLY C 153 -2.33 -18.04 -35.79
CA GLY C 153 -1.90 -18.14 -37.18
C GLY C 153 -0.78 -19.14 -37.44
N GLY C 154 -0.02 -19.50 -36.40
CA GLY C 154 1.10 -20.42 -36.51
C GLY C 154 2.38 -19.70 -36.89
N ASP C 155 3.49 -20.44 -36.88
CA ASP C 155 4.81 -19.87 -37.23
C ASP C 155 5.10 -19.93 -38.73
N LEU C 156 6.13 -19.21 -39.15
CA LEU C 156 6.51 -19.15 -40.57
C LEU C 156 7.10 -20.45 -41.15
N VAL C 157 7.59 -21.35 -40.30
CA VAL C 157 8.00 -22.69 -40.74
C VAL C 157 6.80 -23.42 -41.36
N ASN C 158 5.64 -23.29 -40.71
CA ASN C 158 4.38 -23.85 -41.24
C ASN C 158 3.88 -23.13 -42.52
N LEU C 159 4.03 -21.81 -42.57
CA LEU C 159 3.58 -21.02 -43.72
C LEU C 159 4.36 -21.36 -44.99
N MET C 160 5.68 -21.45 -44.86
CA MET C 160 6.56 -21.83 -45.99
C MET C 160 6.39 -23.30 -46.41
N SER C 161 6.06 -24.18 -45.46
CA SER C 161 5.86 -25.61 -45.77
C SER C 161 4.49 -25.87 -46.40
N ASN C 162 3.47 -25.13 -45.99
CA ASN C 162 2.12 -25.24 -46.56
C ASN C 162 2.02 -24.53 -47.91
N TYR C 163 2.33 -23.23 -47.92
CA TYR C 163 2.24 -22.39 -49.12
C TYR C 163 3.60 -22.26 -49.79
N ASP C 164 3.60 -22.16 -51.12
CA ASP C 164 4.81 -21.90 -51.90
C ASP C 164 4.93 -20.38 -52.13
N VAL C 165 5.84 -19.75 -51.39
CA VAL C 165 5.84 -18.28 -51.21
C VAL C 165 6.32 -17.52 -52.45
N PRO C 166 5.49 -16.58 -52.96
CA PRO C 166 5.99 -15.63 -53.95
C PRO C 166 6.72 -14.46 -53.31
N GLU C 167 7.43 -13.68 -54.12
CA GLU C 167 8.24 -12.55 -53.63
C GLU C 167 7.42 -11.38 -53.08
N LYS C 168 6.19 -11.21 -53.56
CA LYS C 168 5.27 -10.19 -53.01
C LYS C 168 4.98 -10.42 -51.52
N TRP C 169 4.78 -11.69 -51.16
CA TRP C 169 4.65 -12.09 -49.74
C TRP C 169 5.96 -11.93 -48.96
N ALA C 170 7.08 -12.28 -49.59
CA ALA C 170 8.40 -12.21 -48.93
C ALA C 170 8.84 -10.79 -48.61
N LYS C 171 8.51 -9.84 -49.48
CA LYS C 171 8.66 -8.40 -49.16
C LYS C 171 7.98 -8.06 -47.84
N PHE C 172 6.73 -8.49 -47.72
CA PHE C 172 5.89 -8.24 -46.55
C PHE C 172 6.53 -8.76 -45.25
N TYR C 173 6.71 -10.08 -45.16
CA TYR C 173 7.19 -10.74 -43.93
C TYR C 173 8.62 -10.32 -43.53
N THR C 174 9.51 -10.16 -44.52
CA THR C 174 10.85 -9.63 -44.27
C THR C 174 10.80 -8.22 -43.69
N ALA C 175 9.89 -7.40 -44.21
CA ALA C 175 9.69 -6.05 -43.72
C ALA C 175 9.30 -6.09 -42.25
N GLU C 176 8.32 -6.95 -41.92
CA GLU C 176 7.83 -7.05 -40.54
C GLU C 176 8.92 -7.55 -39.57
N VAL C 177 9.72 -8.51 -40.00
CA VAL C 177 10.90 -8.97 -39.23
C VAL C 177 11.88 -7.83 -38.93
N VAL C 178 12.13 -6.98 -39.93
CA VAL C 178 13.04 -5.84 -39.77
C VAL C 178 12.52 -4.87 -38.73
N LEU C 179 11.24 -4.51 -38.83
CA LEU C 179 10.59 -3.64 -37.83
C LEU C 179 10.53 -4.30 -36.46
N ALA C 180 10.31 -5.61 -36.40
CA ALA C 180 10.35 -6.35 -35.13
C ALA C 180 11.76 -6.36 -34.54
N LEU C 181 12.76 -6.65 -35.37
CA LEU C 181 14.15 -6.66 -34.91
C LEU C 181 14.64 -5.26 -34.55
N ASP C 182 14.17 -4.24 -35.27
CA ASP C 182 14.52 -2.85 -34.95
C ASP C 182 13.98 -2.45 -33.58
N ALA C 183 12.74 -2.87 -33.29
CA ALA C 183 12.12 -2.71 -31.97
C ALA C 183 13.00 -3.32 -30.86
N ILE C 184 13.38 -4.58 -31.05
CA ILE C 184 14.20 -5.31 -30.07
C ILE C 184 15.57 -4.64 -29.90
N HIS C 185 16.19 -4.21 -31.00
CA HIS C 185 17.42 -3.41 -30.93
C HIS C 185 17.20 -2.09 -30.20
N SER C 186 16.06 -1.44 -30.45
CA SER C 186 15.71 -0.18 -29.77
C SER C 186 15.44 -0.32 -28.25
N MET C 187 15.29 -1.56 -27.76
CA MET C 187 15.30 -1.85 -26.31
C MET C 187 16.70 -2.26 -25.81
N GLY C 188 17.72 -2.09 -26.64
CA GLY C 188 19.10 -2.46 -26.30
C GLY C 188 19.35 -3.96 -26.27
N LEU C 189 18.70 -4.72 -27.16
CA LEU C 189 18.79 -6.19 -27.17
C LEU C 189 19.06 -6.75 -28.56
N ILE C 190 20.16 -7.51 -28.69
CA ILE C 190 20.44 -8.32 -29.89
C ILE C 190 19.65 -9.62 -29.77
N HIS C 191 18.89 -9.98 -30.79
CA HIS C 191 18.09 -11.22 -30.77
C HIS C 191 19.01 -12.44 -30.91
N ARG C 192 19.84 -12.41 -31.94
CA ARG C 192 20.83 -13.44 -32.29
C ARG C 192 20.31 -14.90 -32.29
N ASP C 193 19.05 -15.05 -32.72
CA ASP C 193 18.45 -16.34 -33.06
C ASP C 193 17.16 -16.11 -33.88
N VAL C 194 17.28 -15.30 -34.94
CA VAL C 194 16.15 -14.99 -35.81
C VAL C 194 15.97 -16.15 -36.77
N LYS C 195 14.72 -16.62 -36.91
CA LYS C 195 14.37 -17.75 -37.78
C LYS C 195 12.84 -17.96 -37.84
N PRO C 196 12.35 -18.62 -38.89
CA PRO C 196 10.90 -18.84 -39.02
C PRO C 196 10.24 -19.65 -37.90
N ASP C 197 11.01 -20.47 -37.18
CA ASP C 197 10.49 -21.18 -35.99
C ASP C 197 10.04 -20.18 -34.91
N ASN C 198 10.75 -19.05 -34.80
CA ASN C 198 10.55 -18.06 -33.75
C ASN C 198 9.71 -16.84 -34.20
N MET C 199 9.16 -16.89 -35.41
CA MET C 199 8.29 -15.84 -35.92
C MET C 199 6.87 -16.40 -35.92
N LEU C 200 6.00 -15.85 -35.09
CA LEU C 200 4.61 -16.30 -34.99
C LEU C 200 3.68 -15.29 -35.68
N LEU C 201 2.55 -15.78 -36.20
CA LEU C 201 1.55 -14.93 -36.87
C LEU C 201 0.25 -14.88 -36.07
N ASP C 202 -0.27 -13.66 -35.89
CA ASP C 202 -1.43 -13.41 -35.03
C ASP C 202 -2.76 -13.78 -35.72
N LYS C 203 -3.89 -13.40 -35.10
CA LYS C 203 -5.24 -13.61 -35.65
C LYS C 203 -5.36 -13.16 -37.12
N HIS C 204 -4.72 -12.03 -37.43
CA HIS C 204 -4.81 -11.39 -38.74
C HIS C 204 -3.67 -11.75 -39.71
N GLY C 205 -2.75 -12.62 -39.31
CA GLY C 205 -1.60 -12.99 -40.15
C GLY C 205 -0.47 -11.98 -40.21
N HIS C 206 -0.36 -11.14 -39.17
CA HIS C 206 0.73 -10.19 -39.00
C HIS C 206 1.71 -10.75 -37.98
N LEU C 207 3.00 -10.57 -38.26
CA LEU C 207 4.09 -11.24 -37.54
C LEU C 207 4.22 -10.74 -36.11
N LYS C 208 4.63 -11.64 -35.21
CA LYS C 208 5.13 -11.27 -33.88
C LYS C 208 6.33 -12.16 -33.55
N LEU C 209 7.43 -11.57 -33.08
CA LEU C 209 8.57 -12.35 -32.57
C LEU C 209 8.13 -12.99 -31.24
N ALA C 210 8.56 -14.23 -30.99
CA ALA C 210 7.99 -15.02 -29.89
C ALA C 210 8.86 -16.14 -29.31
N ASP C 211 10.17 -15.91 -29.22
CA ASP C 211 11.05 -16.66 -28.30
C ASP C 211 12.32 -15.86 -28.16
N PHE C 212 12.71 -15.56 -26.92
CA PHE C 212 13.80 -14.63 -26.66
C PHE C 212 14.86 -15.23 -25.74
N GLY C 213 15.13 -16.52 -25.91
CA GLY C 213 16.10 -17.24 -25.09
C GLY C 213 17.55 -16.88 -25.37
N THR C 214 17.87 -16.71 -26.66
CA THR C 214 19.22 -16.32 -27.08
C THR C 214 19.50 -14.81 -26.91
N CYS C 215 18.44 -14.00 -26.76
CA CYS C 215 18.57 -12.53 -26.65
C CYS C 215 19.50 -12.05 -25.51
N MET C 216 20.31 -11.02 -25.80
CA MET C 216 21.33 -10.52 -24.88
C MET C 216 21.39 -8.98 -24.90
N LYS C 217 21.76 -8.39 -23.77
CA LYS C 217 21.75 -6.94 -23.59
C LYS C 217 23.04 -6.30 -24.11
N MET C 218 22.91 -5.25 -24.92
CA MET C 218 24.06 -4.58 -25.55
C MET C 218 24.82 -3.67 -24.58
N ASP C 219 25.99 -3.22 -25.04
CA ASP C 219 26.83 -2.23 -24.34
C ASP C 219 26.36 -0.79 -24.63
N GLU C 220 27.11 0.19 -24.12
CA GLU C 220 26.88 1.61 -24.44
C GLU C 220 27.11 1.95 -25.91
N THR C 221 28.07 1.26 -26.55
CA THR C 221 28.33 1.39 -27.99
C THR C 221 27.25 0.70 -28.83
N GLY C 222 26.95 -0.56 -28.49
CA GLY C 222 26.08 -1.42 -29.30
C GLY C 222 26.62 -2.83 -29.52
N MET C 223 27.91 -3.02 -29.26
CA MET C 223 28.55 -4.34 -29.35
C MET C 223 28.17 -5.20 -28.14
N VAL C 224 28.34 -6.52 -28.29
CA VAL C 224 28.19 -7.48 -27.19
C VAL C 224 29.48 -8.32 -27.06
N HIS C 225 29.84 -8.69 -25.82
CA HIS C 225 30.99 -9.57 -25.54
C HIS C 225 30.49 -10.94 -25.08
N CYS C 226 30.62 -11.97 -25.93
CA CYS C 226 30.15 -13.32 -25.62
C CYS C 226 31.11 -14.41 -26.11
N ASP C 227 31.44 -15.33 -25.20
CA ASP C 227 32.41 -16.41 -25.47
C ASP C 227 31.78 -17.61 -26.17
N THR C 228 30.57 -17.97 -25.79
CA THR C 228 29.85 -19.12 -26.37
C THR C 228 29.07 -18.72 -27.62
N ALA C 229 29.17 -19.55 -28.67
CA ALA C 229 28.34 -19.42 -29.87
C ALA C 229 26.92 -19.91 -29.56
N VAL C 230 25.92 -19.21 -30.11
CA VAL C 230 24.51 -19.46 -29.78
C VAL C 230 23.60 -19.30 -31.00
N GLY C 231 22.48 -20.01 -30.99
CA GLY C 231 21.50 -19.99 -32.09
C GLY C 231 21.43 -21.31 -32.83
N THR C 232 20.43 -21.43 -33.71
CA THR C 232 20.23 -22.64 -34.54
C THR C 232 21.29 -22.68 -35.65
N PRO C 233 21.91 -23.86 -35.91
CA PRO C 233 23.03 -23.99 -36.89
C PRO C 233 22.82 -23.34 -38.26
N ASP C 234 21.65 -23.52 -38.85
CA ASP C 234 21.36 -23.02 -40.21
C ASP C 234 21.39 -21.50 -40.36
N TYR C 235 21.01 -20.78 -39.30
CA TYR C 235 20.89 -19.32 -39.33
C TYR C 235 21.98 -18.58 -38.55
N ILE C 236 22.94 -19.31 -37.96
CA ILE C 236 24.02 -18.71 -37.16
C ILE C 236 25.00 -17.93 -38.07
N SER C 237 25.35 -16.72 -37.65
CA SER C 237 26.21 -15.85 -38.45
C SER C 237 27.66 -16.28 -38.24
N PRO C 238 28.51 -16.12 -39.27
CA PRO C 238 29.92 -16.54 -39.15
C PRO C 238 30.67 -15.88 -37.99
N GLU C 239 30.36 -14.60 -37.71
CA GLU C 239 30.87 -13.87 -36.54
C GLU C 239 30.53 -14.52 -35.19
N VAL C 240 29.31 -15.05 -35.06
CA VAL C 240 28.90 -15.78 -33.85
C VAL C 240 29.47 -17.21 -33.85
N LEU C 241 29.60 -17.83 -35.02
CA LEU C 241 30.38 -19.08 -35.16
C LEU C 241 31.83 -18.86 -34.75
N LYS C 242 32.42 -17.77 -35.24
CA LYS C 242 33.82 -17.41 -34.95
C LYS C 242 34.05 -16.92 -33.51
N SER C 243 32.97 -16.50 -32.83
CA SER C 243 33.06 -16.08 -31.43
C SER C 243 33.30 -17.25 -30.47
N GLN C 244 32.89 -18.47 -30.86
CA GLN C 244 33.14 -19.67 -30.04
C GLN C 244 34.62 -19.86 -29.72
N GLY C 245 35.48 -19.60 -30.71
CA GLY C 245 36.94 -19.74 -30.57
C GLY C 245 37.65 -18.52 -30.00
N GLY C 246 37.22 -18.07 -28.82
CA GLY C 246 37.88 -17.00 -28.07
C GLY C 246 37.05 -15.73 -27.94
N ASP C 247 37.73 -14.57 -27.98
CA ASP C 247 37.10 -13.28 -27.79
C ASP C 247 36.27 -12.90 -29.01
N GLY C 248 34.99 -12.61 -28.80
CA GLY C 248 34.05 -12.23 -29.86
C GLY C 248 33.33 -10.94 -29.54
N PHE C 249 33.72 -9.85 -30.22
CA PHE C 249 33.01 -8.57 -30.17
C PHE C 249 32.16 -8.40 -31.44
N TYR C 250 30.86 -8.17 -31.26
CA TYR C 250 29.94 -7.98 -32.39
C TYR C 250 28.63 -7.32 -31.98
N GLY C 251 28.06 -6.54 -32.89
CA GLY C 251 26.87 -5.73 -32.62
C GLY C 251 25.59 -6.38 -33.11
N ARG C 252 24.62 -5.55 -33.48
CA ARG C 252 23.30 -6.02 -33.92
C ARG C 252 23.29 -6.55 -35.37
N GLU C 253 24.40 -6.43 -36.08
CA GLU C 253 24.54 -6.93 -37.46
C GLU C 253 24.27 -8.43 -37.62
N CYS C 254 24.59 -9.22 -36.59
CA CYS C 254 24.35 -10.67 -36.63
C CYS C 254 22.89 -11.04 -36.91
N ASP C 255 21.94 -10.24 -36.40
CA ASP C 255 20.52 -10.41 -36.72
C ASP C 255 20.19 -10.28 -38.21
N TRP C 256 20.88 -9.38 -38.90
CA TRP C 256 20.58 -9.13 -40.32
C TRP C 256 21.09 -10.26 -41.23
N TRP C 257 22.17 -10.93 -40.81
CA TRP C 257 22.60 -12.19 -41.45
C TRP C 257 21.44 -13.18 -41.44
N SER C 258 20.78 -13.32 -40.29
CA SER C 258 19.67 -14.25 -40.15
C SER C 258 18.45 -13.84 -40.97
N VAL C 259 18.21 -12.54 -41.06
CA VAL C 259 17.16 -12.02 -41.96
C VAL C 259 17.56 -12.32 -43.41
N GLY C 260 18.85 -12.22 -43.71
CA GLY C 260 19.39 -12.66 -45.00
C GLY C 260 19.13 -14.13 -45.28
N VAL C 261 19.43 -14.98 -44.29
CA VAL C 261 19.21 -16.43 -44.39
C VAL C 261 17.71 -16.72 -44.53
N PHE C 262 16.90 -15.97 -43.80
CA PHE C 262 15.44 -16.12 -43.81
C PHE C 262 14.83 -15.86 -45.19
N LEU C 263 15.29 -14.81 -45.87
CA LEU C 263 14.75 -14.45 -47.20
C LEU C 263 15.12 -15.47 -48.28
N TYR C 264 16.37 -15.93 -48.26
CA TYR C 264 16.84 -17.01 -49.15
C TYR C 264 15.93 -18.23 -49.05
N GLU C 265 15.59 -18.60 -47.82
CA GLU C 265 14.74 -19.77 -47.56
C GLU C 265 13.34 -19.65 -48.17
N MET C 266 12.75 -18.47 -48.05
CA MET C 266 11.38 -18.24 -48.52
C MET C 266 11.21 -18.35 -50.03
N LEU C 267 12.16 -17.79 -50.76
CA LEU C 267 12.10 -17.74 -52.22
C LEU C 267 12.70 -19.00 -52.87
N VAL C 268 13.79 -19.52 -52.30
CA VAL C 268 14.47 -20.71 -52.83
C VAL C 268 13.88 -22.04 -52.29
N GLY C 269 13.19 -21.99 -51.15
CA GLY C 269 12.57 -23.19 -50.56
C GLY C 269 13.47 -24.09 -49.72
N ASP C 270 14.75 -23.75 -49.61
CA ASP C 270 15.71 -24.45 -48.74
C ASP C 270 16.70 -23.45 -48.13
N THR C 271 17.35 -23.84 -47.03
CA THR C 271 18.28 -22.93 -46.32
C THR C 271 19.64 -22.91 -47.01
N PRO C 272 20.25 -21.71 -47.17
CA PRO C 272 21.41 -21.47 -48.03
C PRO C 272 22.66 -22.33 -47.80
N PHE C 273 22.87 -22.79 -46.57
CA PHE C 273 24.07 -23.55 -46.20
C PHE C 273 23.68 -24.92 -45.64
N TYR C 274 22.71 -25.55 -46.30
CA TYR C 274 22.20 -26.85 -45.85
C TYR C 274 23.26 -27.95 -46.07
N ALA C 275 23.33 -28.85 -45.08
CA ALA C 275 24.24 -29.98 -45.10
C ALA C 275 23.63 -31.10 -44.24
N ASP C 276 23.95 -32.34 -44.57
CA ASP C 276 23.40 -33.50 -43.85
C ASP C 276 23.97 -33.67 -42.44
N SER C 277 25.11 -33.02 -42.16
CA SER C 277 25.65 -32.90 -40.80
C SER C 277 25.77 -31.44 -40.39
N LEU C 278 25.70 -31.19 -39.09
CA LEU C 278 25.95 -29.84 -38.55
C LEU C 278 27.39 -29.40 -38.80
N VAL C 279 28.34 -30.35 -38.77
CA VAL C 279 29.75 -30.06 -39.02
C VAL C 279 29.93 -29.47 -40.43
N GLY C 280 29.21 -30.03 -41.40
CA GLY C 280 29.19 -29.50 -42.77
C GLY C 280 28.57 -28.12 -42.92
N THR C 281 27.52 -27.86 -42.14
CA THR C 281 26.84 -26.56 -42.16
C THR C 281 27.72 -25.42 -41.67
N TYR C 282 28.43 -25.64 -40.56
CA TYR C 282 29.43 -24.68 -40.05
C TYR C 282 30.58 -24.47 -41.03
N SER C 283 30.97 -25.52 -41.75
CA SER C 283 32.01 -25.40 -42.80
C SER C 283 31.52 -24.59 -44.01
N LYS C 284 30.24 -24.70 -44.35
CA LYS C 284 29.65 -23.94 -45.46
C LYS C 284 29.45 -22.46 -45.09
N ILE C 285 28.96 -22.22 -43.87
CA ILE C 285 28.75 -20.87 -43.32
C ILE C 285 30.07 -20.08 -43.28
N MET C 286 31.14 -20.74 -42.85
CA MET C 286 32.48 -20.13 -42.79
C MET C 286 33.07 -19.82 -44.18
N ASP C 287 32.67 -20.60 -45.19
CA ASP C 287 33.11 -20.40 -46.58
C ASP C 287 31.97 -19.83 -47.45
N HIS C 288 31.25 -18.84 -46.92
CA HIS C 288 30.06 -18.29 -47.57
C HIS C 288 30.32 -17.51 -48.86
N LYS C 289 31.54 -16.98 -49.01
CA LYS C 289 31.94 -16.29 -50.23
C LYS C 289 31.85 -17.18 -51.48
N ASN C 290 32.27 -18.44 -51.33
CA ASN C 290 32.22 -19.43 -52.42
C ASN C 290 31.00 -20.36 -52.37
N SER C 291 30.54 -20.69 -51.17
CA SER C 291 29.46 -21.69 -50.99
C SER C 291 28.04 -21.17 -51.24
N LEU C 292 27.81 -19.87 -51.03
CA LEU C 292 26.48 -19.29 -51.27
C LEU C 292 26.20 -19.17 -52.76
N CYS C 293 25.26 -19.97 -53.26
CA CYS C 293 24.80 -19.92 -54.65
C CYS C 293 23.37 -20.41 -54.80
N PHE C 294 22.72 -19.99 -55.89
CA PHE C 294 21.30 -20.30 -56.14
C PHE C 294 21.18 -21.44 -57.16
N PRO C 295 20.07 -22.22 -57.10
CA PRO C 295 19.77 -23.11 -58.22
C PRO C 295 19.35 -22.37 -59.49
N GLU C 296 19.65 -22.95 -60.65
CA GLU C 296 19.21 -22.39 -61.94
C GLU C 296 17.68 -22.40 -62.04
N ASP C 297 17.08 -23.54 -61.72
CA ASP C 297 15.62 -23.68 -61.62
C ASP C 297 15.04 -22.91 -60.41
N ALA C 298 15.00 -21.59 -60.56
CA ALA C 298 14.58 -20.67 -59.49
C ALA C 298 14.34 -19.28 -60.08
N GLU C 299 13.23 -18.66 -59.72
CA GLU C 299 12.77 -17.39 -60.31
C GLU C 299 12.88 -16.22 -59.32
N ILE C 300 14.02 -16.13 -58.63
CA ILE C 300 14.28 -15.04 -57.69
C ILE C 300 14.73 -13.79 -58.44
N SER C 301 14.04 -12.68 -58.22
CA SER C 301 14.31 -11.41 -58.92
C SER C 301 15.65 -10.80 -58.49
N LYS C 302 16.16 -9.91 -59.33
CA LYS C 302 17.48 -9.28 -59.13
C LYS C 302 17.55 -8.46 -57.84
N HIS C 303 16.50 -7.69 -57.55
CA HIS C 303 16.40 -6.95 -56.28
C HIS C 303 16.27 -7.88 -55.07
N ALA C 304 15.62 -9.04 -55.27
CA ALA C 304 15.59 -10.09 -54.26
C ALA C 304 16.99 -10.68 -54.03
N LYS C 305 17.68 -11.00 -55.13
CA LYS C 305 19.06 -11.50 -55.07
C LYS C 305 20.06 -10.44 -54.54
N ASN C 306 19.81 -9.17 -54.84
CA ASN C 306 20.64 -8.05 -54.36
C ASN C 306 20.55 -7.90 -52.83
N LEU C 307 19.35 -8.11 -52.28
CA LEU C 307 19.13 -8.00 -50.84
C LEU C 307 19.82 -9.11 -50.04
N ILE C 308 19.72 -10.35 -50.51
CA ILE C 308 20.26 -11.52 -49.78
C ILE C 308 21.79 -11.47 -49.70
N CYS C 309 22.43 -11.19 -50.82
CA CYS C 309 23.88 -11.03 -50.87
C CYS C 309 24.35 -9.78 -50.10
N ALA C 310 23.47 -8.77 -49.99
CA ALA C 310 23.72 -7.61 -49.13
C ALA C 310 23.79 -8.01 -47.65
N PHE C 311 22.92 -8.93 -47.25
CA PHE C 311 22.89 -9.44 -45.88
C PHE C 311 23.96 -10.51 -45.59
N LEU C 312 24.10 -11.48 -46.48
CA LEU C 312 25.01 -12.61 -46.28
C LEU C 312 26.45 -12.29 -46.73
N THR C 313 27.00 -11.24 -46.12
CA THR C 313 28.39 -10.82 -46.32
C THR C 313 29.01 -10.57 -44.95
N ASP C 314 30.30 -10.25 -44.91
CA ASP C 314 31.00 -9.95 -43.66
C ASP C 314 30.44 -8.67 -43.04
N ARG C 315 30.46 -8.59 -41.71
CA ARG C 315 29.87 -7.46 -40.95
C ARG C 315 30.37 -6.07 -41.37
N GLU C 316 31.61 -6.00 -41.86
CA GLU C 316 32.21 -4.77 -42.41
C GLU C 316 31.46 -4.19 -43.61
N VAL C 317 30.89 -5.05 -44.46
CA VAL C 317 30.18 -4.63 -45.68
C VAL C 317 28.70 -5.01 -45.71
N ARG C 318 28.15 -5.43 -44.56
CA ARG C 318 26.78 -5.92 -44.49
C ARG C 318 25.77 -4.78 -44.44
N LEU C 319 24.57 -5.03 -44.98
CA LEU C 319 23.48 -4.04 -44.96
C LEU C 319 22.88 -3.99 -43.56
N GLY C 320 23.21 -2.94 -42.81
CA GLY C 320 22.87 -2.84 -41.38
C GLY C 320 23.83 -2.06 -40.48
N ARG C 321 25.08 -1.88 -40.94
CA ARG C 321 26.07 -1.05 -40.22
C ARG C 321 25.58 0.39 -40.02
N ASN C 322 24.94 0.95 -41.04
CA ASN C 322 24.37 2.30 -40.97
C ASN C 322 22.87 2.28 -40.59
N GLY C 323 22.51 1.43 -39.64
CA GLY C 323 21.16 1.40 -39.07
C GLY C 323 20.08 0.76 -39.94
N VAL C 324 18.86 0.77 -39.44
CA VAL C 324 17.70 0.23 -40.15
C VAL C 324 17.31 1.02 -41.41
N GLU C 325 17.70 2.30 -41.46
CA GLU C 325 17.38 3.19 -42.58
C GLU C 325 17.76 2.61 -43.95
N GLU C 326 19.00 2.11 -44.06
CA GLU C 326 19.51 1.57 -45.33
C GLU C 326 18.87 0.23 -45.73
N ILE C 327 18.35 -0.52 -44.76
CA ILE C 327 17.54 -1.71 -45.07
C ILE C 327 16.22 -1.32 -45.75
N ARG C 328 15.52 -0.33 -45.18
CA ARG C 328 14.19 0.06 -45.66
C ARG C 328 14.16 0.66 -47.07
N GLN C 329 15.20 1.42 -47.43
CA GLN C 329 15.27 2.08 -48.75
C GLN C 329 15.95 1.22 -49.84
N HIS C 330 15.88 -0.11 -49.71
CA HIS C 330 16.32 -1.05 -50.76
C HIS C 330 15.18 -1.19 -51.78
N PRO C 331 15.50 -1.41 -53.07
CA PRO C 331 14.42 -1.47 -54.08
C PRO C 331 13.48 -2.69 -54.02
N PHE C 332 13.88 -3.75 -53.31
CA PHE C 332 13.03 -4.95 -53.14
C PHE C 332 11.75 -4.62 -52.38
N PHE C 333 11.87 -3.84 -51.31
CA PHE C 333 10.73 -3.47 -50.46
C PHE C 333 9.72 -2.54 -51.14
N LYS C 334 10.18 -1.74 -52.09
CA LYS C 334 9.37 -0.67 -52.67
C LYS C 334 8.19 -1.22 -53.49
N ASN C 335 6.97 -0.92 -53.04
CA ASN C 335 5.73 -1.39 -53.67
C ASN C 335 4.57 -0.43 -53.35
N ASP C 336 3.33 -0.83 -53.70
CA ASP C 336 2.12 -0.01 -53.44
C ASP C 336 0.98 -0.79 -52.76
N GLN C 337 1.33 -1.61 -51.77
CA GLN C 337 0.39 -2.17 -50.79
C GLN C 337 0.56 -1.52 -49.42
N TRP C 338 1.81 -1.31 -49.00
CA TRP C 338 2.12 -0.85 -47.64
C TRP C 338 3.28 0.13 -47.59
N HIS C 339 3.21 1.07 -46.65
CA HIS C 339 4.34 1.90 -46.23
C HIS C 339 4.89 1.33 -44.92
N TRP C 340 6.07 1.78 -44.52
CA TRP C 340 6.70 1.32 -43.27
C TRP C 340 5.94 1.77 -42.01
N ASP C 341 5.37 2.98 -42.07
CA ASP C 341 4.59 3.53 -40.95
C ASP C 341 3.23 2.87 -40.73
N ASN C 342 2.69 2.19 -41.75
CA ASN C 342 1.35 1.56 -41.68
C ASN C 342 1.27 0.08 -42.11
N ILE C 343 2.41 -0.59 -42.22
CA ILE C 343 2.47 -2.00 -42.67
C ILE C 343 1.58 -2.94 -41.86
N ARG C 344 1.62 -2.83 -40.54
CA ARG C 344 0.85 -3.76 -39.67
C ARG C 344 -0.66 -3.49 -39.67
N GLU C 345 -1.09 -2.35 -40.21
CA GLU C 345 -2.50 -2.06 -40.46
C GLU C 345 -2.83 -2.14 -41.96
N THR C 346 -2.21 -3.10 -42.66
CA THR C 346 -2.54 -3.43 -44.06
C THR C 346 -2.95 -4.90 -44.18
N ALA C 347 -3.50 -5.27 -45.33
CA ALA C 347 -4.03 -6.61 -45.56
C ALA C 347 -2.91 -7.65 -45.65
N ALA C 348 -2.85 -8.55 -44.67
CA ALA C 348 -1.80 -9.57 -44.60
C ALA C 348 -1.95 -10.60 -45.72
N PRO C 349 -0.86 -11.28 -46.12
CA PRO C 349 -0.97 -12.27 -47.20
C PRO C 349 -1.83 -13.49 -46.86
N VAL C 350 -1.66 -14.04 -45.66
CA VAL C 350 -2.33 -15.27 -45.26
C VAL C 350 -3.16 -15.04 -43.99
N VAL C 351 -4.40 -14.61 -44.17
CA VAL C 351 -5.33 -14.48 -43.05
C VAL C 351 -5.92 -15.87 -42.76
N PRO C 352 -5.66 -16.41 -41.56
CA PRO C 352 -6.11 -17.78 -41.25
C PRO C 352 -7.63 -17.90 -41.11
N GLU C 353 -8.16 -19.06 -41.51
CA GLU C 353 -9.58 -19.39 -41.34
C GLU C 353 -9.74 -20.03 -39.97
N LEU C 354 -10.21 -19.24 -38.99
CA LEU C 354 -10.30 -19.65 -37.59
C LEU C 354 -11.76 -19.76 -37.15
N SER C 355 -12.21 -21.00 -36.92
CA SER C 355 -13.59 -21.28 -36.51
C SER C 355 -13.87 -20.80 -35.08
N SER C 356 -13.01 -21.21 -34.15
CA SER C 356 -13.20 -20.98 -32.71
C SER C 356 -11.98 -20.32 -32.06
N ASP C 357 -12.11 -19.95 -30.79
CA ASP C 357 -10.99 -19.38 -30.00
C ASP C 357 -9.90 -20.38 -29.60
N ILE C 358 -10.21 -21.68 -29.68
CA ILE C 358 -9.24 -22.75 -29.43
C ILE C 358 -8.85 -23.50 -30.73
N ASP C 359 -8.85 -22.78 -31.86
CA ASP C 359 -8.51 -23.36 -33.17
C ASP C 359 -6.98 -23.51 -33.29
N SER C 360 -6.50 -24.75 -33.14
CA SER C 360 -5.08 -25.08 -33.25
C SER C 360 -4.74 -25.87 -34.53
N SER C 361 -5.45 -25.56 -35.62
CA SER C 361 -5.28 -26.26 -36.91
C SER C 361 -3.99 -25.84 -37.62
N ASN C 362 -3.55 -24.61 -37.38
CA ASN C 362 -2.29 -24.10 -37.95
C ASN C 362 -1.06 -24.74 -37.32
N PHE C 363 -1.14 -25.08 -36.04
CA PHE C 363 -0.08 -25.85 -35.37
C PHE C 363 -0.29 -27.33 -35.61
N ASP C 364 0.81 -28.08 -35.53
CA ASP C 364 0.79 -29.52 -35.76
C ASP C 364 0.59 -30.27 -34.44
N ASP C 365 0.33 -31.57 -34.54
CA ASP C 365 0.22 -32.45 -33.37
C ASP C 365 1.62 -32.78 -32.84
N ILE C 366 1.65 -33.19 -31.56
CA ILE C 366 2.89 -33.56 -30.88
C ILE C 366 2.69 -34.92 -30.18
N GLU C 367 3.76 -35.72 -30.13
CA GLU C 367 3.76 -37.01 -29.44
C GLU C 367 5.09 -37.24 -28.73
N ASP C 368 5.07 -38.06 -27.67
CA ASP C 368 6.29 -38.47 -26.95
C ASP C 368 6.97 -39.66 -27.63
N VAL C 373 9.01 -38.89 -17.77
CA VAL C 373 9.48 -37.62 -17.21
C VAL C 373 10.47 -37.85 -16.07
N GLU C 374 11.42 -36.92 -15.90
CA GLU C 374 12.45 -37.00 -14.85
C GLU C 374 12.54 -35.71 -14.05
N THR C 375 13.07 -35.83 -12.83
CA THR C 375 13.03 -34.77 -11.81
C THR C 375 14.36 -34.69 -11.05
N PHE C 376 14.43 -33.77 -10.08
CA PHE C 376 15.62 -33.63 -9.21
C PHE C 376 15.83 -34.87 -8.31
N PRO C 377 17.09 -35.13 -7.90
CA PRO C 377 17.36 -36.15 -6.86
C PRO C 377 17.19 -35.57 -5.44
N ILE C 378 16.71 -36.41 -4.52
CA ILE C 378 16.50 -36.01 -3.13
C ILE C 378 17.87 -35.78 -2.46
N PRO C 379 18.19 -34.52 -2.11
CA PRO C 379 19.55 -34.22 -1.64
C PRO C 379 19.79 -34.57 -0.17
N LYS C 380 21.05 -34.80 0.17
CA LYS C 380 21.49 -35.07 1.55
C LYS C 380 21.83 -33.75 2.24
N ALA C 381 22.61 -32.91 1.56
CA ALA C 381 22.96 -31.56 2.01
C ALA C 381 22.05 -30.51 1.35
N PHE C 382 22.29 -29.23 1.65
CA PHE C 382 21.59 -28.13 0.98
C PHE C 382 22.22 -27.91 -0.39
N VAL C 383 21.43 -28.09 -1.45
CA VAL C 383 21.88 -27.90 -2.84
C VAL C 383 21.29 -26.61 -3.42
N GLY C 384 20.00 -26.35 -3.17
CA GLY C 384 19.38 -25.08 -3.54
C GLY C 384 19.06 -24.93 -5.02
N ASN C 385 18.27 -25.87 -5.55
CA ASN C 385 17.86 -25.84 -6.96
C ASN C 385 16.83 -24.75 -7.33
N GLN C 386 16.15 -24.19 -6.34
CA GLN C 386 15.15 -23.13 -6.56
C GLN C 386 15.71 -21.71 -6.46
N LEU C 387 16.99 -21.55 -6.13
CA LEU C 387 17.60 -20.23 -5.92
C LEU C 387 17.74 -19.41 -7.22
N PRO C 388 18.05 -20.07 -8.36
CA PRO C 388 18.08 -19.33 -9.63
C PRO C 388 16.74 -18.78 -10.14
N PHE C 389 15.62 -19.30 -9.61
CA PHE C 389 14.27 -18.89 -10.02
C PHE C 389 13.53 -17.99 -9.00
N ILE C 390 14.26 -17.48 -8.00
CA ILE C 390 13.71 -16.52 -7.06
C ILE C 390 13.52 -15.19 -7.78
N GLY C 391 12.27 -14.72 -7.83
CA GLY C 391 11.93 -13.42 -8.44
C GLY C 391 11.35 -13.53 -9.84
N PHE C 392 11.14 -14.76 -10.31
CA PHE C 392 10.57 -15.00 -11.64
C PHE C 392 9.09 -14.66 -11.71
N THR C 393 8.37 -14.83 -10.59
CA THR C 393 6.93 -14.58 -10.57
C THR C 393 6.60 -13.14 -10.98
N TYR C 394 5.53 -12.99 -11.77
CA TYR C 394 5.07 -11.69 -12.25
C TYR C 394 3.57 -11.70 -12.54
N TYR C 395 2.88 -10.66 -12.06
CA TYR C 395 1.46 -10.45 -12.33
C TYR C 395 1.26 -9.04 -12.91
N ARG C 396 0.47 -8.94 -13.99
CA ARG C 396 0.23 -7.67 -14.68
C ARG C 396 -0.72 -6.79 -13.88
N GLY D 2 -9.26 0.55 18.08
CA GLY D 2 -8.04 1.28 17.62
C GLY D 2 -7.39 0.59 16.43
N ALA D 3 -6.59 -0.44 16.70
CA ALA D 3 -5.99 -1.27 15.65
C ALA D 3 -7.06 -1.97 14.79
N SER D 4 -8.11 -2.46 15.44
CA SER D 4 -9.25 -3.07 14.73
C SER D 4 -10.07 -2.03 13.97
N ARG D 5 -10.35 -0.89 14.61
CA ARG D 5 -11.08 0.21 13.97
C ARG D 5 -10.30 0.75 12.77
N GLN D 6 -8.99 0.88 12.92
CA GLN D 6 -8.15 1.39 11.82
C GLN D 6 -7.93 0.35 10.71
N ARG D 7 -7.92 -0.94 11.07
CA ARG D 7 -7.90 -2.02 10.06
C ARG D 7 -9.21 -2.07 9.27
N LYS D 8 -10.34 -2.02 9.99
CA LYS D 8 -11.69 -1.91 9.38
C LYS D 8 -11.75 -0.77 8.39
N LEU D 9 -11.26 0.39 8.81
CA LEU D 9 -11.21 1.58 7.96
C LEU D 9 -10.29 1.39 6.75
N GLU D 10 -9.16 0.71 6.94
CA GLU D 10 -8.23 0.39 5.85
C GLU D 10 -8.86 -0.58 4.87
N ALA D 11 -9.59 -1.56 5.39
CA ALA D 11 -10.32 -2.53 4.58
C ALA D 11 -11.31 -1.89 3.59
N LEU D 12 -12.01 -0.85 4.04
CA LEU D 12 -12.94 -0.10 3.18
C LEU D 12 -12.24 0.63 2.03
N ILE D 13 -11.00 1.05 2.23
CA ILE D 13 -10.31 1.92 1.26
C ILE D 13 -9.62 1.15 0.11
N ARG D 14 -9.15 -0.07 0.35
CA ARG D 14 -8.48 -0.86 -0.70
C ARG D 14 -9.38 -1.81 -1.49
N ASP D 15 -10.66 -1.86 -1.14
CA ASP D 15 -11.66 -2.61 -1.91
C ASP D 15 -11.95 -1.84 -3.20
N PRO D 16 -11.79 -2.49 -4.38
CA PRO D 16 -12.14 -1.79 -5.63
C PRO D 16 -13.63 -1.49 -5.75
N ARG D 17 -14.47 -2.35 -5.17
CA ARG D 17 -15.93 -2.14 -5.10
C ARG D 17 -16.37 -0.99 -4.18
N SER D 18 -15.50 -0.51 -3.31
CA SER D 18 -15.87 0.51 -2.32
C SER D 18 -16.23 1.88 -2.94
N PRO D 19 -17.21 2.59 -2.36
CA PRO D 19 -17.44 3.97 -2.75
C PRO D 19 -16.37 4.96 -2.25
N ILE D 20 -15.58 4.55 -1.24
CA ILE D 20 -14.49 5.38 -0.72
C ILE D 20 -13.12 4.70 -0.87
N ASN D 21 -12.83 4.18 -2.06
CA ASN D 21 -11.46 3.82 -2.43
C ASN D 21 -10.74 5.03 -3.01
N VAL D 22 -9.42 4.94 -3.14
CA VAL D 22 -8.59 6.14 -3.38
C VAL D 22 -8.97 6.87 -4.67
N GLU D 23 -9.35 6.13 -5.70
CA GLU D 23 -9.77 6.72 -6.98
C GLU D 23 -11.05 7.56 -6.82
N SER D 24 -11.98 7.03 -6.01
CA SER D 24 -13.24 7.75 -5.69
C SER D 24 -13.02 8.98 -4.82
N LEU D 25 -12.07 8.89 -3.88
CA LEU D 25 -11.75 10.00 -3.02
C LEU D 25 -10.98 11.07 -3.81
N LEU D 26 -10.12 10.62 -4.73
CA LEU D 26 -9.49 11.52 -5.70
C LEU D 26 -10.52 12.21 -6.63
N ASP D 27 -11.56 11.48 -7.03
CA ASP D 27 -12.68 12.06 -7.79
C ASP D 27 -13.37 13.16 -6.98
N GLY D 28 -13.63 12.88 -5.69
CA GLY D 28 -14.30 13.83 -4.81
C GLY D 28 -13.53 15.14 -4.62
N LEU D 29 -12.21 15.02 -4.51
CA LEU D 29 -11.33 16.19 -4.46
C LEU D 29 -11.43 16.94 -5.77
N ASN D 30 -11.33 16.22 -6.87
CA ASN D 30 -11.28 16.84 -8.19
C ASN D 30 -12.61 17.50 -8.62
N SER D 31 -13.72 16.81 -8.40
CA SER D 31 -15.04 17.34 -8.69
C SER D 31 -15.36 18.59 -7.87
N LEU D 32 -14.94 18.60 -6.59
CA LEU D 32 -15.15 19.74 -5.70
C LEU D 32 -14.42 20.98 -6.22
N VAL D 33 -13.18 20.79 -6.69
CA VAL D 33 -12.42 21.88 -7.31
C VAL D 33 -13.11 22.40 -8.58
N LEU D 34 -13.55 21.49 -9.45
CA LEU D 34 -14.28 21.89 -10.67
C LEU D 34 -15.61 22.58 -10.38
N ASP D 35 -16.30 22.13 -9.33
CA ASP D 35 -17.59 22.73 -8.92
C ASP D 35 -17.49 24.03 -8.13
N LEU D 36 -16.29 24.39 -7.66
CA LEU D 36 -16.05 25.64 -6.91
C LEU D 36 -15.20 26.69 -7.65
N ASP D 37 -14.43 26.27 -8.66
CA ASP D 37 -13.49 27.19 -9.34
C ASP D 37 -14.19 28.01 -10.41
N PHE D 38 -15.02 28.96 -9.98
CA PHE D 38 -15.65 29.94 -10.85
C PHE D 38 -15.57 31.34 -10.20
N PRO D 39 -15.32 32.40 -11.01
CA PRO D 39 -15.15 33.77 -10.49
C PRO D 39 -16.10 34.19 -9.38
N ALA D 40 -17.40 33.92 -9.55
CA ALA D 40 -18.44 34.33 -8.60
C ALA D 40 -18.27 33.66 -7.24
N LEU D 41 -18.04 32.35 -7.27
CA LEU D 41 -17.86 31.54 -6.06
C LEU D 41 -16.59 31.90 -5.28
N ARG D 42 -15.54 32.30 -5.99
CA ARG D 42 -14.29 32.75 -5.35
C ARG D 42 -14.42 34.08 -4.57
N LYS D 43 -15.55 34.78 -4.68
CA LYS D 43 -15.85 35.90 -3.77
C LYS D 43 -16.03 35.42 -2.32
N ASN D 44 -16.44 34.17 -2.12
CA ASN D 44 -16.48 33.54 -0.79
C ASN D 44 -15.06 33.23 -0.34
N LYS D 45 -14.72 33.68 0.86
CA LYS D 45 -13.35 33.59 1.40
C LYS D 45 -12.89 32.14 1.66
N ASN D 46 -13.82 31.26 2.04
CA ASN D 46 -13.51 29.85 2.28
C ASN D 46 -13.21 29.12 0.98
N ILE D 47 -14.09 29.30 0.00
CA ILE D 47 -13.94 28.71 -1.34
C ILE D 47 -12.60 29.13 -1.96
N ASP D 48 -12.26 30.41 -1.88
CA ASP D 48 -11.03 30.93 -2.50
C ASP D 48 -9.75 30.42 -1.84
N ASN D 49 -9.74 30.40 -0.51
CA ASN D 49 -8.61 29.86 0.25
C ASN D 49 -8.43 28.37 0.01
N PHE D 50 -9.52 27.61 0.02
CA PHE D 50 -9.47 26.16 -0.24
C PHE D 50 -8.79 25.85 -1.57
N LEU D 51 -9.25 26.52 -2.63
CA LEU D 51 -8.70 26.33 -3.97
C LEU D 51 -7.22 26.67 -3.98
N ASN D 52 -6.84 27.80 -3.38
CA ASN D 52 -5.42 28.17 -3.30
C ASN D 52 -4.50 27.07 -2.73
N ARG D 53 -4.98 26.37 -1.70
CA ARG D 53 -4.27 25.21 -1.15
C ARG D 53 -4.09 24.07 -2.15
N TYR D 54 -5.16 23.72 -2.87
CA TYR D 54 -5.22 22.51 -3.71
C TYR D 54 -5.14 22.71 -5.22
N GLU D 55 -5.72 23.81 -5.71
CA GLU D 55 -5.58 24.25 -7.13
C GLU D 55 -4.38 23.64 -7.88
N LYS D 56 -3.20 23.78 -7.30
CA LYS D 56 -1.97 23.32 -7.95
C LYS D 56 -1.93 21.80 -8.05
N ILE D 57 -1.90 21.10 -6.90
CA ILE D 57 -1.74 19.64 -6.87
C ILE D 57 -2.84 18.89 -7.63
N VAL D 58 -4.06 19.42 -7.64
CA VAL D 58 -5.16 18.84 -8.42
C VAL D 58 -4.87 18.83 -9.93
N LYS D 59 -4.36 19.94 -10.45
CA LYS D 59 -3.93 20.00 -11.85
C LYS D 59 -2.72 19.09 -12.14
N LYS D 60 -1.80 18.94 -11.18
CA LYS D 60 -0.71 17.94 -11.30
C LYS D 60 -1.28 16.52 -11.36
N ILE D 61 -2.10 16.18 -10.36
CA ILE D 61 -2.81 14.89 -10.29
C ILE D 61 -3.61 14.60 -11.58
N ARG D 62 -4.18 15.63 -12.19
CA ARG D 62 -4.89 15.50 -13.47
C ARG D 62 -3.94 15.04 -14.58
N GLY D 63 -2.73 15.60 -14.58
CA GLY D 63 -1.69 15.20 -15.53
C GLY D 63 -1.20 13.77 -15.39
N LEU D 64 -1.20 13.24 -14.18
CA LEU D 64 -0.74 11.86 -13.92
C LEU D 64 -1.85 10.84 -14.18
N GLN D 65 -3.08 11.21 -13.85
CA GLN D 65 -4.23 10.31 -14.06
C GLN D 65 -4.41 10.02 -15.56
N MET D 66 -5.03 8.89 -15.86
CA MET D 66 -5.41 8.55 -17.24
C MET D 66 -6.37 9.58 -17.80
N LYS D 67 -6.24 9.85 -19.10
CA LYS D 67 -7.02 10.90 -19.78
C LYS D 67 -7.25 10.60 -21.26
N ALA D 68 -8.16 11.34 -21.87
CA ALA D 68 -8.49 11.21 -23.30
C ALA D 68 -7.26 11.30 -24.20
N GLU D 69 -6.37 12.22 -23.86
CA GLU D 69 -5.13 12.45 -24.62
C GLU D 69 -4.25 11.20 -24.73
N ASP D 70 -4.27 10.33 -23.70
CA ASP D 70 -3.50 9.07 -23.70
C ASP D 70 -3.90 8.10 -24.82
N TYR D 71 -5.15 8.21 -25.27
CA TYR D 71 -5.70 7.42 -26.39
C TYR D 71 -5.78 8.22 -27.71
N ASP D 72 -5.30 7.62 -28.79
CA ASP D 72 -5.44 8.20 -30.13
C ASP D 72 -6.76 7.69 -30.72
N VAL D 73 -7.57 8.59 -31.26
CA VAL D 73 -8.89 8.23 -31.81
C VAL D 73 -8.74 7.79 -33.27
N VAL D 74 -9.01 6.51 -33.53
CA VAL D 74 -8.89 5.95 -34.89
C VAL D 74 -10.12 6.31 -35.72
N LYS D 75 -11.31 6.08 -35.17
CA LYS D 75 -12.57 6.30 -35.86
C LYS D 75 -13.74 6.22 -34.88
N VAL D 76 -14.81 6.98 -35.14
CA VAL D 76 -16.08 6.83 -34.44
C VAL D 76 -16.88 5.69 -35.08
N ILE D 77 -17.20 4.67 -34.28
CA ILE D 77 -17.89 3.48 -34.77
C ILE D 77 -19.36 3.39 -34.34
N GLY D 78 -19.83 4.34 -33.52
CA GLY D 78 -21.18 4.27 -32.97
C GLY D 78 -21.64 5.54 -32.24
N ARG D 79 -22.95 5.75 -32.24
CA ARG D 79 -23.58 6.96 -31.71
C ARG D 79 -24.70 6.48 -30.79
N GLY D 80 -25.00 7.27 -29.76
CA GLY D 80 -26.00 6.89 -28.77
C GLY D 80 -26.76 8.05 -28.15
N ALA D 81 -27.80 7.69 -27.39
CA ALA D 81 -28.66 8.65 -26.70
C ALA D 81 -27.86 9.72 -25.97
N PHE D 82 -26.87 9.29 -25.18
CA PHE D 82 -26.07 10.16 -24.33
C PHE D 82 -24.58 10.28 -24.73
N GLY D 83 -24.22 9.83 -25.94
CA GLY D 83 -22.83 9.98 -26.40
C GLY D 83 -22.47 9.17 -27.62
N GLU D 84 -21.21 8.73 -27.69
CA GLU D 84 -20.67 7.97 -28.85
C GLU D 84 -19.62 6.95 -28.43
N VAL D 85 -19.30 6.05 -29.35
CA VAL D 85 -18.27 5.02 -29.16
C VAL D 85 -17.16 5.25 -30.17
N GLN D 86 -15.91 5.15 -29.72
CA GLN D 86 -14.75 5.40 -30.57
C GLN D 86 -13.85 4.18 -30.59
N LEU D 87 -13.39 3.82 -31.79
CA LEU D 87 -12.28 2.88 -31.94
C LEU D 87 -11.01 3.68 -31.67
N VAL D 88 -10.19 3.19 -30.74
CA VAL D 88 -9.03 3.91 -30.26
C VAL D 88 -7.83 3.00 -30.01
N ARG D 89 -6.64 3.60 -30.01
CA ARG D 89 -5.39 2.94 -29.67
C ARG D 89 -4.74 3.72 -28.54
N HIS D 90 -4.42 3.04 -27.45
CA HIS D 90 -3.67 3.65 -26.35
C HIS D 90 -2.23 3.91 -26.83
N LYS D 91 -1.81 5.16 -26.73
CA LYS D 91 -0.55 5.65 -27.32
C LYS D 91 0.71 4.91 -26.86
N ALA D 92 0.87 4.76 -25.54
CA ALA D 92 2.08 4.14 -24.97
C ALA D 92 2.12 2.63 -25.23
N SER D 93 1.05 1.95 -24.83
CA SER D 93 0.96 0.49 -24.94
C SER D 93 0.69 -0.05 -26.35
N GLN D 94 0.21 0.83 -27.24
CA GLN D 94 -0.21 0.47 -28.62
C GLN D 94 -1.43 -0.48 -28.71
N LYS D 95 -2.16 -0.66 -27.61
CA LYS D 95 -3.26 -1.62 -27.54
C LYS D 95 -4.59 -0.99 -27.96
N VAL D 96 -5.34 -1.68 -28.81
CA VAL D 96 -6.59 -1.16 -29.38
C VAL D 96 -7.77 -1.48 -28.47
N TYR D 97 -8.62 -0.47 -28.25
CA TYR D 97 -9.82 -0.58 -27.41
C TYR D 97 -11.01 0.10 -28.08
N ALA D 98 -12.21 -0.20 -27.57
CA ALA D 98 -13.42 0.57 -27.87
C ALA D 98 -13.69 1.50 -26.68
N MET D 99 -13.85 2.80 -26.93
CA MET D 99 -14.03 3.78 -25.84
C MET D 99 -15.35 4.52 -25.94
N LYS D 100 -16.17 4.38 -24.90
CA LYS D 100 -17.52 4.92 -24.89
C LYS D 100 -17.50 6.23 -24.13
N LEU D 101 -17.83 7.31 -24.82
CA LEU D 101 -17.96 8.64 -24.23
C LEU D 101 -19.42 8.92 -23.91
N LEU D 102 -19.72 9.21 -22.63
CA LEU D 102 -21.06 9.67 -22.22
C LEU D 102 -20.97 11.14 -21.82
N SER D 103 -21.80 11.98 -22.43
CA SER D 103 -21.81 13.44 -22.19
C SER D 103 -22.42 13.80 -20.83
N LYS D 104 -21.64 14.47 -19.98
CA LYS D 104 -22.11 14.86 -18.63
C LYS D 104 -23.25 15.86 -18.69
N PHE D 105 -23.21 16.73 -19.70
CA PHE D 105 -24.28 17.71 -19.91
C PHE D 105 -25.63 17.05 -20.20
N GLU D 106 -25.67 16.22 -21.24
CA GLU D 106 -26.92 15.55 -21.65
C GLU D 106 -27.50 14.69 -20.52
N MET D 107 -26.63 14.05 -19.75
CA MET D 107 -27.06 13.23 -18.60
C MET D 107 -27.74 14.07 -17.52
N ILE D 108 -27.14 15.21 -17.18
CA ILE D 108 -27.74 16.15 -16.24
C ILE D 108 -29.00 16.80 -16.81
N LYS D 109 -28.96 17.20 -18.09
CA LYS D 109 -30.09 17.84 -18.78
C LYS D 109 -31.31 16.93 -18.90
N ARG D 110 -31.10 15.71 -19.40
CA ARG D 110 -32.18 14.73 -19.56
C ARG D 110 -32.33 13.82 -18.33
N SER D 111 -32.30 14.44 -17.15
CA SER D 111 -32.73 13.87 -15.85
C SER D 111 -32.46 12.37 -15.58
N ASP D 112 -31.28 11.88 -15.96
CA ASP D 112 -30.90 10.50 -15.67
C ASP D 112 -29.75 10.46 -14.64
N SER D 113 -28.49 10.34 -15.09
CA SER D 113 -27.29 10.48 -14.22
C SER D 113 -27.10 9.43 -13.09
N ALA D 114 -27.74 8.26 -13.21
CA ALA D 114 -27.45 7.11 -12.32
C ALA D 114 -27.49 5.72 -13.00
N PHE D 115 -27.60 5.70 -14.33
CA PHE D 115 -27.70 4.47 -15.12
C PHE D 115 -26.36 3.81 -15.41
N PHE D 116 -25.29 4.59 -15.26
CA PHE D 116 -23.93 4.13 -15.57
C PHE D 116 -23.28 3.39 -14.42
N TRP D 117 -23.88 3.45 -13.23
CA TRP D 117 -23.31 2.78 -12.07
C TRP D 117 -23.38 1.27 -12.26
N GLU D 118 -24.58 0.76 -12.55
CA GLU D 118 -24.76 -0.67 -12.84
C GLU D 118 -24.04 -1.07 -14.13
N GLU D 119 -24.00 -0.17 -15.12
CA GLU D 119 -23.30 -0.46 -16.36
C GLU D 119 -21.83 -0.67 -16.10
N ARG D 120 -21.25 0.27 -15.35
CA ARG D 120 -19.82 0.22 -14.97
C ARG D 120 -19.48 -1.03 -14.14
N ASP D 121 -20.35 -1.35 -13.18
CA ASP D 121 -20.16 -2.53 -12.34
C ASP D 121 -20.25 -3.83 -13.13
N ILE D 122 -21.17 -3.90 -14.10
CA ILE D 122 -21.34 -5.12 -14.91
C ILE D 122 -20.09 -5.33 -15.75
N MET D 123 -19.72 -4.32 -16.53
CA MET D 123 -18.57 -4.44 -17.43
C MET D 123 -17.25 -4.65 -16.68
N ALA D 124 -17.11 -4.11 -15.47
CA ALA D 124 -15.86 -4.22 -14.71
C ALA D 124 -15.69 -5.55 -13.97
N PHE D 125 -16.77 -6.03 -13.35
CA PHE D 125 -16.71 -7.12 -12.37
C PHE D 125 -17.48 -8.39 -12.71
N ALA D 126 -18.32 -8.36 -13.76
CA ALA D 126 -19.10 -9.55 -14.18
C ALA D 126 -18.19 -10.76 -14.35
N ASN D 127 -17.07 -10.54 -15.05
CA ASN D 127 -16.10 -11.58 -15.36
C ASN D 127 -16.79 -12.76 -16.04
N SER D 128 -17.26 -12.49 -17.26
CA SER D 128 -18.12 -13.42 -17.99
C SER D 128 -17.92 -13.28 -19.49
N PRO D 129 -17.80 -14.42 -20.22
CA PRO D 129 -17.53 -14.32 -21.65
C PRO D 129 -18.73 -13.77 -22.46
N TRP D 130 -19.89 -13.61 -21.83
CA TRP D 130 -21.09 -13.03 -22.46
C TRP D 130 -21.25 -11.51 -22.32
N VAL D 131 -20.30 -10.84 -21.67
CA VAL D 131 -20.41 -9.42 -21.35
C VAL D 131 -19.11 -8.70 -21.67
N VAL D 132 -19.21 -7.65 -22.49
CA VAL D 132 -18.05 -6.83 -22.89
C VAL D 132 -17.31 -6.31 -21.64
N GLN D 133 -16.02 -6.56 -21.56
CA GLN D 133 -15.24 -6.25 -20.35
C GLN D 133 -14.78 -4.81 -20.36
N LEU D 134 -14.78 -4.20 -19.17
CA LEU D 134 -14.26 -2.84 -18.96
C LEU D 134 -12.90 -2.95 -18.29
N PHE D 135 -11.98 -2.10 -18.76
CA PHE D 135 -10.59 -2.11 -18.28
C PHE D 135 -10.33 -0.87 -17.43
N TYR D 136 -10.60 0.29 -18.02
CA TYR D 136 -10.46 1.58 -17.33
C TYR D 136 -11.72 2.42 -17.58
N ALA D 137 -12.20 3.08 -16.52
CA ALA D 137 -13.22 4.12 -16.60
C ALA D 137 -12.60 5.38 -16.04
N PHE D 138 -12.71 6.50 -16.75
CA PHE D 138 -12.25 7.79 -16.24
C PHE D 138 -13.19 8.93 -16.66
N GLN D 139 -12.90 10.16 -16.20
CA GLN D 139 -13.71 11.33 -16.51
C GLN D 139 -12.88 12.59 -16.60
N ASP D 140 -13.32 13.50 -17.46
CA ASP D 140 -12.92 14.91 -17.42
C ASP D 140 -14.18 15.76 -17.12
N ASP D 141 -14.05 17.08 -17.21
CA ASP D 141 -15.17 17.99 -16.89
C ASP D 141 -16.39 17.88 -17.81
N ARG D 142 -16.17 17.48 -19.07
CA ARG D 142 -17.26 17.32 -20.07
C ARG D 142 -17.82 15.89 -20.18
N TYR D 143 -17.00 14.87 -19.95
CA TYR D 143 -17.35 13.48 -20.29
C TYR D 143 -17.01 12.44 -19.23
N LEU D 144 -17.78 11.34 -19.24
CA LEU D 144 -17.34 10.05 -18.68
C LEU D 144 -16.76 9.22 -19.82
N TYR D 145 -15.72 8.46 -19.53
CA TYR D 145 -15.05 7.56 -20.48
C TYR D 145 -15.04 6.13 -19.94
N MET D 146 -15.27 5.16 -20.83
CA MET D 146 -15.24 3.74 -20.44
C MET D 146 -14.47 2.98 -21.49
N VAL D 147 -13.27 2.51 -21.14
CA VAL D 147 -12.41 1.80 -22.10
C VAL D 147 -12.69 0.28 -22.06
N MET D 148 -13.36 -0.21 -23.10
CA MET D 148 -13.88 -1.58 -23.18
C MET D 148 -13.08 -2.41 -24.17
N GLU D 149 -13.33 -3.72 -24.21
CA GLU D 149 -12.75 -4.56 -25.25
C GLU D 149 -13.48 -4.36 -26.58
N TYR D 150 -12.71 -4.13 -27.64
CA TYR D 150 -13.27 -3.85 -28.96
C TYR D 150 -13.81 -5.13 -29.56
N MET D 151 -15.05 -5.06 -30.07
CA MET D 151 -15.73 -6.19 -30.71
C MET D 151 -15.73 -5.95 -32.22
N PRO D 152 -14.79 -6.56 -32.95
CA PRO D 152 -14.60 -6.20 -34.36
C PRO D 152 -15.67 -6.77 -35.31
N GLY D 153 -16.44 -7.76 -34.86
CA GLY D 153 -17.51 -8.33 -35.68
C GLY D 153 -18.76 -7.48 -35.92
N GLY D 154 -18.87 -6.33 -35.25
CA GLY D 154 -20.05 -5.47 -35.35
C GLY D 154 -21.25 -6.03 -34.61
N ASP D 155 -22.43 -5.44 -34.82
CA ASP D 155 -23.66 -5.88 -34.14
C ASP D 155 -24.62 -6.66 -35.06
N LEU D 156 -25.70 -7.20 -34.50
CA LEU D 156 -26.62 -8.03 -35.28
C LEU D 156 -27.57 -7.25 -36.18
N VAL D 157 -27.66 -5.92 -36.02
CA VAL D 157 -28.36 -5.08 -37.00
C VAL D 157 -27.61 -5.20 -38.33
N ASN D 158 -26.29 -5.09 -38.25
CA ASN D 158 -25.41 -5.22 -39.42
C ASN D 158 -25.37 -6.63 -40.02
N LEU D 159 -25.49 -7.65 -39.17
CA LEU D 159 -25.51 -9.05 -39.63
C LEU D 159 -26.81 -9.32 -40.37
N MET D 160 -27.93 -9.03 -39.72
CA MET D 160 -29.26 -9.21 -40.33
C MET D 160 -29.44 -8.43 -41.63
N SER D 161 -28.82 -7.25 -41.74
CA SER D 161 -28.88 -6.45 -42.96
C SER D 161 -28.02 -7.01 -44.10
N ASN D 162 -26.82 -7.51 -43.79
CA ASN D 162 -25.90 -8.07 -44.81
C ASN D 162 -26.15 -9.53 -45.16
N TYR D 163 -26.70 -10.30 -44.22
CA TYR D 163 -26.95 -11.73 -44.39
C TYR D 163 -28.42 -12.07 -44.21
N ASP D 164 -28.88 -13.06 -44.96
CA ASP D 164 -30.26 -13.54 -44.91
C ASP D 164 -30.25 -14.77 -43.99
N VAL D 165 -30.54 -14.52 -42.71
CA VAL D 165 -30.28 -15.49 -41.64
C VAL D 165 -31.16 -16.74 -41.73
N PRO D 166 -30.56 -17.91 -42.05
CA PRO D 166 -31.30 -19.16 -42.06
C PRO D 166 -31.51 -19.67 -40.64
N GLU D 167 -32.27 -20.75 -40.53
CA GLU D 167 -32.75 -21.21 -39.22
C GLU D 167 -31.69 -21.90 -38.35
N LYS D 168 -30.65 -22.45 -38.99
CA LYS D 168 -29.49 -23.01 -38.25
C LYS D 168 -28.76 -21.91 -37.48
N TRP D 169 -28.67 -20.73 -38.10
CA TRP D 169 -28.03 -19.54 -37.52
C TRP D 169 -28.92 -18.93 -36.42
N ALA D 170 -30.23 -18.85 -36.67
CA ALA D 170 -31.18 -18.33 -35.69
C ALA D 170 -31.15 -19.05 -34.33
N LYS D 171 -30.98 -20.37 -34.36
CA LYS D 171 -30.79 -21.19 -33.14
C LYS D 171 -29.56 -20.73 -32.34
N PHE D 172 -28.45 -20.54 -33.06
CA PHE D 172 -27.16 -20.18 -32.48
C PHE D 172 -27.23 -18.83 -31.75
N TYR D 173 -27.60 -17.79 -32.48
CA TYR D 173 -27.66 -16.45 -31.91
C TYR D 173 -28.67 -16.35 -30.75
N THR D 174 -29.84 -16.95 -30.92
CA THR D 174 -30.85 -17.02 -29.85
C THR D 174 -30.33 -17.74 -28.59
N ALA D 175 -29.59 -18.84 -28.80
CA ALA D 175 -29.00 -19.59 -27.69
C ALA D 175 -27.92 -18.78 -26.99
N GLU D 176 -27.10 -18.06 -27.75
CA GLU D 176 -26.07 -17.20 -27.14
C GLU D 176 -26.70 -16.03 -26.39
N VAL D 177 -27.84 -15.52 -26.87
CA VAL D 177 -28.57 -14.46 -26.16
C VAL D 177 -29.21 -14.95 -24.86
N VAL D 178 -29.78 -16.16 -24.90
CA VAL D 178 -30.41 -16.74 -23.72
C VAL D 178 -29.40 -16.93 -22.59
N LEU D 179 -28.22 -17.44 -22.94
CA LEU D 179 -27.15 -17.68 -21.97
C LEU D 179 -26.58 -16.38 -21.45
N ALA D 180 -26.43 -15.39 -22.34
CA ALA D 180 -25.99 -14.04 -21.96
C ALA D 180 -26.98 -13.37 -21.01
N LEU D 181 -28.27 -13.48 -21.32
CA LEU D 181 -29.31 -12.94 -20.45
C LEU D 181 -29.36 -13.68 -19.11
N ASP D 182 -29.21 -14.99 -19.13
CA ASP D 182 -29.21 -15.77 -17.89
C ASP D 182 -28.02 -15.40 -16.97
N ALA D 183 -26.91 -14.99 -17.57
CA ALA D 183 -25.72 -14.52 -16.86
C ALA D 183 -26.08 -13.28 -16.04
N ILE D 184 -26.66 -12.31 -16.74
CA ILE D 184 -27.09 -11.04 -16.15
C ILE D 184 -28.17 -11.23 -15.08
N HIS D 185 -29.13 -12.10 -15.35
CA HIS D 185 -30.19 -12.41 -14.40
C HIS D 185 -29.60 -13.03 -13.14
N SER D 186 -28.65 -13.95 -13.30
CA SER D 186 -27.90 -14.51 -12.15
C SER D 186 -27.11 -13.48 -11.35
N MET D 187 -26.74 -12.36 -11.97
CA MET D 187 -26.16 -11.21 -11.26
C MET D 187 -27.21 -10.33 -10.55
N GLY D 188 -28.49 -10.66 -10.71
CA GLY D 188 -29.58 -9.93 -10.05
C GLY D 188 -30.02 -8.70 -10.80
N LEU D 189 -29.83 -8.69 -12.12
CA LEU D 189 -30.14 -7.55 -12.97
C LEU D 189 -31.10 -7.97 -14.09
N ILE D 190 -32.15 -7.18 -14.30
CA ILE D 190 -33.03 -7.31 -15.49
C ILE D 190 -32.46 -6.38 -16.56
N HIS D 191 -32.30 -6.86 -17.78
CA HIS D 191 -31.68 -6.05 -18.85
C HIS D 191 -32.58 -4.92 -19.31
N ARG D 192 -33.85 -5.26 -19.54
CA ARG D 192 -34.92 -4.30 -19.85
C ARG D 192 -34.82 -3.61 -21.22
N ASP D 193 -33.84 -3.96 -22.04
CA ASP D 193 -33.62 -3.31 -23.34
C ASP D 193 -32.77 -4.19 -24.27
N VAL D 194 -33.22 -5.43 -24.43
CA VAL D 194 -32.51 -6.42 -25.23
C VAL D 194 -32.89 -6.19 -26.69
N LYS D 195 -31.89 -5.98 -27.55
CA LYS D 195 -32.11 -5.76 -28.98
C LYS D 195 -30.81 -5.89 -29.77
N PRO D 196 -30.89 -6.13 -31.09
CA PRO D 196 -29.68 -6.35 -31.90
C PRO D 196 -28.64 -5.24 -31.86
N ASP D 197 -29.07 -4.00 -31.63
CA ASP D 197 -28.15 -2.86 -31.48
C ASP D 197 -27.15 -3.08 -30.33
N ASN D 198 -27.61 -3.81 -29.30
CA ASN D 198 -26.84 -4.09 -28.09
C ASN D 198 -26.23 -5.50 -28.06
N MET D 199 -26.30 -6.22 -29.17
CA MET D 199 -25.72 -7.56 -29.28
C MET D 199 -24.54 -7.42 -30.20
N LEU D 200 -23.34 -7.66 -29.66
CA LEU D 200 -22.08 -7.43 -30.39
C LEU D 200 -21.40 -8.76 -30.69
N LEU D 201 -20.62 -8.80 -31.77
CA LEU D 201 -19.91 -10.00 -32.20
C LEU D 201 -18.40 -9.85 -32.04
N ASP D 202 -17.76 -10.81 -31.37
CA ASP D 202 -16.31 -10.75 -31.08
C ASP D 202 -15.42 -11.14 -32.28
N LYS D 203 -14.13 -11.35 -32.03
CA LYS D 203 -13.15 -11.82 -33.04
C LYS D 203 -13.62 -13.07 -33.77
N HIS D 204 -14.15 -14.01 -32.98
CA HIS D 204 -14.60 -15.32 -33.48
C HIS D 204 -16.10 -15.40 -33.77
N GLY D 205 -16.79 -14.26 -33.85
CA GLY D 205 -18.21 -14.21 -34.19
C GLY D 205 -19.18 -14.65 -33.10
N HIS D 206 -18.71 -14.75 -31.86
CA HIS D 206 -19.57 -15.09 -30.72
C HIS D 206 -20.11 -13.82 -30.03
N LEU D 207 -21.26 -13.98 -29.39
CA LEU D 207 -22.04 -12.87 -28.83
C LEU D 207 -21.44 -12.37 -27.54
N LYS D 208 -21.49 -11.05 -27.35
CA LYS D 208 -21.35 -10.41 -26.02
C LYS D 208 -22.32 -9.24 -25.95
N LEU D 209 -23.09 -9.13 -24.87
CA LEU D 209 -23.97 -7.96 -24.66
C LEU D 209 -23.15 -6.70 -24.34
N ALA D 210 -23.59 -5.54 -24.85
CA ALA D 210 -22.76 -4.32 -24.84
C ALA D 210 -23.29 -3.11 -24.07
N ASP D 211 -24.60 -2.87 -24.04
CA ASP D 211 -25.12 -1.59 -23.49
C ASP D 211 -26.09 -1.77 -22.32
N PHE D 212 -25.60 -1.57 -21.10
CA PHE D 212 -26.38 -1.85 -19.89
C PHE D 212 -26.94 -0.59 -19.22
N GLY D 213 -27.28 0.43 -20.02
CA GLY D 213 -27.85 1.67 -19.51
C GLY D 213 -29.27 1.54 -18.96
N THR D 214 -30.02 0.58 -19.50
CA THR D 214 -31.39 0.32 -19.08
C THR D 214 -31.46 -0.71 -17.95
N CYS D 215 -30.36 -1.41 -17.68
CA CYS D 215 -30.31 -2.43 -16.63
C CYS D 215 -30.64 -1.91 -15.24
N MET D 216 -31.40 -2.70 -14.49
CA MET D 216 -31.84 -2.37 -13.14
C MET D 216 -31.78 -3.62 -12.26
N LYS D 217 -31.45 -3.42 -10.99
CA LYS D 217 -31.29 -4.54 -10.05
C LYS D 217 -32.66 -5.10 -9.63
N MET D 218 -32.69 -6.39 -9.30
CA MET D 218 -33.90 -7.05 -8.83
C MET D 218 -34.13 -6.84 -7.33
N ASP D 219 -35.32 -7.20 -6.88
CA ASP D 219 -35.70 -7.14 -5.46
C ASP D 219 -35.35 -8.47 -4.79
N GLU D 220 -35.74 -8.62 -3.52
CA GLU D 220 -35.69 -9.93 -2.84
C GLU D 220 -36.66 -10.92 -3.52
N THR D 221 -37.77 -10.38 -4.04
CA THR D 221 -38.71 -11.12 -4.88
C THR D 221 -38.07 -11.57 -6.21
N GLY D 222 -37.56 -10.59 -6.95
CA GLY D 222 -37.13 -10.78 -8.35
C GLY D 222 -37.63 -9.69 -9.30
N MET D 223 -38.69 -8.99 -8.92
CA MET D 223 -39.26 -7.88 -9.70
C MET D 223 -38.44 -6.60 -9.51
N VAL D 224 -38.79 -5.57 -10.27
CA VAL D 224 -38.09 -4.27 -10.20
C VAL D 224 -39.08 -3.10 -10.31
N HIS D 225 -39.39 -2.51 -9.16
CA HIS D 225 -40.26 -1.32 -9.09
C HIS D 225 -39.45 -0.10 -9.50
N CYS D 226 -39.75 0.45 -10.68
CA CYS D 226 -39.05 1.62 -11.22
C CYS D 226 -39.60 2.91 -10.60
N ALA D 229 -36.29 5.34 -17.09
CA ALA D 229 -36.83 4.48 -18.15
C ALA D 229 -37.25 5.28 -19.38
N VAL D 230 -36.74 4.89 -20.55
CA VAL D 230 -37.10 5.49 -21.83
C VAL D 230 -36.74 4.57 -23.00
N GLY D 231 -37.37 4.77 -24.16
CA GLY D 231 -36.95 4.08 -25.38
C GLY D 231 -37.88 4.17 -26.59
N THR D 232 -37.44 3.55 -27.69
CA THR D 232 -38.29 3.26 -28.86
C THR D 232 -38.79 1.81 -28.73
N PRO D 233 -40.11 1.59 -28.91
CA PRO D 233 -40.77 0.46 -28.27
C PRO D 233 -40.74 -0.88 -29.00
N ASP D 234 -40.08 -0.96 -30.15
CA ASP D 234 -40.10 -2.16 -31.01
C ASP D 234 -39.88 -3.49 -30.28
N TYR D 235 -38.86 -3.54 -29.42
CA TYR D 235 -38.51 -4.76 -28.65
C TYR D 235 -39.01 -4.82 -27.18
N ILE D 236 -39.73 -3.79 -26.74
CA ILE D 236 -40.18 -3.70 -25.34
C ILE D 236 -41.46 -4.50 -25.15
N SER D 237 -41.58 -5.16 -23.99
CA SER D 237 -42.74 -6.01 -23.68
C SER D 237 -43.95 -5.15 -23.32
N PRO D 238 -45.17 -5.71 -23.44
CA PRO D 238 -46.35 -4.94 -23.03
C PRO D 238 -46.37 -4.53 -21.54
N GLU D 239 -45.93 -5.41 -20.65
CA GLU D 239 -45.91 -5.10 -19.20
C GLU D 239 -45.01 -3.90 -18.85
N VAL D 240 -43.91 -3.76 -19.60
CA VAL D 240 -43.00 -2.63 -19.46
C VAL D 240 -43.66 -1.35 -20.00
N LEU D 241 -44.36 -1.45 -21.13
CA LEU D 241 -45.11 -0.30 -21.68
C LEU D 241 -46.21 0.18 -20.72
N LYS D 242 -46.91 -0.76 -20.08
CA LYS D 242 -47.92 -0.40 -19.08
C LYS D 242 -47.30 0.28 -17.86
N SER D 243 -46.24 -0.32 -17.32
CA SER D 243 -45.62 0.15 -16.07
C SER D 243 -45.07 1.58 -16.15
N GLN D 244 -44.59 1.98 -17.33
CA GLN D 244 -44.12 3.36 -17.55
C GLN D 244 -45.26 4.38 -17.48
N GLY D 245 -46.49 3.91 -17.68
CA GLY D 245 -47.68 4.66 -17.28
C GLY D 245 -47.88 4.57 -15.77
N GLY D 246 -47.11 5.40 -15.04
CA GLY D 246 -47.16 5.44 -13.57
C GLY D 246 -46.38 4.32 -12.91
N ASP D 247 -47.10 3.39 -12.28
CA ASP D 247 -46.52 2.30 -11.47
C ASP D 247 -46.72 0.94 -12.14
N GLY D 248 -45.82 0.00 -11.88
CA GLY D 248 -45.93 -1.37 -12.37
C GLY D 248 -44.70 -2.22 -12.15
N PHE D 249 -44.82 -3.24 -11.30
CA PHE D 249 -43.75 -4.23 -11.13
C PHE D 249 -43.68 -5.16 -12.35
N TYR D 250 -42.47 -5.61 -12.66
CA TYR D 250 -42.26 -6.61 -13.72
C TYR D 250 -40.91 -7.32 -13.53
N GLY D 251 -40.88 -8.60 -13.87
CA GLY D 251 -39.74 -9.47 -13.58
C GLY D 251 -38.78 -9.68 -14.73
N ARG D 252 -37.87 -10.63 -14.54
CA ARG D 252 -36.88 -10.99 -15.57
C ARG D 252 -37.51 -11.52 -16.86
N GLU D 253 -38.77 -11.97 -16.77
CA GLU D 253 -39.55 -12.43 -17.94
C GLU D 253 -39.74 -11.38 -19.04
N CYS D 254 -39.61 -10.10 -18.73
CA CYS D 254 -39.64 -9.05 -19.76
C CYS D 254 -38.51 -9.17 -20.76
N ASP D 255 -37.32 -9.62 -20.32
CA ASP D 255 -36.22 -9.89 -21.24
C ASP D 255 -36.48 -11.02 -22.24
N TRP D 256 -37.32 -11.99 -21.87
CA TRP D 256 -37.61 -13.14 -22.75
C TRP D 256 -38.58 -12.75 -23.87
N TRP D 257 -39.46 -11.79 -23.63
CA TRP D 257 -40.25 -11.18 -24.71
C TRP D 257 -39.34 -10.76 -25.85
N SER D 258 -38.37 -9.93 -25.52
CA SER D 258 -37.45 -9.36 -26.51
C SER D 258 -36.68 -10.39 -27.34
N VAL D 259 -36.40 -11.55 -26.74
CA VAL D 259 -35.73 -12.64 -27.45
C VAL D 259 -36.64 -13.17 -28.57
N GLY D 260 -37.90 -13.46 -28.23
CA GLY D 260 -38.94 -13.79 -29.20
C GLY D 260 -39.03 -12.79 -30.34
N VAL D 261 -39.02 -11.50 -30.02
CA VAL D 261 -38.99 -10.45 -31.06
C VAL D 261 -37.74 -10.58 -31.95
N PHE D 262 -36.60 -10.84 -31.31
CA PHE D 262 -35.31 -10.97 -31.99
C PHE D 262 -35.28 -12.20 -32.90
N LEU D 263 -35.85 -13.32 -32.43
CA LEU D 263 -35.95 -14.54 -33.26
C LEU D 263 -36.86 -14.31 -34.47
N TYR D 264 -37.99 -13.64 -34.25
CA TYR D 264 -38.92 -13.25 -35.33
C TYR D 264 -38.22 -12.42 -36.41
N GLU D 265 -37.56 -11.34 -36.00
CA GLU D 265 -36.86 -10.45 -36.92
C GLU D 265 -35.88 -11.23 -37.81
N MET D 266 -35.05 -12.03 -37.17
CA MET D 266 -34.05 -12.86 -37.87
C MET D 266 -34.63 -13.78 -38.92
N LEU D 267 -35.75 -14.44 -38.58
CA LEU D 267 -36.38 -15.39 -39.49
C LEU D 267 -37.29 -14.70 -40.53
N VAL D 268 -38.10 -13.73 -40.10
CA VAL D 268 -39.09 -13.07 -40.96
C VAL D 268 -38.57 -11.86 -41.74
N GLY D 269 -37.54 -11.18 -41.22
CA GLY D 269 -36.92 -10.02 -41.91
C GLY D 269 -37.41 -8.64 -41.51
N ASP D 270 -38.61 -8.58 -40.91
CA ASP D 270 -39.15 -7.38 -40.25
C ASP D 270 -39.43 -7.74 -38.80
N THR D 271 -39.56 -6.73 -37.96
CA THR D 271 -39.96 -6.95 -36.56
C THR D 271 -41.47 -7.20 -36.53
N PRO D 272 -41.94 -8.05 -35.58
CA PRO D 272 -43.34 -8.48 -35.61
C PRO D 272 -44.38 -7.43 -35.32
N PHE D 273 -44.02 -6.32 -34.69
CA PHE D 273 -44.97 -5.21 -34.44
C PHE D 273 -44.57 -3.90 -35.12
N TYR D 274 -43.84 -4.03 -36.23
CA TYR D 274 -43.39 -2.89 -37.02
C TYR D 274 -44.56 -2.02 -37.47
N ALA D 275 -44.39 -0.70 -37.37
CA ALA D 275 -45.34 0.27 -37.89
C ALA D 275 -44.62 1.54 -38.32
N ASP D 276 -45.35 2.40 -39.03
CA ASP D 276 -44.78 3.65 -39.56
C ASP D 276 -44.61 4.75 -38.50
N SER D 277 -45.17 4.54 -37.31
CA SER D 277 -45.04 5.47 -36.18
C SER D 277 -44.86 4.72 -34.86
N LEU D 278 -44.57 5.47 -33.79
CA LEU D 278 -44.46 4.88 -32.44
C LEU D 278 -45.84 4.46 -31.92
N VAL D 279 -46.86 5.28 -32.13
CA VAL D 279 -48.24 4.90 -31.77
C VAL D 279 -48.69 3.61 -32.45
N GLY D 280 -48.25 3.41 -33.70
CA GLY D 280 -48.55 2.21 -34.45
C GLY D 280 -47.93 0.97 -33.83
N THR D 281 -46.64 1.08 -33.51
CA THR D 281 -45.89 -0.05 -32.93
C THR D 281 -46.34 -0.32 -31.50
N TYR D 282 -46.46 0.76 -30.71
CA TYR D 282 -47.03 0.70 -29.36
C TYR D 282 -48.38 -0.02 -29.37
N SER D 283 -49.29 0.44 -30.22
CA SER D 283 -50.64 -0.12 -30.28
C SER D 283 -50.66 -1.59 -30.64
N LYS D 284 -49.78 -1.99 -31.57
CA LYS D 284 -49.67 -3.40 -31.98
C LYS D 284 -49.09 -4.31 -30.89
N ILE D 285 -48.15 -3.79 -30.09
CA ILE D 285 -47.57 -4.54 -28.98
C ILE D 285 -48.62 -4.85 -27.92
N MET D 286 -49.40 -3.85 -27.50
CA MET D 286 -50.45 -4.07 -26.49
C MET D 286 -51.49 -5.08 -26.99
N ASP D 287 -51.85 -4.96 -28.27
CA ASP D 287 -52.80 -5.88 -28.92
C ASP D 287 -52.04 -7.02 -29.63
N HIS D 288 -51.17 -7.72 -28.88
CA HIS D 288 -50.32 -8.77 -29.48
C HIS D 288 -51.08 -10.05 -29.85
N LYS D 289 -52.14 -10.39 -29.11
CA LYS D 289 -52.99 -11.56 -29.41
C LYS D 289 -53.57 -11.56 -30.84
N ASN D 290 -53.86 -10.37 -31.36
CA ASN D 290 -54.45 -10.19 -32.70
C ASN D 290 -53.50 -9.64 -33.78
N SER D 291 -52.47 -8.90 -33.36
CA SER D 291 -51.52 -8.27 -34.32
C SER D 291 -50.38 -9.20 -34.75
N LEU D 292 -50.03 -10.18 -33.92
CA LEU D 292 -48.97 -11.14 -34.27
C LEU D 292 -49.48 -12.13 -35.32
N CYS D 293 -49.06 -11.94 -36.57
CA CYS D 293 -49.34 -12.89 -37.65
C CYS D 293 -48.13 -12.97 -38.60
N PHE D 294 -47.75 -14.18 -38.97
CA PHE D 294 -46.61 -14.38 -39.86
C PHE D 294 -47.04 -14.11 -41.30
N PRO D 295 -46.11 -13.62 -42.16
CA PRO D 295 -46.45 -13.57 -43.58
C PRO D 295 -46.53 -14.98 -44.16
N GLU D 296 -47.42 -15.18 -45.14
CA GLU D 296 -47.55 -16.47 -45.81
C GLU D 296 -46.26 -16.79 -46.57
N ASP D 297 -45.85 -15.85 -47.42
CA ASP D 297 -44.56 -15.89 -48.15
C ASP D 297 -43.32 -16.21 -47.29
N ALA D 298 -43.34 -15.79 -46.02
CA ALA D 298 -42.27 -16.10 -45.07
C ALA D 298 -42.36 -17.56 -44.61
N GLU D 299 -41.62 -18.43 -45.30
CA GLU D 299 -41.54 -19.85 -44.94
C GLU D 299 -40.68 -20.00 -43.69
N ILE D 300 -41.32 -20.37 -42.58
CA ILE D 300 -40.69 -20.52 -41.26
C ILE D 300 -41.16 -21.85 -40.64
N SER D 301 -40.28 -22.50 -39.88
CA SER D 301 -40.52 -23.87 -39.43
C SER D 301 -41.51 -23.96 -38.28
N LYS D 302 -42.01 -25.18 -38.06
CA LYS D 302 -42.92 -25.50 -36.94
C LYS D 302 -42.35 -25.07 -35.58
N HIS D 303 -41.16 -25.58 -35.25
CA HIS D 303 -40.53 -25.34 -33.93
C HIS D 303 -40.04 -23.90 -33.73
N ALA D 304 -39.56 -23.27 -34.80
CA ALA D 304 -39.21 -21.84 -34.78
C ALA D 304 -40.43 -20.98 -34.49
N LYS D 305 -41.53 -21.22 -35.23
CA LYS D 305 -42.82 -20.55 -34.96
C LYS D 305 -43.30 -20.76 -33.52
N ASN D 306 -43.10 -21.96 -33.01
CA ASN D 306 -43.63 -22.35 -31.71
C ASN D 306 -42.97 -21.59 -30.57
N LEU D 307 -41.65 -21.45 -30.63
CA LEU D 307 -40.88 -20.73 -29.63
C LEU D 307 -41.24 -19.24 -29.62
N ILE D 308 -41.29 -18.63 -30.81
CA ILE D 308 -41.63 -17.21 -30.95
C ILE D 308 -42.96 -16.90 -30.25
N CYS D 309 -43.99 -17.68 -30.57
CA CYS D 309 -45.29 -17.52 -29.94
C CYS D 309 -45.27 -17.82 -28.44
N ALA D 310 -44.35 -18.68 -28.01
CA ALA D 310 -44.13 -18.98 -26.58
C ALA D 310 -43.55 -17.76 -25.81
N PHE D 311 -42.71 -16.97 -26.48
CA PHE D 311 -42.19 -15.73 -25.92
C PHE D 311 -43.16 -14.55 -26.01
N LEU D 312 -43.85 -14.42 -27.15
CA LEU D 312 -44.73 -13.27 -27.38
C LEU D 312 -46.12 -13.57 -26.84
N THR D 313 -46.21 -13.68 -25.52
CA THR D 313 -47.47 -13.96 -24.82
C THR D 313 -47.55 -13.11 -23.55
N ASP D 314 -48.67 -13.23 -22.84
CA ASP D 314 -48.82 -12.62 -21.52
C ASP D 314 -47.69 -13.04 -20.58
N ARG D 315 -47.24 -12.08 -19.78
CA ARG D 315 -46.23 -12.30 -18.75
C ARG D 315 -46.45 -13.61 -18.01
N GLU D 316 -47.68 -13.78 -17.51
CA GLU D 316 -48.02 -14.87 -16.59
C GLU D 316 -47.78 -16.26 -17.15
N VAL D 317 -47.86 -16.42 -18.46
CA VAL D 317 -47.78 -17.72 -19.13
C VAL D 317 -46.65 -17.79 -20.18
N ARG D 318 -45.70 -16.86 -20.12
CA ARG D 318 -44.61 -16.75 -21.10
C ARG D 318 -43.49 -17.75 -20.81
N LEU D 319 -42.89 -18.29 -21.88
CA LEU D 319 -41.79 -19.24 -21.74
C LEU D 319 -40.65 -18.52 -21.07
N GLY D 320 -40.18 -19.07 -19.95
CA GLY D 320 -39.20 -18.41 -19.08
C GLY D 320 -39.74 -18.10 -17.70
N ARG D 321 -41.06 -17.93 -17.56
CA ARG D 321 -41.68 -17.50 -16.30
C ARG D 321 -41.38 -18.45 -15.13
N ASN D 322 -41.40 -19.76 -15.38
CA ASN D 322 -41.04 -20.77 -14.37
C ASN D 322 -39.54 -21.11 -14.29
N GLY D 323 -38.71 -20.49 -15.13
CA GLY D 323 -37.26 -20.73 -15.14
C GLY D 323 -36.62 -20.76 -16.52
N VAL D 324 -35.30 -20.66 -16.55
CA VAL D 324 -34.55 -20.69 -17.80
C VAL D 324 -34.41 -22.11 -18.39
N GLU D 325 -34.62 -23.14 -17.57
CA GLU D 325 -34.53 -24.53 -18.04
C GLU D 325 -35.56 -24.86 -19.12
N GLU D 326 -36.81 -24.43 -18.91
CA GLU D 326 -37.89 -24.68 -19.88
C GLU D 326 -37.66 -24.01 -21.25
N ILE D 327 -36.84 -22.97 -21.30
CA ILE D 327 -36.36 -22.41 -22.57
C ILE D 327 -35.37 -23.36 -23.23
N ARG D 328 -34.34 -23.75 -22.47
CA ARG D 328 -33.23 -24.58 -22.98
C ARG D 328 -33.69 -25.90 -23.60
N GLN D 329 -34.74 -26.49 -23.03
CA GLN D 329 -35.28 -27.76 -23.50
C GLN D 329 -36.32 -27.63 -24.62
N HIS D 330 -36.46 -26.44 -25.22
CA HIS D 330 -37.42 -26.27 -26.32
C HIS D 330 -36.85 -26.93 -27.59
N PRO D 331 -37.70 -27.69 -28.34
CA PRO D 331 -37.22 -28.51 -29.49
C PRO D 331 -36.46 -27.75 -30.58
N PHE D 332 -36.84 -26.49 -30.79
CA PHE D 332 -36.19 -25.59 -31.74
C PHE D 332 -34.67 -25.56 -31.62
N PHE D 333 -34.15 -25.62 -30.39
CA PHE D 333 -32.71 -25.55 -30.13
C PHE D 333 -31.95 -26.84 -30.42
N LYS D 334 -32.66 -27.95 -30.66
CA LYS D 334 -32.03 -29.23 -31.04
C LYS D 334 -31.15 -29.07 -32.29
N ASN D 335 -29.88 -29.43 -32.16
CA ASN D 335 -28.91 -29.33 -33.26
C ASN D 335 -27.75 -30.33 -33.13
N ASP D 336 -26.85 -30.31 -34.12
CA ASP D 336 -25.65 -31.16 -34.16
C ASP D 336 -24.32 -30.43 -33.98
N GLN D 337 -24.28 -29.13 -34.27
CA GLN D 337 -23.04 -28.34 -34.12
C GLN D 337 -22.65 -28.10 -32.66
N TRP D 338 -23.63 -27.87 -31.78
CA TRP D 338 -23.37 -27.39 -30.42
C TRP D 338 -24.32 -27.92 -29.33
N HIS D 339 -23.90 -27.73 -28.08
CA HIS D 339 -24.72 -27.95 -26.88
C HIS D 339 -24.64 -26.72 -25.96
N TRP D 340 -25.58 -26.63 -25.02
CA TRP D 340 -25.69 -25.46 -24.12
C TRP D 340 -24.43 -25.24 -23.28
N ASP D 341 -23.88 -26.32 -22.74
CA ASP D 341 -22.69 -26.24 -21.88
C ASP D 341 -21.38 -25.90 -22.61
N ASN D 342 -21.34 -26.00 -23.94
CA ASN D 342 -20.12 -25.71 -24.72
C ASN D 342 -20.30 -24.86 -25.99
N ILE D 343 -21.48 -24.23 -26.17
CA ILE D 343 -21.81 -23.51 -27.42
C ILE D 343 -20.73 -22.49 -27.81
N ARG D 344 -20.16 -21.80 -26.82
CA ARG D 344 -19.26 -20.69 -27.10
C ARG D 344 -17.87 -21.11 -27.60
N GLU D 345 -17.48 -22.37 -27.39
CA GLU D 345 -16.24 -22.91 -27.99
C GLU D 345 -16.49 -23.54 -29.36
N THR D 346 -17.76 -23.78 -29.72
CA THR D 346 -18.11 -24.35 -31.03
C THR D 346 -17.99 -23.29 -32.13
N ALA D 347 -18.06 -23.73 -33.38
CA ALA D 347 -17.93 -22.84 -34.54
C ALA D 347 -19.16 -21.94 -34.71
N ALA D 348 -18.93 -20.65 -34.92
CA ALA D 348 -20.00 -19.66 -35.17
C ALA D 348 -20.31 -19.58 -36.68
N PRO D 349 -21.54 -19.18 -37.04
CA PRO D 349 -21.91 -19.14 -38.46
C PRO D 349 -21.24 -18.06 -39.31
N VAL D 350 -21.06 -16.86 -38.76
CA VAL D 350 -20.37 -15.77 -39.47
C VAL D 350 -19.19 -15.28 -38.65
N VAL D 351 -17.99 -15.74 -39.03
CA VAL D 351 -16.73 -15.26 -38.47
C VAL D 351 -16.26 -14.06 -39.31
N PRO D 352 -15.92 -12.92 -38.66
CA PRO D 352 -15.48 -11.75 -39.44
C PRO D 352 -14.08 -11.93 -40.04
N GLU D 353 -13.94 -11.61 -41.32
CA GLU D 353 -12.64 -11.62 -42.00
C GLU D 353 -12.04 -10.22 -41.89
N LEU D 354 -11.15 -10.05 -40.90
CA LEU D 354 -10.61 -8.74 -40.53
C LEU D 354 -9.13 -8.63 -40.91
N SER D 355 -8.76 -7.52 -41.55
CA SER D 355 -7.40 -7.32 -42.06
C SER D 355 -6.35 -6.97 -40.97
N SER D 356 -6.78 -6.31 -39.91
CA SER D 356 -5.87 -5.84 -38.85
C SER D 356 -6.59 -5.64 -37.52
N ASP D 357 -5.84 -5.30 -36.47
CA ASP D 357 -6.43 -5.04 -35.14
C ASP D 357 -7.24 -3.72 -35.04
N ILE D 358 -7.25 -2.89 -36.09
CA ILE D 358 -8.07 -1.68 -36.16
C ILE D 358 -9.01 -1.64 -37.38
N ASP D 359 -9.33 -2.82 -37.94
CA ASP D 359 -10.27 -2.91 -39.05
C ASP D 359 -11.69 -2.74 -38.48
N SER D 360 -12.40 -1.71 -38.97
CA SER D 360 -13.76 -1.41 -38.51
C SER D 360 -14.81 -1.53 -39.61
N SER D 361 -14.54 -2.38 -40.61
CA SER D 361 -15.41 -2.47 -41.80
C SER D 361 -16.77 -3.16 -41.52
N ASN D 362 -16.90 -3.84 -40.38
CA ASN D 362 -18.19 -4.36 -39.89
C ASN D 362 -19.07 -3.32 -39.20
N PHE D 363 -18.54 -2.11 -39.01
CA PHE D 363 -19.32 -0.97 -38.53
C PHE D 363 -19.56 -0.01 -39.70
N ASP D 364 -20.75 0.59 -39.72
CA ASP D 364 -21.05 1.63 -40.72
C ASP D 364 -20.28 2.90 -40.37
N ASP D 365 -19.97 3.71 -41.39
CA ASP D 365 -19.36 5.02 -41.16
C ASP D 365 -20.40 5.93 -40.52
N ILE D 366 -20.07 6.48 -39.35
CA ILE D 366 -20.93 7.46 -38.67
C ILE D 366 -20.53 8.86 -39.13
N GLU D 367 -21.42 9.53 -39.86
CA GLU D 367 -21.16 10.90 -40.33
C GLU D 367 -21.35 11.90 -39.19
N ASP D 368 -20.40 12.81 -39.02
CA ASP D 368 -20.43 13.80 -37.93
C ASP D 368 -21.37 14.97 -38.28
N VAL D 373 -22.52 19.14 -28.42
CA VAL D 373 -21.91 20.42 -28.80
C VAL D 373 -21.78 21.39 -27.61
N GLU D 374 -22.84 21.53 -26.82
CA GLU D 374 -22.96 22.61 -25.82
C GLU D 374 -22.52 22.21 -24.41
N THR D 375 -22.06 23.20 -23.65
CA THR D 375 -21.51 23.02 -22.30
C THR D 375 -22.36 23.74 -21.24
N PHE D 376 -22.12 23.40 -19.97
CA PHE D 376 -22.85 23.98 -18.83
C PHE D 376 -22.69 25.50 -18.75
N PRO D 377 -23.71 26.20 -18.24
CA PRO D 377 -23.54 27.64 -18.02
C PRO D 377 -22.62 27.91 -16.83
N ILE D 378 -21.82 28.97 -16.91
CA ILE D 378 -20.89 29.35 -15.83
C ILE D 378 -21.72 29.80 -14.64
N PRO D 379 -21.67 29.03 -13.53
CA PRO D 379 -22.62 29.25 -12.43
C PRO D 379 -22.33 30.51 -11.60
N LYS D 380 -23.40 31.04 -11.01
CA LYS D 380 -23.33 32.19 -10.10
C LYS D 380 -23.36 31.77 -8.62
N ALA D 381 -23.73 30.52 -8.35
CA ALA D 381 -23.61 29.91 -7.02
C ALA D 381 -23.32 28.41 -7.15
N PHE D 382 -23.07 27.73 -6.04
CA PHE D 382 -22.74 26.31 -6.08
C PHE D 382 -23.96 25.52 -6.57
N VAL D 383 -23.76 24.73 -7.64
CA VAL D 383 -24.82 23.85 -8.21
C VAL D 383 -24.47 22.35 -8.22
N GLY D 384 -23.18 22.02 -8.28
CA GLY D 384 -22.69 20.67 -8.03
C GLY D 384 -22.84 19.70 -9.18
N ASN D 385 -22.57 20.17 -10.40
CA ASN D 385 -22.74 19.32 -11.58
C ASN D 385 -21.81 18.12 -11.66
N GLN D 386 -20.64 18.22 -11.02
CA GLN D 386 -19.69 17.10 -11.01
C GLN D 386 -19.96 16.08 -9.89
N LEU D 387 -20.83 16.43 -8.95
CA LEU D 387 -21.05 15.58 -7.77
C LEU D 387 -21.63 14.20 -8.08
N PRO D 388 -22.54 14.11 -9.07
CA PRO D 388 -23.11 12.80 -9.41
C PRO D 388 -22.16 11.80 -10.07
N PHE D 389 -20.99 12.25 -10.52
CA PHE D 389 -20.01 11.38 -11.17
C PHE D 389 -18.82 11.03 -10.29
N ILE D 390 -18.91 11.37 -9.00
CA ILE D 390 -17.84 11.09 -8.04
C ILE D 390 -17.83 9.60 -7.81
N GLY D 391 -16.65 9.00 -7.92
CA GLY D 391 -16.49 7.56 -7.74
C GLY D 391 -16.69 6.75 -9.00
N PHE D 392 -16.77 7.41 -10.15
CA PHE D 392 -16.85 6.74 -11.43
C PHE D 392 -15.52 6.14 -11.85
N THR D 393 -14.42 6.83 -11.55
CA THR D 393 -13.09 6.44 -12.04
C THR D 393 -12.71 5.02 -11.62
N TYR D 394 -12.13 4.27 -12.55
CA TYR D 394 -11.78 2.84 -12.35
C TYR D 394 -10.49 2.45 -13.08
N TYR D 395 -9.65 1.65 -12.42
CA TYR D 395 -8.39 1.17 -13.00
C TYR D 395 -8.17 -0.29 -12.67
N ARG D 396 -8.05 -1.12 -13.71
CA ARG D 396 -7.64 -2.52 -13.56
C ARG D 396 -6.17 -2.53 -13.15
C2 3SG E . 15.43 -1.12 32.04
C3 3SG E . 15.00 0.16 31.71
C5 3SG E . 13.14 -0.70 30.63
C6 3SG E . 13.50 -2.01 30.91
C7 3SG E . 14.69 -2.22 31.62
C11 3SG E . 15.52 -5.91 31.87
C12 3SG E . 15.28 -6.21 33.20
C15 3SG E . 16.87 -9.54 33.73
C17 3SG E . 16.69 -8.03 31.61
C18 3SG E . 16.22 -6.82 31.08
C19 3SG E . 17.43 -8.95 30.68
C21 3SG E . 19.11 -9.31 28.98
C23 3SG E . 17.75 -11.19 29.74
C24 3SG E . 17.09 -10.30 30.61
O26 3SG E . 18.11 -13.34 28.96
C30 3SG E . 15.76 -16.77 31.52
C31 3SG E . 15.51 -17.38 30.29
C32 3SG E . 15.54 -16.62 29.13
C33 3SG E . 15.84 -15.27 29.20
C35 3SG E . 15.72 -17.63 32.73
C38 3SG E . 17.76 -17.55 34.02
F1 3SG E . 16.56 -1.30 32.74
N4 3SG E . 13.87 0.32 31.02
N8 3SG E . 15.15 -3.50 32.00
C9 3SG E . 15.02 -4.64 31.27
O10 3SG E . 14.53 -4.67 30.16
C13 3SG E . 15.74 -7.39 33.75
C14 3SG E . 16.44 -8.30 32.98
N16 3SG E . 15.68 -10.41 33.89
C20 3SG E . 18.44 -8.46 29.84
C22 3SG E . 18.78 -10.66 28.93
C25 3SG E . 17.42 -12.65 29.69
N27 3SG E . 16.42 -13.24 30.43
C28 3SG E . 16.12 -14.63 30.40
C29 3SG E . 16.08 -15.40 31.58
F34 3SG E . 15.88 -14.54 28.09
O36 3SG E . 14.68 -17.76 33.35
O37 3SG E . 16.82 -18.28 33.13
C2 3SG F . 0.54 22.28 28.09
C3 3SG F . 0.95 21.02 28.48
C5 3SG F . 1.99 20.66 26.45
C6 3SG F . 1.61 21.91 25.98
C7 3SG F . 0.85 22.75 26.82
C11 3SG F . -0.34 25.86 25.02
C12 3SG F . 0.48 26.87 25.51
C15 3SG F . -1.26 30.04 24.54
C17 3SG F . -1.87 27.53 24.14
C18 3SG F . -1.51 26.19 24.34
C19 3SG F . -3.14 27.78 23.38
C21 3SG F . -5.46 27.34 22.94
C23 3SG F . -4.31 29.00 21.61
C24 3SG F . -3.16 28.73 22.36
O26 3SG F . -5.38 30.37 20.05
C30 3SG F . -2.19 33.83 18.49
C31 3SG F . -2.77 33.65 17.21
C32 3SG F . -3.45 32.49 16.92
C33 3SG F . -3.57 31.49 17.88
C35 3SG F . -1.47 35.08 18.83
C38 3SG F . -1.00 35.58 21.12
F1 3SG F . -0.16 23.06 28.92
N4 3SG F . 1.65 20.25 27.65
N8 3SG F . 0.44 24.05 26.48
C9 3SG F . 0.04 24.45 25.22
O10 3SG F . -0.02 23.68 24.26
C13 3SG F . 0.14 28.19 25.32
C14 3SG F . -1.02 28.55 24.64
N16 3SG F . -0.47 30.61 23.44
C20 3SG F . -4.31 27.07 23.65
C22 3SG F . -5.48 28.29 21.93
C25 3SG F . -4.31 30.03 20.54
N27 3SG F . -3.14 30.63 20.12
C28 3SG F . -3.03 31.63 19.15
C29 3SG F . -2.33 32.81 19.45
F34 3SG F . -4.23 30.35 17.65
O36 3SG F . -0.65 35.56 18.07
O37 3SG F . -1.74 35.70 19.99
C2 3SG G . 2.74 -19.89 -29.73
C3 3SG G . 1.50 -19.30 -29.52
C5 3SG G . 2.51 -17.38 -28.69
C6 3SG G . 3.78 -17.90 -28.89
C7 3SG G . 3.91 -19.19 -29.42
C11 3SG G . 7.44 -20.54 -29.12
C12 3SG G . 7.98 -20.50 -30.40
C15 3SG G . 11.06 -22.65 -30.15
C17 3SG G . 9.25 -21.99 -28.39
C18 3SG G . 8.07 -21.28 -28.12
C19 3SG G . 9.86 -22.73 -27.25
C21 3SG G . 9.71 -24.27 -25.39
C23 3SG G . 11.83 -23.21 -25.89
C24 3SG G . 11.21 -22.55 -26.96
O26 3SG G . 13.85 -23.80 -24.84
C30 3SG G . 17.64 -21.97 -27.05
C31 3SG G . 18.17 -21.61 -25.80
C32 3SG G . 17.31 -21.42 -24.71
C33 3SG G . 15.94 -21.59 -24.89
C35 3SG G . 18.50 -22.18 -28.24
C38 3SG G . 18.50 -24.17 -29.55
F1 3SG G . 2.82 -21.13 -30.26
N4 3SG G . 1.42 -18.09 -29.01
N8 3SG G . 5.15 -19.83 -29.66
C9 3SG G . 6.18 -19.82 -28.78
O10 3SG G . 6.11 -19.23 -27.71
C13 3SG G . 9.14 -21.20 -30.67
C14 3SG G . 9.80 -21.93 -29.70
N16 3SG G . 12.21 -21.74 -30.18
C20 3SG G . 9.11 -23.60 -26.45
C22 3SG G . 11.06 -24.09 -25.11
C25 3SG G . 13.30 -23.04 -25.64
N27 3SG G . 14.03 -22.10 -26.29
C28 3SG G . 15.42 -21.94 -26.12
C29 3SG G . 16.26 -22.13 -27.20
F34 3SG G . 15.06 -21.42 -23.90
O36 3SG G . 18.76 -21.26 -28.98
O37 3SG G . 18.97 -23.42 -28.49
C2 3SG H . -18.61 -1.45 -30.05
C3 3SG H . -17.39 -2.07 -30.18
C5 3SG H . -17.50 -2.85 -28.01
C6 3SG H . -18.73 -2.25 -27.79
C7 3SG H . -19.30 -1.51 -28.83
C11 3SG H . -22.45 0.31 -27.79
C12 3SG H . -23.47 -0.40 -28.45
C15 3SG H . -26.46 1.85 -28.32
C17 3SG H . -24.01 2.15 -27.40
C18 3SG H . -22.74 1.57 -27.28
C19 3SG H . -24.15 3.51 -26.78
C21 3SG H . -23.34 5.73 -26.33
C23 3SG H . -25.41 5.03 -25.32
C24 3SG H . -25.24 3.79 -25.95
O26 3SG H . -26.80 6.46 -24.14
C30 3SG H . -30.98 4.68 -22.86
C31 3SG H . -30.73 5.11 -21.55
C32 3SG H . -29.43 5.27 -21.11
C33 3SG H . -28.38 5.00 -21.96
C35 3SG H . -32.37 4.50 -23.35
C38 3SG H . -32.99 6.62 -24.31
F1 3SG H . -19.13 -0.75 -31.08
N4 3SG H . -16.88 -2.74 -29.17
N8 3SG H . -20.56 -0.90 -28.75
C9 3SG H . -21.09 -0.26 -27.67
O10 3SG H . -20.47 -0.10 -26.63
C13 3SG H . -24.73 0.16 -28.58
C14 3SG H . -25.03 1.41 -28.06
N16 3SG H . -27.41 1.00 -27.59
C20 3SG H . -23.20 4.50 -26.94
C22 3SG H . -24.43 6.01 -25.52
C25 3SG H . -26.60 5.31 -24.47
N27 3SG H . -27.45 4.33 -24.05
C28 3SG H . -28.58 4.58 -23.25
C29 3SG H . -29.90 4.41 -23.71
F34 3SG H . -27.09 5.12 -21.63
O36 3SG H . -32.71 3.40 -23.80
O37 3SG H . -33.24 5.53 -23.31
#